data_6XJA
#
_entry.id   6XJA
#
_cell.length_a   1.00
_cell.length_b   1.00
_cell.length_c   1.00
_cell.angle_alpha   90.00
_cell.angle_beta   90.00
_cell.angle_gamma   90.00
#
_symmetry.space_group_name_H-M   'P 1'
#
loop_
_entity.id
_entity.type
_entity.pdbx_description
1 polymer 'Immunoglobulin A1 protease'
2 polymer 'Immunoglobulin heavy constant alpha 1'
3 polymer 'Immunoglobulin alpha-1 light chain'
4 polymer 'Immunoglobulin alpha-1 heavy chain'
#
loop_
_entity_poly.entity_id
_entity_poly.type
_entity_poly.pdbx_seq_one_letter_code
_entity_poly.pdbx_strand_id
1 'polypeptide(L)'
;GNTTSENGQTEPEKKLELRNVSDIELYSQTNGTYRQHVSLDGIPENTDTYFVKVKSSAFKDVYIPVASITEEKRNGQSVY
KITAKAEKLQQELENKYVDNFTFYLDKKAKEENTNFTSFSNLVKAINQNPSGTYHLAASLNANEVELGPDERSYIKDTFT
GRLIGEKDGKNYAIYNLKKPLFENLSGATVEKLSLKNVAISGKNDIGSLANEATNGTKIKQVHVDGVLAGERGVGGLLAK
ADQSSIAESSFKGRIVNTYETTDAYNIGGLVGHLTGKNASIAKSKATVTISSNTNRSDQTVGGLAGLVDQDAHIQNSYAE
GDINNVKHFGKVAGVAGYLWDRTSGEEKHAGELTNVLSDVNVTNGNAITGYHYTGMKVANTFSSKANRVFNVTLEKDEVV
SKESFEERGTMLDASQIVSKKAEINPLTLPTVEPLSTSGKKDSDFSKIAHYQANRALVYKNIEKLLPFYNKSTIVKYGNL
VKENSLLYQKELLSAVMMKDDQVITDIVSNKQTANKLLLHYNDHSSEKFDLKYQTDFANLAEYNLGNTGLLYTPNQFLYD
RDSIVKEVLPELQKLDYQSDAIRKTLGISPEVKLTELYLEDQFSKTKQNLGDSLKKLLSADAGLASDNSVTRGYLVDKIK
NNKEALLLGLTYLERWYNFNYGQVNVKDLVMYHPDFFGKGNTSPLDTLIELGKSGFNNLLAKNNVDTYGISLASQHGATD
LFSTLEHYRKVFLPNTSNNDWFKSETKAYIVEEKSTIEEVKTKQGLAGTKYSIGVYDRITSATWKYRNMVLPLLTLPERS
VFVISTMSSLGFGAYDRYRSSDHKAGKALNDFVEENARETAKRQRDHYDYWYRILDEQSREKLYRTILLYDAYKFGDDTT
SGKATAEAKFDSSNPAMKNFFGPVGNKVVHNQHGAYATGDGVYYMSYRMLDKDGAITYTHAMTHDSDQDIYLGGYGRRNG
LGPEFFAKGLLQAPDQPSDATITINSILKHSKSDSTEGSRLQVLDPTERFQNAADLQNYVHNMFDLIYMMEYLEGQSIVN
KLSVYQKMAALRKIENKYVKDPADGNEVYATNVVKELTEAEARNLNSFESLIDHNILSAREYQSGDYERNGYYTIKLFAP
IYSALSSEKGTPGDLMGRRIAYELLAAKGFKDGMVPYISNQYEEDAKQQGQTINLYGKERGLVTDELVLKKVFDGKYKTW
AEFKTAMYQERVDQFGNLKQVTFKDPTKPWPSYGTKTINNVDELQALMDQAVLKDAEGPRWSNYDPEIDSAVHKLKRAIF
KAYLDQTNDFRSSIFENKK
;
P
2 'polypeptide(L)'
;CCHPRLSLHRPALEDLLLGSEANLTCTLTGLRDASGVTFTWTPSSGKSAVQGPPERDLCGCYSVSSVLPGCAEPWNHGKT
FTCTAAYPESKTPLTATLSKSGNTFRPEVHLLPPPSEELALNELVTLTCLARGFSPKDVLVRWLQGSQELPREKYLTWAS
RQEPSQGTTTFAVTSILRVAAEDWKKGDTFSCMVGHEALPLAFTQKTIDR
;
A,B
3 'polypeptide(L)'
;AAAMAQSPASLSASAGAAAAIACRSSQAAAAAAAAAALAWYAAKPGAAPAALIYAASAAASAVPARFSGSGAGTDFAAAI
AAVEAEDAAAYYCAQAAAAAATFGAGTRAEAKRTVAAPSVFIFPPSDEQLKSGTASVVCLLNNFYPREAKVQWKVDNALQ
SGNSQESVTEQDSKDSTYSLSSTLTLSKADYEKHKVYACEVTHQGLSSPVTKSFNRGEC
;
L
4 'polypeptide(L)'
;AVALAASGAAAAAPGASLKLSCAASGATAAAAAAAWVRAAAGKALEWVAAIAAAAAAAAAAAAAAAAAAAAISADASAAA
AALAAASLAAADTAAYYCAAAGAAAAAAWGQGTLVTVSSASPTSPKVFPLSLCSTQPDGNVVIACLVQGFFPQEPLSVTW
SESGQGVTARNFPPSQDASGDLYTTSSQLTLPATQCLAGKSVTCHVKHYTNPSQDVTVPCPAVPTPPTPSPS
;
H
#
# COMPACT_ATOMS: atom_id res chain seq x y z
N GLY A 1 62.58 -73.39 14.52
CA GLY A 1 61.52 -73.44 15.52
C GLY A 1 61.43 -72.20 16.39
N ASN A 2 61.63 -71.04 15.78
CA ASN A 2 61.55 -69.76 16.48
C ASN A 2 61.45 -68.63 15.47
N THR A 3 60.94 -67.49 15.94
CA THR A 3 60.91 -66.26 15.16
C THR A 3 61.29 -65.09 16.08
N THR A 4 62.59 -64.81 16.15
CA THR A 4 63.14 -63.83 17.07
C THR A 4 63.89 -62.77 16.28
N SER A 5 63.38 -61.54 16.33
CA SER A 5 64.00 -60.40 15.67
C SER A 5 63.74 -59.15 16.50
N GLU A 6 63.91 -57.98 15.88
CA GLU A 6 63.70 -56.72 16.58
C GLU A 6 62.86 -55.79 15.72
N ASN A 7 62.52 -54.64 16.28
CA ASN A 7 61.74 -53.62 15.60
C ASN A 7 62.12 -52.27 16.19
N GLY A 8 61.31 -51.25 15.90
CA GLY A 8 61.53 -49.93 16.45
C GLY A 8 60.43 -48.93 16.12
N GLN A 9 59.92 -48.24 17.12
CA GLN A 9 58.86 -47.27 16.97
C GLN A 9 59.42 -45.89 17.27
N THR A 10 61.43 -45.52 19.30
CA THR A 10 61.45 -45.50 17.84
C THR A 10 60.58 -44.39 17.29
N GLU A 11 60.90 -43.15 17.64
CA GLU A 11 60.13 -42.01 17.17
C GLU A 11 60.32 -41.82 15.67
N PRO A 12 59.27 -41.83 14.87
CA PRO A 12 59.43 -41.73 13.42
C PRO A 12 59.70 -40.30 12.99
N GLU A 13 60.11 -40.17 11.72
CA GLU A 13 60.38 -38.87 11.14
C GLU A 13 59.08 -38.20 10.71
N LYS A 14 59.16 -36.89 10.49
CA LYS A 14 58.01 -36.08 10.10
C LYS A 14 58.17 -35.64 8.66
N LYS A 15 57.17 -35.97 7.83
CA LYS A 15 57.16 -35.59 6.43
C LYS A 15 55.76 -35.12 6.07
N LEU A 16 55.58 -34.72 4.80
CA LEU A 16 54.28 -34.35 4.28
C LEU A 16 53.62 -35.57 3.67
N GLU A 17 52.34 -35.76 3.98
CA GLU A 17 51.61 -36.95 3.55
C GLU A 17 50.19 -36.57 3.16
N LEU A 18 49.72 -37.15 2.05
CA LEU A 18 48.35 -36.97 1.60
C LEU A 18 47.55 -38.20 2.01
N ARG A 19 46.60 -37.99 2.94
CA ARG A 19 45.86 -39.15 3.50
C ARG A 19 44.58 -39.39 2.72
N ASN A 20 43.58 -38.52 2.85
CA ASN A 20 42.28 -38.80 2.20
C ASN A 20 42.28 -38.36 0.74
N VAL A 21 43.00 -39.06 -0.14
CA VAL A 21 43.11 -38.63 -1.57
C VAL A 21 41.91 -39.22 -2.32
N SER A 22 40.80 -38.49 -2.36
CA SER A 22 39.56 -39.00 -3.03
C SER A 22 39.76 -39.14 -4.53
N ASP A 23 40.39 -38.17 -5.19
CA ASP A 23 40.51 -38.23 -6.67
C ASP A 23 41.79 -37.53 -7.12
N ILE A 24 42.29 -37.85 -8.31
CA ILE A 24 43.58 -37.27 -8.80
C ILE A 24 43.42 -36.83 -10.26
N GLU A 25 43.54 -35.54 -10.54
CA GLU A 25 43.37 -35.00 -11.88
C GLU A 25 44.71 -34.54 -12.43
N LEU A 26 44.82 -34.54 -13.75
CA LEU A 26 46.05 -34.13 -14.43
C LEU A 26 45.73 -32.99 -15.38
N TYR A 27 46.51 -31.92 -15.29
CA TYR A 27 46.35 -30.75 -16.13
C TYR A 27 47.65 -30.48 -16.88
N SER A 28 47.56 -29.64 -17.91
CA SER A 28 48.70 -29.33 -18.77
C SER A 28 48.74 -27.85 -19.06
N GLN A 29 49.83 -27.41 -19.67
CA GLN A 29 50.06 -26.03 -20.08
C GLN A 29 50.67 -25.98 -21.46
N THR A 30 50.14 -26.78 -22.39
CA THR A 30 50.74 -26.90 -23.72
C THR A 30 50.47 -25.67 -24.56
N ASN A 31 49.20 -25.35 -24.80
CA ASN A 31 48.81 -24.23 -25.65
C ASN A 31 48.59 -22.94 -24.87
N GLY A 32 49.27 -22.77 -23.75
CA GLY A 32 49.10 -21.61 -22.91
C GLY A 32 47.80 -21.56 -22.13
N THR A 33 46.91 -22.53 -22.34
CA THR A 33 45.65 -22.61 -21.62
C THR A 33 45.55 -23.99 -20.97
N TYR A 34 45.16 -24.01 -19.69
CA TYR A 34 45.12 -25.23 -18.93
C TYR A 34 43.85 -26.02 -19.24
N ARG A 35 44.00 -27.34 -19.38
CA ARG A 35 42.88 -28.22 -19.68
C ARG A 35 43.05 -29.52 -18.92
N GLN A 36 41.99 -30.33 -18.92
CA GLN A 36 41.95 -31.56 -18.15
C GLN A 36 42.33 -32.73 -19.04
N HIS A 37 43.52 -33.29 -18.81
CA HIS A 37 43.95 -34.52 -19.48
C HIS A 37 43.48 -35.72 -18.66
N VAL A 38 42.16 -35.94 -18.71
CA VAL A 38 41.55 -36.98 -17.89
C VAL A 38 41.98 -38.37 -18.34
N SER A 39 42.16 -38.56 -19.64
CA SER A 39 42.52 -39.87 -20.18
C SER A 39 43.20 -39.69 -21.53
N LEU A 40 43.64 -40.81 -22.10
CA LEU A 40 44.29 -40.85 -23.41
C LEU A 40 45.52 -39.94 -23.45
N ASP A 41 46.49 -40.24 -22.60
CA ASP A 41 47.76 -39.54 -22.63
C ASP A 41 48.64 -40.02 -23.78
N GLY A 42 48.42 -41.23 -24.27
CA GLY A 42 49.22 -41.76 -25.36
C GLY A 42 50.66 -42.02 -24.93
N ILE A 43 51.58 -41.76 -25.85
CA ILE A 43 53.00 -41.89 -25.52
C ILE A 43 53.35 -40.85 -24.46
N PRO A 44 54.13 -41.20 -23.43
CA PRO A 44 54.51 -40.21 -22.43
C PRO A 44 55.15 -38.98 -23.06
N GLU A 45 54.81 -37.82 -22.52
CA GLU A 45 55.23 -36.55 -23.11
C GLU A 45 56.73 -36.33 -22.91
N ASN A 46 57.30 -35.50 -23.78
CA ASN A 46 58.73 -35.23 -23.73
C ASN A 46 59.06 -34.20 -22.66
N THR A 47 58.27 -33.13 -22.57
CA THR A 47 58.47 -32.08 -21.59
C THR A 47 57.46 -32.22 -20.46
N ASP A 48 57.93 -32.01 -19.23
CA ASP A 48 57.12 -32.20 -18.03
C ASP A 48 56.69 -30.83 -17.51
N THR A 49 55.65 -30.26 -18.12
CA THR A 49 55.02 -29.05 -17.63
C THR A 49 53.67 -29.32 -16.97
N TYR A 50 53.27 -30.58 -16.86
CA TYR A 50 52.02 -30.94 -16.24
C TYR A 50 52.10 -30.69 -14.73
N PHE A 51 50.92 -30.62 -14.11
CA PHE A 51 50.84 -30.53 -12.65
C PHE A 51 49.63 -31.29 -12.16
N VAL A 52 49.83 -32.14 -11.17
CA VAL A 52 48.80 -33.01 -10.62
C VAL A 52 48.00 -32.24 -9.59
N LYS A 53 46.67 -32.32 -9.68
CA LYS A 53 45.76 -31.70 -8.73
C LYS A 53 45.03 -32.81 -7.98
N VAL A 54 45.36 -32.98 -6.71
CA VAL A 54 44.75 -34.02 -5.88
C VAL A 54 43.65 -33.37 -5.05
N LYS A 55 42.41 -33.80 -5.27
CA LYS A 55 41.27 -33.31 -4.51
C LYS A 55 40.94 -34.30 -3.41
N SER A 56 40.83 -33.81 -2.18
CA SER A 56 40.62 -34.63 -1.00
C SER A 56 39.24 -34.37 -0.43
N SER A 57 38.66 -35.39 0.20
CA SER A 57 37.38 -35.23 0.86
C SER A 57 37.53 -34.62 2.25
N ALA A 58 38.71 -34.74 2.86
CA ALA A 58 38.93 -34.19 4.18
C ALA A 58 39.25 -32.70 4.12
N PHE A 59 40.33 -32.34 3.45
CA PHE A 59 40.76 -30.95 3.29
C PHE A 59 40.72 -30.56 1.82
N LYS A 60 41.22 -29.35 1.54
CA LYS A 60 41.16 -28.80 0.20
C LYS A 60 42.15 -29.52 -0.73
N ASP A 61 42.08 -29.16 -2.00
CA ASP A 61 42.93 -29.76 -3.02
C ASP A 61 44.37 -29.27 -2.90
N VAL A 62 45.28 -30.00 -3.55
CA VAL A 62 46.70 -29.67 -3.55
C VAL A 62 47.23 -29.80 -4.97
N TYR A 63 48.00 -28.80 -5.40
CA TYR A 63 48.61 -28.79 -6.72
C TYR A 63 50.10 -29.05 -6.56
N ILE A 64 50.59 -30.10 -7.22
CA ILE A 64 52.01 -30.47 -7.12
C ILE A 64 52.57 -30.74 -8.52
N PRO A 65 53.79 -30.29 -8.83
CA PRO A 65 54.31 -30.47 -10.19
C PRO A 65 54.75 -31.90 -10.44
N VAL A 66 54.59 -32.33 -11.69
CA VAL A 66 54.93 -33.70 -12.05
C VAL A 66 56.45 -33.86 -12.13
N ALA A 67 56.89 -35.11 -11.97
CA ALA A 67 58.31 -35.44 -12.05
C ALA A 67 58.61 -36.44 -13.16
N SER A 68 57.86 -37.53 -13.25
CA SER A 68 58.18 -38.58 -14.21
C SER A 68 56.89 -39.24 -14.67
N ILE A 69 56.67 -39.27 -15.99
CA ILE A 69 55.53 -39.94 -16.59
C ILE A 69 56.07 -41.10 -17.41
N THR A 70 55.71 -42.32 -17.03
CA THR A 70 56.17 -43.51 -17.73
C THR A 70 55.01 -44.47 -17.94
N GLU A 71 55.28 -45.55 -18.66
CA GLU A 71 54.29 -46.58 -18.94
C GLU A 71 54.69 -47.87 -18.25
N GLU A 72 53.77 -48.44 -17.47
CA GLU A 72 54.01 -49.70 -16.79
C GLU A 72 52.80 -50.60 -16.94
N LYS A 73 53.03 -51.84 -17.34
CA LYS A 73 51.94 -52.80 -17.55
C LYS A 73 51.38 -53.22 -16.20
N ARG A 74 50.21 -52.70 -15.84
CA ARG A 74 49.56 -53.13 -14.61
C ARG A 74 49.08 -54.57 -14.73
N ASN A 75 48.44 -54.91 -15.85
CA ASN A 75 48.03 -56.27 -16.13
C ASN A 75 48.21 -56.54 -17.62
N GLY A 76 49.32 -56.06 -18.18
CA GLY A 76 49.56 -56.19 -19.61
C GLY A 76 48.82 -55.16 -20.44
N GLN A 77 48.66 -53.95 -19.91
CA GLN A 77 47.93 -52.89 -20.61
C GLN A 77 48.70 -51.58 -20.50
N SER A 78 48.29 -50.62 -21.32
CA SER A 78 48.95 -49.30 -21.36
C SER A 78 48.46 -48.47 -20.18
N VAL A 79 49.13 -48.66 -19.05
CA VAL A 79 48.81 -47.96 -17.81
C VAL A 79 49.93 -46.95 -17.55
N TYR A 80 49.57 -45.66 -17.57
CA TYR A 80 50.56 -44.62 -17.34
C TYR A 80 50.76 -44.40 -15.86
N LYS A 81 51.97 -44.67 -15.38
CA LYS A 81 52.36 -44.41 -14.00
C LYS A 81 53.06 -43.06 -13.95
N ILE A 82 52.54 -42.15 -13.13
CA ILE A 82 53.04 -40.79 -13.04
C ILE A 82 53.43 -40.51 -11.60
N THR A 83 54.63 -39.96 -11.42
CA THR A 83 55.13 -39.62 -10.07
C THR A 83 55.04 -38.12 -9.89
N ALA A 84 55.05 -37.66 -8.63
CA ALA A 84 54.92 -36.23 -8.34
C ALA A 84 56.08 -35.79 -7.45
N LYS A 85 56.66 -34.62 -7.73
CA LYS A 85 57.84 -34.16 -6.95
C LYS A 85 57.40 -33.08 -5.97
N ALA A 86 57.59 -33.33 -4.68
CA ALA A 86 57.24 -32.33 -3.64
C ALA A 86 58.42 -32.33 -2.68
N GLU A 87 58.52 -31.33 -1.81
CA GLU A 87 59.76 -31.25 -0.97
C GLU A 87 59.90 -32.54 -0.14
N LYS A 88 58.84 -32.99 0.52
CA LYS A 88 58.92 -34.27 1.28
C LYS A 88 57.58 -34.98 1.23
N LEU A 89 57.13 -35.46 0.07
CA LEU A 89 55.79 -36.08 0.03
C LEU A 89 55.95 -37.60 0.15
N GLN A 90 55.36 -38.20 1.19
CA GLN A 90 55.46 -39.65 1.39
C GLN A 90 54.09 -40.26 1.16
N GLN A 91 53.99 -41.25 0.27
CA GLN A 91 52.67 -41.83 -0.06
C GLN A 91 52.61 -43.26 0.48
N GLU A 92 51.69 -43.51 1.41
CA GLU A 92 51.54 -44.86 1.97
C GLU A 92 50.88 -45.74 0.91
N LEU A 93 51.70 -46.26 0.00
CA LEU A 93 51.24 -47.08 -1.11
C LEU A 93 51.51 -48.55 -0.79
N GLU A 94 50.45 -49.35 -0.76
CA GLU A 94 50.55 -50.79 -0.52
C GLU A 94 51.24 -51.08 0.81
N ASN A 95 50.74 -50.45 1.88
CA ASN A 95 51.18 -50.65 3.25
C ASN A 95 52.65 -50.29 3.46
N LYS A 96 53.29 -49.66 2.49
CA LYS A 96 54.67 -49.21 2.62
C LYS A 96 54.76 -47.76 2.14
N TYR A 97 55.79 -47.06 2.62
CA TYR A 97 55.94 -45.64 2.36
C TYR A 97 56.97 -45.41 1.26
N VAL A 98 56.57 -44.64 0.25
CA VAL A 98 57.45 -44.26 -0.85
C VAL A 98 57.69 -42.76 -0.78
N ASP A 99 58.91 -42.35 -1.10
CA ASP A 99 59.33 -40.97 -0.96
C ASP A 99 58.76 -40.04 -2.04
N ASN A 100 57.87 -40.54 -2.90
CA ASN A 100 57.25 -39.70 -3.91
C ASN A 100 55.83 -40.17 -4.15
N PHE A 101 54.96 -39.21 -4.50
CA PHE A 101 53.56 -39.51 -4.76
C PHE A 101 53.41 -40.05 -6.17
N THR A 102 53.18 -41.35 -6.28
CA THR A 102 53.08 -42.04 -7.57
C THR A 102 51.69 -42.65 -7.71
N PHE A 103 51.05 -42.42 -8.84
CA PHE A 103 49.74 -42.99 -9.08
C PHE A 103 49.58 -43.37 -10.55
N TYR A 104 48.66 -44.29 -10.80
CA TYR A 104 48.39 -44.82 -12.13
C TYR A 104 47.14 -44.17 -12.71
N LEU A 105 47.15 -44.00 -14.04
CA LEU A 105 45.99 -43.46 -14.80
C LEU A 105 45.22 -44.65 -15.41
N ASP A 106 44.33 -44.40 -16.38
CA ASP A 106 43.57 -45.51 -16.99
C ASP A 106 43.31 -45.25 -18.48
N LYS A 107 43.14 -46.35 -19.25
CA LYS A 107 42.82 -46.38 -20.71
C LYS A 107 44.01 -45.95 -21.59
N LYS A 108 43.76 -45.82 -22.90
CA LYS A 108 44.75 -45.43 -23.94
C LYS A 108 44.03 -45.36 -25.29
N ALA A 109 43.70 -46.53 -25.84
CA ALA A 109 43.01 -46.67 -27.15
C ALA A 109 41.57 -46.14 -27.05
N LYS A 110 41.04 -45.63 -28.17
CA LYS A 110 39.66 -45.09 -28.24
C LYS A 110 38.78 -46.11 -28.98
N GLU A 111 37.62 -46.44 -28.42
CA GLU A 111 36.72 -47.43 -29.07
C GLU A 111 35.82 -46.71 -30.08
N GLU A 112 36.23 -46.72 -31.36
CA GLU A 112 35.46 -46.09 -32.47
C GLU A 112 34.12 -46.81 -32.63
N ASN A 113 34.16 -48.14 -32.52
CA ASN A 113 32.94 -48.99 -32.67
C ASN A 113 31.87 -48.52 -31.69
N THR A 114 32.20 -48.44 -30.40
CA THR A 114 31.22 -48.02 -29.37
C THR A 114 31.94 -47.52 -28.11
N ASN A 115 31.99 -46.19 -27.91
CA ASN A 115 32.61 -45.60 -26.70
C ASN A 115 32.02 -46.17 -25.40
N PHE A 116 32.62 -47.28 -24.94
CA PHE A 116 32.25 -48.02 -23.70
C PHE A 116 33.30 -47.74 -22.65
N THR A 117 34.35 -46.98 -22.99
CA THR A 117 35.46 -46.79 -22.03
C THR A 117 35.70 -45.32 -21.66
N SER A 118 35.49 -44.37 -22.57
CA SER A 118 35.75 -42.99 -22.07
C SER A 118 34.84 -41.93 -22.71
N PHE A 119 34.67 -40.80 -22.02
CA PHE A 119 33.75 -39.75 -22.53
C PHE A 119 34.29 -39.12 -23.82
N SER A 120 35.60 -38.84 -23.88
CA SER A 120 36.15 -38.14 -25.07
C SER A 120 35.80 -38.95 -26.31
N ASN A 121 35.69 -40.27 -26.16
CA ASN A 121 35.32 -41.16 -27.25
C ASN A 121 33.81 -41.37 -27.34
N LEU A 122 33.10 -41.26 -26.23
CA LEU A 122 31.65 -41.45 -26.26
C LEU A 122 30.96 -40.35 -27.05
N VAL A 123 31.35 -39.09 -26.82
CA VAL A 123 30.73 -37.98 -27.55
C VAL A 123 31.03 -38.08 -29.04
N LYS A 124 32.18 -38.66 -29.40
CA LYS A 124 32.49 -38.83 -30.82
C LYS A 124 31.73 -40.00 -31.41
N ALA A 125 31.54 -41.08 -30.64
CA ALA A 125 30.87 -42.26 -31.17
C ALA A 125 29.37 -42.04 -31.33
N ILE A 126 28.75 -41.30 -30.41
CA ILE A 126 27.31 -41.10 -30.51
C ILE A 126 26.96 -40.22 -31.70
N ASN A 127 27.77 -39.20 -31.97
CA ASN A 127 27.47 -38.26 -33.05
C ASN A 127 27.50 -38.92 -34.42
N GLN A 128 28.15 -40.08 -34.55
CA GLN A 128 28.19 -40.76 -35.85
C GLN A 128 26.82 -41.31 -36.21
N ASN A 129 26.28 -42.18 -35.37
CA ASN A 129 24.95 -42.76 -35.58
C ASN A 129 24.22 -42.83 -34.24
N PRO A 130 23.32 -41.87 -33.97
CA PRO A 130 22.66 -41.85 -32.65
C PRO A 130 21.81 -43.09 -32.38
N SER A 131 21.15 -43.63 -33.40
CA SER A 131 20.36 -44.83 -33.22
C SER A 131 21.28 -46.04 -33.01
N GLY A 132 20.79 -47.00 -32.24
CA GLY A 132 21.52 -48.21 -31.95
C GLY A 132 21.45 -48.54 -30.47
N THR A 133 22.46 -49.27 -30.01
CA THR A 133 22.56 -49.68 -28.61
C THR A 133 23.97 -49.42 -28.10
N TYR A 134 24.08 -48.89 -26.89
CA TYR A 134 25.36 -48.51 -26.32
C TYR A 134 25.43 -48.96 -24.87
N HIS A 135 26.63 -49.26 -24.41
CA HIS A 135 26.88 -49.67 -23.03
C HIS A 135 28.13 -48.99 -22.51
N LEU A 136 28.19 -48.77 -21.20
CA LEU A 136 29.37 -48.21 -20.58
C LEU A 136 30.28 -49.32 -20.07
N ALA A 137 31.59 -49.10 -20.16
CA ALA A 137 32.56 -50.15 -19.72
C ALA A 137 32.95 -49.86 -18.27
N ALA A 138 32.97 -48.59 -17.88
CA ALA A 138 33.38 -48.20 -16.51
C ALA A 138 32.82 -46.81 -16.23
N SER A 139 32.92 -46.34 -14.98
CA SER A 139 32.48 -44.94 -14.72
C SER A 139 33.33 -44.03 -15.61
N LEU A 140 32.70 -43.07 -16.28
CA LEU A 140 33.47 -42.22 -17.22
C LEU A 140 33.41 -40.75 -16.79
N ASN A 141 34.56 -40.10 -16.70
CA ASN A 141 34.61 -38.67 -16.26
C ASN A 141 34.35 -37.79 -17.47
N ALA A 142 33.46 -36.80 -17.33
CA ALA A 142 33.11 -35.91 -18.45
C ALA A 142 34.02 -34.67 -18.41
N ASN A 143 34.97 -34.64 -17.49
CA ASN A 143 35.95 -33.52 -17.47
C ASN A 143 36.72 -33.54 -18.79
N GLU A 144 36.99 -34.74 -19.31
CA GLU A 144 37.71 -34.90 -20.60
C GLU A 144 37.15 -33.95 -21.66
N VAL A 145 35.84 -34.03 -21.93
CA VAL A 145 35.24 -33.19 -23.01
C VAL A 145 35.47 -31.72 -22.65
N GLU A 146 35.72 -30.88 -23.65
CA GLU A 146 35.94 -29.43 -23.42
C GLU A 146 34.60 -28.76 -23.64
N LEU A 147 34.10 -28.04 -22.63
CA LEU A 147 32.75 -27.45 -22.77
C LEU A 147 32.77 -26.51 -23.97
N GLY A 148 31.75 -26.58 -24.82
CA GLY A 148 31.68 -25.63 -25.93
C GLY A 148 31.50 -24.23 -25.37
N PRO A 149 32.02 -23.16 -26.02
CA PRO A 149 31.94 -21.83 -25.44
C PRO A 149 30.47 -21.50 -25.20
N ASP A 150 29.59 -21.86 -26.13
CA ASP A 150 28.14 -21.64 -25.94
C ASP A 150 27.38 -22.92 -26.32
N GLU A 151 28.07 -24.07 -26.34
CA GLU A 151 27.41 -25.29 -26.78
C GLU A 151 26.28 -25.65 -25.83
N ARG A 152 25.14 -26.08 -26.39
CA ARG A 152 23.99 -26.43 -25.57
C ARG A 152 24.23 -27.72 -24.79
N SER A 153 24.63 -28.78 -25.49
CA SER A 153 24.85 -30.07 -24.86
C SER A 153 26.00 -30.77 -25.54
N TYR A 154 26.53 -31.80 -24.87
CA TYR A 154 27.63 -32.56 -25.42
C TYR A 154 27.22 -33.30 -26.69
N ILE A 155 26.08 -34.00 -26.61
CA ILE A 155 25.55 -34.78 -27.77
C ILE A 155 24.45 -33.94 -28.41
N LYS A 156 24.68 -33.42 -29.61
CA LYS A 156 23.70 -32.48 -30.23
C LYS A 156 22.60 -33.23 -30.98
N ASP A 157 22.73 -34.56 -31.12
CA ASP A 157 21.75 -35.33 -31.93
C ASP A 157 20.36 -35.30 -31.27
N THR A 158 19.30 -35.21 -32.08
CA THR A 158 17.92 -35.10 -31.56
C THR A 158 17.49 -36.35 -30.77
N PHE A 159 17.80 -37.56 -31.25
CA PHE A 159 17.48 -38.79 -30.48
C PHE A 159 18.79 -39.47 -30.13
N THR A 160 18.99 -39.81 -28.86
CA THR A 160 20.33 -40.33 -28.49
C THR A 160 20.15 -41.49 -27.53
N GLY A 161 21.19 -42.30 -27.41
CA GLY A 161 21.10 -43.39 -26.43
C GLY A 161 19.81 -44.14 -26.66
N ARG A 162 19.54 -44.53 -27.91
CA ARG A 162 18.23 -45.16 -28.19
C ARG A 162 18.15 -46.33 -27.23
N LEU A 163 19.26 -47.04 -27.03
CA LEU A 163 19.27 -48.06 -25.97
C LEU A 163 20.58 -47.91 -25.18
N ILE A 164 20.75 -46.83 -24.42
CA ILE A 164 21.99 -46.73 -23.58
C ILE A 164 21.71 -47.36 -22.22
N GLY A 165 22.30 -48.53 -21.96
CA GLY A 165 22.11 -49.22 -20.68
C GLY A 165 23.44 -49.52 -20.05
N GLU A 166 23.54 -49.44 -18.72
CA GLU A 166 24.85 -49.64 -18.03
C GLU A 166 24.82 -51.04 -17.42
N LYS A 167 23.86 -51.87 -17.83
CA LYS A 167 23.70 -53.21 -17.23
C LYS A 167 25.03 -53.98 -17.22
N ASP A 168 26.02 -53.61 -18.05
CA ASP A 168 27.25 -54.44 -18.04
C ASP A 168 27.83 -54.42 -16.63
N GLY A 169 28.03 -55.59 -16.03
CA GLY A 169 28.63 -55.69 -14.70
C GLY A 169 27.91 -54.82 -13.67
N LYS A 170 28.67 -54.01 -12.92
CA LYS A 170 28.10 -53.10 -11.90
C LYS A 170 27.54 -51.85 -12.59
N ASN A 171 26.68 -51.11 -11.90
CA ASN A 171 26.14 -49.85 -12.47
C ASN A 171 27.28 -48.85 -12.65
N TYR A 172 27.29 -48.11 -13.77
CA TYR A 172 28.38 -47.14 -14.05
C TYR A 172 27.81 -45.72 -14.10
N ALA A 173 28.58 -44.71 -13.67
CA ALA A 173 28.07 -43.36 -13.56
C ALA A 173 28.94 -42.39 -14.33
N ILE A 174 28.31 -41.36 -14.91
CA ILE A 174 29.06 -40.32 -15.69
C ILE A 174 29.30 -39.13 -14.76
N TYR A 175 30.46 -39.10 -14.11
CA TYR A 175 30.76 -38.05 -13.11
C TYR A 175 31.08 -36.70 -13.76
N ASN A 176 30.91 -35.60 -13.02
CA ASN A 176 31.31 -34.24 -13.49
C ASN A 176 30.63 -33.76 -14.78
N LEU A 177 29.33 -34.01 -14.97
CA LEU A 177 28.63 -33.40 -16.14
C LEU A 177 28.55 -31.89 -15.86
N LYS A 178 28.81 -31.05 -16.85
CA LYS A 178 28.66 -29.57 -16.64
C LYS A 178 27.60 -28.98 -17.58
N LYS A 179 26.97 -29.80 -18.43
CA LYS A 179 25.90 -29.30 -19.33
C LYS A 179 24.92 -30.45 -19.58
N PRO A 180 23.66 -30.27 -20.06
CA PRO A 180 22.79 -31.42 -20.29
C PRO A 180 23.53 -32.51 -21.08
N LEU A 181 23.34 -33.78 -20.71
CA LEU A 181 23.99 -34.89 -21.47
C LEU A 181 23.42 -34.94 -22.88
N PHE A 182 22.10 -34.83 -23.04
CA PHE A 182 21.48 -34.94 -24.39
C PHE A 182 20.64 -33.70 -24.68
N GLU A 183 20.79 -33.12 -25.87
CA GLU A 183 20.01 -31.90 -26.23
C GLU A 183 18.52 -32.23 -26.28
N ASN A 184 18.15 -33.39 -26.85
CA ASN A 184 16.73 -33.78 -26.99
C ASN A 184 16.63 -35.31 -26.98
N LEU A 185 15.43 -35.87 -26.87
CA LEU A 185 15.26 -37.35 -26.96
C LEU A 185 13.97 -37.62 -27.74
N SER A 186 13.86 -38.78 -28.41
CA SER A 186 12.67 -39.15 -29.18
C SER A 186 12.66 -40.66 -29.32
N GLY A 187 11.79 -41.33 -28.56
CA GLY A 187 11.70 -42.77 -28.62
C GLY A 187 12.98 -43.49 -28.22
N ALA A 188 13.79 -42.87 -27.36
CA ALA A 188 15.05 -43.43 -26.92
C ALA A 188 14.94 -43.79 -25.45
N THR A 189 15.33 -45.02 -25.11
CA THR A 189 15.20 -45.55 -23.77
C THR A 189 16.58 -45.62 -23.12
N VAL A 190 16.85 -44.69 -22.21
CA VAL A 190 18.06 -44.72 -21.40
C VAL A 190 17.71 -45.33 -20.05
N GLU A 191 18.48 -46.35 -19.64
CA GLU A 191 18.15 -47.10 -18.44
C GLU A 191 19.42 -47.44 -17.69
N LYS A 192 19.30 -47.53 -16.36
CA LYS A 192 20.39 -47.93 -15.47
C LYS A 192 21.58 -46.98 -15.56
N LEU A 193 21.32 -45.73 -15.92
CA LEU A 193 22.36 -44.71 -16.00
C LEU A 193 22.34 -43.86 -14.72
N SER A 194 23.53 -43.47 -14.27
CA SER A 194 23.67 -42.70 -13.04
C SER A 194 24.56 -41.49 -13.29
N LEU A 195 24.21 -40.38 -12.64
CA LEU A 195 25.01 -39.15 -12.68
C LEU A 195 25.29 -38.73 -11.25
N LYS A 196 26.56 -38.59 -10.91
CA LYS A 196 26.96 -38.41 -9.52
C LYS A 196 27.21 -36.97 -9.12
N ASN A 197 27.99 -36.22 -9.91
CA ASN A 197 28.33 -34.83 -9.57
C ASN A 197 27.93 -33.94 -10.75
N VAL A 198 26.68 -33.49 -10.73
CA VAL A 198 26.14 -32.65 -11.79
C VAL A 198 26.22 -31.18 -11.36
N ALA A 199 26.77 -30.34 -12.23
CA ALA A 199 26.85 -28.90 -11.99
C ALA A 199 26.46 -28.16 -13.26
N ILE A 200 25.22 -28.40 -13.70
CA ILE A 200 24.73 -27.83 -14.99
C ILE A 200 24.14 -26.45 -14.78
N SER A 201 24.66 -25.45 -15.50
CA SER A 201 24.08 -24.09 -15.45
C SER A 201 23.83 -23.62 -16.88
N GLY A 202 22.62 -23.12 -17.18
CA GLY A 202 22.37 -22.58 -18.53
C GLY A 202 21.32 -21.49 -18.56
N LYS A 203 21.43 -20.57 -19.52
CA LYS A 203 20.41 -19.51 -19.69
C LYS A 203 19.11 -20.16 -20.14
N ASN A 204 19.19 -21.13 -21.04
CA ASN A 204 17.97 -21.83 -21.57
C ASN A 204 17.57 -22.93 -20.59
N ASP A 205 16.48 -23.63 -20.87
CA ASP A 205 15.97 -24.67 -19.92
C ASP A 205 17.06 -25.72 -19.73
N ILE A 206 17.23 -26.22 -18.50
CA ILE A 206 18.33 -27.19 -18.24
C ILE A 206 17.77 -28.54 -17.79
N GLY A 207 18.34 -29.62 -18.30
CA GLY A 207 17.90 -30.97 -17.91
C GLY A 207 19.09 -31.89 -17.70
N SER A 208 19.26 -32.41 -16.50
CA SER A 208 20.43 -33.22 -16.17
C SER A 208 20.65 -34.31 -17.20
N LEU A 209 19.58 -35.03 -17.57
CA LEU A 209 19.69 -36.10 -18.55
C LEU A 209 19.48 -35.59 -19.97
N ALA A 210 18.41 -34.82 -20.19
CA ALA A 210 18.14 -34.23 -21.49
C ALA A 210 17.19 -33.05 -21.28
N ASN A 211 17.09 -32.20 -22.30
CA ASN A 211 16.24 -31.02 -22.22
C ASN A 211 14.81 -31.30 -22.61
N GLU A 212 14.57 -32.25 -23.52
CA GLU A 212 13.18 -32.50 -23.98
C GLU A 212 12.97 -33.93 -24.45
N ALA A 213 12.05 -34.67 -23.83
CA ALA A 213 11.71 -36.02 -24.33
C ALA A 213 10.51 -35.88 -25.26
N THR A 214 10.75 -35.81 -26.57
CA THR A 214 9.63 -35.52 -27.52
C THR A 214 8.59 -36.63 -27.61
N ASN A 215 8.98 -37.90 -27.68
CA ASN A 215 7.95 -38.95 -27.87
C ASN A 215 8.41 -40.30 -27.30
N GLY A 216 7.65 -40.90 -26.39
CA GLY A 216 7.95 -42.27 -25.92
C GLY A 216 9.37 -42.51 -25.47
N THR A 217 9.96 -41.65 -24.63
CA THR A 217 11.32 -41.99 -24.16
C THR A 217 11.23 -42.72 -22.81
N LYS A 218 11.57 -44.00 -22.78
CA LYS A 218 11.38 -44.77 -21.53
C LYS A 218 12.57 -44.60 -20.58
N ILE A 219 12.70 -43.44 -19.94
CA ILE A 219 13.79 -43.25 -18.94
C ILE A 219 13.50 -44.24 -17.80
N LYS A 220 14.52 -44.90 -17.26
CA LYS A 220 14.31 -45.92 -16.19
C LYS A 220 15.55 -46.09 -15.32
N GLN A 221 15.38 -46.32 -14.01
CA GLN A 221 16.51 -46.58 -13.12
C GLN A 221 17.61 -45.53 -13.27
N VAL A 222 17.21 -44.26 -13.36
CA VAL A 222 18.16 -43.15 -13.54
C VAL A 222 18.24 -42.40 -12.22
N HIS A 223 19.43 -42.36 -11.64
CA HIS A 223 19.69 -41.67 -10.38
C HIS A 223 20.66 -40.52 -10.68
N VAL A 224 20.21 -39.29 -10.44
CA VAL A 224 20.99 -38.09 -10.73
C VAL A 224 21.21 -37.32 -9.43
N ASP A 225 22.45 -36.95 -9.16
CA ASP A 225 22.81 -36.19 -7.98
C ASP A 225 23.67 -35.00 -8.40
N GLY A 226 23.44 -33.86 -7.79
CA GLY A 226 24.25 -32.68 -8.08
C GLY A 226 23.40 -31.42 -8.08
N VAL A 227 24.09 -30.29 -8.20
CA VAL A 227 23.46 -28.98 -8.16
C VAL A 227 23.13 -28.54 -9.57
N LEU A 228 21.89 -28.10 -9.78
CA LEU A 228 21.43 -27.59 -11.07
C LEU A 228 20.95 -26.16 -10.88
N ALA A 229 21.39 -25.27 -11.76
CA ALA A 229 21.03 -23.85 -11.71
C ALA A 229 20.64 -23.38 -13.10
N GLY A 230 19.47 -22.75 -13.20
CA GLY A 230 18.97 -22.28 -14.47
C GLY A 230 18.31 -20.93 -14.32
N GLU A 231 17.71 -20.47 -15.41
CA GLU A 231 17.05 -19.17 -15.42
C GLU A 231 15.69 -19.26 -16.10
N ARG A 232 15.67 -19.57 -17.39
CA ARG A 232 14.42 -19.66 -18.15
C ARG A 232 13.64 -20.94 -17.85
N GLY A 233 14.15 -21.80 -16.97
CA GLY A 233 13.46 -23.03 -16.63
C GLY A 233 14.43 -24.12 -16.22
N VAL A 234 14.09 -24.85 -15.16
CA VAL A 234 14.95 -25.90 -14.63
C VAL A 234 14.18 -27.21 -14.61
N GLY A 235 14.88 -28.30 -14.82
CA GLY A 235 14.29 -29.63 -14.73
C GLY A 235 15.20 -30.59 -14.02
N GLY A 236 14.63 -31.51 -13.24
CA GLY A 236 15.41 -32.51 -12.56
C GLY A 236 16.10 -33.46 -13.52
N LEU A 237 15.31 -34.22 -14.29
CA LEU A 237 15.84 -35.10 -15.31
C LEU A 237 15.59 -34.57 -16.71
N LEU A 238 14.34 -34.23 -17.02
CA LEU A 238 13.97 -33.69 -18.33
C LEU A 238 13.21 -32.39 -18.12
N ALA A 239 13.65 -31.33 -18.79
CA ALA A 239 12.98 -30.04 -18.65
C ALA A 239 11.56 -30.09 -19.20
N LYS A 240 11.30 -31.00 -20.13
CA LYS A 240 9.95 -31.16 -20.68
C LYS A 240 9.81 -32.58 -21.21
N ALA A 241 8.83 -33.30 -20.67
CA ALA A 241 8.57 -34.68 -21.07
C ALA A 241 7.23 -34.73 -21.80
N ASP A 242 7.28 -34.82 -23.12
CA ASP A 242 6.08 -34.87 -23.95
C ASP A 242 5.88 -36.30 -24.41
N GLN A 243 4.79 -36.93 -23.96
CA GLN A 243 4.45 -38.30 -24.31
C GLN A 243 5.58 -39.27 -23.93
N SER A 244 6.19 -39.04 -22.77
CA SER A 244 7.27 -39.88 -22.27
C SER A 244 7.02 -40.24 -20.82
N SER A 245 7.43 -41.44 -20.45
CA SER A 245 7.21 -41.97 -19.10
C SER A 245 8.55 -42.23 -18.43
N ILE A 246 8.67 -41.83 -17.18
CA ILE A 246 9.87 -42.05 -16.37
C ILE A 246 9.47 -42.90 -15.17
N ALA A 247 10.11 -44.05 -15.02
CA ALA A 247 9.77 -44.98 -13.95
C ALA A 247 11.03 -45.35 -13.16
N GLU A 248 10.87 -45.44 -11.84
CA GLU A 248 11.92 -45.92 -10.94
C GLU A 248 13.18 -45.07 -11.03
N SER A 249 13.00 -43.75 -11.08
CA SER A 249 14.11 -42.81 -11.14
C SER A 249 14.28 -42.12 -9.80
N SER A 250 15.41 -41.44 -9.65
CA SER A 250 15.76 -40.78 -8.40
C SER A 250 16.48 -39.46 -8.69
N PHE A 251 16.48 -38.59 -7.69
CA PHE A 251 17.18 -37.31 -7.75
C PHE A 251 17.52 -36.88 -6.34
N LYS A 252 18.71 -36.31 -6.17
CA LYS A 252 19.14 -35.86 -4.85
C LYS A 252 20.18 -34.76 -4.95
N GLY A 253 19.73 -33.53 -5.25
CA GLY A 253 20.65 -32.42 -5.38
C GLY A 253 19.93 -31.09 -5.31
N ARG A 254 20.73 -30.04 -5.15
CA ARG A 254 20.19 -28.69 -5.06
C ARG A 254 19.71 -28.21 -6.42
N ILE A 255 18.68 -27.36 -6.40
CA ILE A 255 18.15 -26.71 -7.60
C ILE A 255 17.91 -25.25 -7.27
N VAL A 256 18.63 -24.36 -7.95
CA VAL A 256 18.59 -22.94 -7.67
C VAL A 256 18.07 -22.20 -8.89
N ASN A 257 17.09 -21.32 -8.68
CA ASN A 257 16.57 -20.44 -9.72
C ASN A 257 16.22 -19.09 -9.10
N THR A 258 17.15 -18.55 -8.33
CA THR A 258 16.94 -17.28 -7.62
C THR A 258 17.15 -16.07 -8.51
N TYR A 259 17.26 -16.24 -9.82
CA TYR A 259 17.44 -15.12 -10.72
C TYR A 259 16.12 -14.36 -10.88
N GLU A 260 16.23 -13.04 -11.07
CA GLU A 260 15.06 -12.19 -11.19
C GLU A 260 14.45 -12.20 -12.59
N THR A 261 14.28 -13.38 -13.18
CA THR A 261 13.65 -13.48 -14.48
C THR A 261 12.14 -13.30 -14.36
N THR A 262 11.52 -12.84 -15.44
CA THR A 262 10.09 -12.61 -15.50
C THR A 262 9.55 -13.30 -16.77
N ASP A 263 9.38 -14.61 -16.69
CA ASP A 263 8.88 -15.39 -17.81
C ASP A 263 8.15 -16.61 -17.26
N ALA A 264 7.50 -17.33 -18.15
CA ALA A 264 6.73 -18.52 -17.77
C ALA A 264 7.65 -19.73 -17.83
N TYR A 265 8.21 -20.11 -16.69
CA TYR A 265 9.04 -21.30 -16.59
C TYR A 265 8.41 -22.31 -15.64
N ASN A 266 8.69 -23.58 -15.89
CA ASN A 266 8.13 -24.69 -15.11
C ASN A 266 9.29 -25.45 -14.49
N ILE A 267 9.71 -25.02 -13.30
CA ILE A 267 10.83 -25.64 -12.62
C ILE A 267 10.33 -26.79 -11.75
N GLY A 268 11.02 -27.92 -11.81
CA GLY A 268 10.62 -29.09 -11.04
C GLY A 268 11.81 -29.92 -10.68
N GLY A 269 11.75 -30.52 -9.49
CA GLY A 269 12.86 -31.31 -8.97
C GLY A 269 13.11 -32.58 -9.74
N LEU A 270 12.11 -33.11 -10.44
CA LEU A 270 12.30 -34.30 -11.26
C LEU A 270 12.10 -34.01 -12.75
N VAL A 271 10.96 -33.43 -13.14
CA VAL A 271 10.69 -33.08 -14.52
C VAL A 271 10.03 -31.71 -14.56
N GLY A 272 10.30 -30.96 -15.61
CA GLY A 272 9.79 -29.60 -15.73
C GLY A 272 8.34 -29.53 -16.16
N HIS A 273 7.98 -30.24 -17.23
CA HIS A 273 6.66 -30.14 -17.81
C HIS A 273 6.21 -31.53 -18.26
N LEU A 274 5.07 -31.98 -17.76
CA LEU A 274 4.48 -33.25 -18.13
C LEU A 274 3.22 -32.98 -18.95
N THR A 275 3.30 -33.21 -20.26
CA THR A 275 2.22 -32.86 -21.17
C THR A 275 1.68 -34.05 -21.94
N GLY A 276 2.32 -35.21 -21.86
CA GLY A 276 1.89 -36.34 -22.66
C GLY A 276 0.70 -37.08 -22.06
N LYS A 277 -0.09 -37.69 -22.94
CA LYS A 277 -1.23 -38.48 -22.50
C LYS A 277 -0.78 -39.72 -21.74
N ASN A 278 0.11 -40.50 -22.33
CA ASN A 278 0.67 -41.68 -21.68
C ASN A 278 1.87 -41.34 -20.80
N ALA A 279 2.17 -40.06 -20.62
CA ALA A 279 3.26 -39.66 -19.74
C ALA A 279 2.94 -40.03 -18.30
N SER A 280 3.93 -40.60 -17.60
CA SER A 280 3.71 -41.06 -16.25
C SER A 280 5.02 -41.04 -15.48
N ILE A 281 4.91 -40.81 -14.18
CA ILE A 281 6.03 -40.86 -13.25
C ILE A 281 5.68 -41.91 -12.20
N ALA A 282 6.40 -43.04 -12.23
CA ALA A 282 6.06 -44.18 -11.39
C ALA A 282 7.26 -44.56 -10.53
N LYS A 283 7.01 -44.69 -9.22
CA LYS A 283 8.02 -45.17 -8.27
C LYS A 283 9.28 -44.31 -8.30
N SER A 284 9.08 -42.99 -8.26
CA SER A 284 10.19 -42.05 -8.32
C SER A 284 10.37 -41.35 -6.99
N LYS A 285 11.55 -40.77 -6.80
CA LYS A 285 11.89 -40.06 -5.58
C LYS A 285 12.80 -38.89 -5.93
N ALA A 286 12.65 -37.78 -5.22
CA ALA A 286 13.44 -36.59 -5.46
C ALA A 286 13.69 -35.88 -4.15
N THR A 287 14.93 -35.96 -3.65
CA THR A 287 15.34 -35.22 -2.46
C THR A 287 15.95 -33.90 -2.90
N VAL A 288 15.07 -32.94 -3.21
CA VAL A 288 15.47 -31.69 -3.83
C VAL A 288 15.35 -30.58 -2.80
N THR A 289 16.49 -29.96 -2.47
CA THR A 289 16.50 -28.75 -1.64
C THR A 289 16.42 -27.53 -2.57
N ILE A 290 15.32 -27.50 -3.32
CA ILE A 290 15.14 -26.54 -4.40
C ILE A 290 14.77 -25.18 -3.82
N SER A 291 15.36 -24.12 -4.36
CA SER A 291 15.05 -22.76 -3.97
C SER A 291 14.84 -21.94 -5.24
N SER A 292 13.82 -21.10 -5.24
CA SER A 292 13.49 -20.34 -6.44
C SER A 292 12.67 -19.11 -6.06
N ASN A 293 12.63 -18.14 -6.97
CA ASN A 293 11.89 -16.90 -6.81
C ASN A 293 10.93 -16.78 -7.98
N THR A 294 9.62 -16.80 -7.68
CA THR A 294 8.62 -16.86 -8.73
C THR A 294 8.26 -15.47 -9.26
N ASN A 295 8.01 -14.53 -8.35
CA ASN A 295 7.67 -13.13 -8.62
C ASN A 295 6.68 -12.93 -9.76
N ARG A 296 5.81 -13.90 -10.00
CA ARG A 296 4.77 -13.81 -11.01
C ARG A 296 3.86 -15.02 -10.86
N SER A 297 2.62 -14.89 -11.34
CA SER A 297 1.60 -15.89 -11.02
C SER A 297 1.73 -17.15 -11.87
N ASP A 298 2.29 -17.05 -13.08
CA ASP A 298 2.30 -18.19 -13.98
C ASP A 298 3.39 -19.21 -13.63
N GLN A 299 4.35 -18.84 -12.79
CA GLN A 299 5.42 -19.77 -12.42
C GLN A 299 4.86 -20.94 -11.61
N THR A 300 5.63 -22.04 -11.61
CA THR A 300 5.21 -23.24 -10.88
C THR A 300 6.44 -24.01 -10.40
N VAL A 301 6.69 -24.05 -9.09
CA VAL A 301 7.83 -24.81 -8.52
C VAL A 301 7.21 -26.03 -7.86
N GLY A 302 7.46 -27.23 -8.37
CA GLY A 302 6.69 -28.36 -7.81
C GLY A 302 7.44 -29.55 -7.25
N GLY A 303 8.70 -29.44 -6.86
CA GLY A 303 9.30 -30.65 -6.27
C GLY A 303 9.24 -31.79 -7.25
N LEU A 304 8.45 -32.83 -6.97
CA LEU A 304 8.44 -34.02 -7.87
C LEU A 304 8.08 -33.61 -9.29
N ALA A 305 7.11 -32.71 -9.51
CA ALA A 305 6.86 -32.25 -10.89
C ALA A 305 6.16 -30.89 -10.91
N GLY A 306 6.26 -30.15 -12.02
CA GLY A 306 5.57 -28.86 -12.14
C GLY A 306 4.68 -28.82 -13.36
N LEU A 307 3.48 -28.24 -13.24
CA LEU A 307 2.53 -28.10 -14.38
C LEU A 307 2.20 -29.45 -15.00
N VAL A 308 2.03 -30.50 -14.19
CA VAL A 308 1.59 -31.82 -14.75
C VAL A 308 0.32 -31.56 -15.55
N ASP A 309 0.24 -32.01 -16.81
CA ASP A 309 -0.91 -31.67 -17.67
C ASP A 309 -1.29 -32.81 -18.61
N GLN A 310 -2.47 -32.76 -19.21
CA GLN A 310 -2.92 -33.77 -20.21
C GLN A 310 -2.92 -35.20 -19.70
N ASP A 311 -3.42 -35.45 -18.48
CA ASP A 311 -3.60 -36.84 -17.98
C ASP A 311 -2.29 -37.52 -17.56
N ALA A 312 -1.20 -36.78 -17.39
CA ALA A 312 0.02 -37.44 -16.87
C ALA A 312 -0.23 -37.83 -15.42
N HIS A 313 0.21 -39.02 -15.01
CA HIS A 313 -0.10 -39.46 -13.62
C HIS A 313 1.18 -39.69 -12.81
N ILE A 314 1.30 -39.04 -11.65
CA ILE A 314 2.46 -39.30 -10.76
C ILE A 314 1.98 -40.43 -9.84
N GLN A 315 2.65 -41.58 -9.87
CA GLN A 315 2.18 -42.73 -9.06
C GLN A 315 3.27 -43.16 -8.10
N ASN A 316 2.94 -43.32 -6.83
CA ASN A 316 3.93 -43.87 -5.86
C ASN A 316 5.23 -43.07 -5.91
N SER A 317 5.15 -41.74 -5.89
CA SER A 317 6.41 -40.95 -5.82
C SER A 317 6.60 -40.34 -4.44
N TYR A 318 7.85 -40.03 -4.10
CA TYR A 318 8.26 -39.35 -2.84
C TYR A 318 8.67 -37.91 -3.18
N ALA A 319 9.12 -37.14 -2.19
CA ALA A 319 9.60 -35.74 -2.30
C ALA A 319 10.03 -35.31 -0.91
N GLU A 320 11.30 -35.52 -0.55
CA GLU A 320 11.68 -35.29 0.87
C GLU A 320 12.60 -34.08 1.07
N GLY A 321 12.62 -33.13 0.14
CA GLY A 321 13.58 -32.02 0.24
C GLY A 321 13.03 -30.79 0.92
N ASP A 322 13.53 -29.59 0.58
CA ASP A 322 12.99 -28.31 1.10
C ASP A 322 12.74 -27.37 -0.08
N ILE A 323 11.56 -26.76 -0.18
CA ILE A 323 11.30 -25.76 -1.26
C ILE A 323 11.22 -24.39 -0.59
N ASN A 324 11.94 -23.40 -1.09
CA ASN A 324 11.98 -22.10 -0.39
C ASN A 324 11.66 -20.96 -1.36
N ASN A 325 10.42 -20.88 -1.84
CA ASN A 325 10.05 -19.74 -2.71
C ASN A 325 10.13 -18.47 -1.85
N VAL A 326 10.76 -17.42 -2.36
CA VAL A 326 10.95 -16.15 -1.60
C VAL A 326 9.61 -15.47 -1.31
N LYS A 327 8.71 -15.43 -2.31
CA LYS A 327 7.41 -14.72 -2.16
C LYS A 327 6.29 -15.68 -2.57
N HIS A 328 5.04 -15.42 -2.19
CA HIS A 328 3.95 -16.40 -2.45
C HIS A 328 3.26 -16.15 -3.81
N PHE A 329 3.82 -15.29 -4.65
CA PHE A 329 3.13 -14.95 -5.92
C PHE A 329 2.95 -16.19 -6.79
N GLY A 330 3.95 -17.06 -6.88
CA GLY A 330 3.89 -18.23 -7.78
C GLY A 330 3.11 -19.39 -7.21
N LYS A 331 2.73 -20.34 -8.06
CA LYS A 331 2.04 -21.57 -7.58
C LYS A 331 3.11 -22.58 -7.19
N VAL A 332 3.54 -22.57 -5.93
CA VAL A 332 4.66 -23.47 -5.50
C VAL A 332 4.08 -24.56 -4.59
N ALA A 333 4.38 -25.83 -4.90
CA ALA A 333 3.90 -26.91 -4.01
C ALA A 333 4.91 -28.06 -3.95
N GLY A 334 4.86 -28.87 -2.90
CA GLY A 334 5.86 -29.93 -2.70
C GLY A 334 5.91 -31.09 -3.69
N VAL A 335 4.77 -31.66 -4.08
CA VAL A 335 4.85 -32.89 -4.92
C VAL A 335 4.27 -32.70 -6.32
N ALA A 336 3.53 -31.62 -6.53
CA ALA A 336 3.02 -31.31 -7.89
C ALA A 336 2.75 -29.82 -7.92
N GLY A 337 2.75 -29.20 -9.10
CA GLY A 337 2.57 -27.74 -9.13
C GLY A 337 1.21 -27.35 -9.66
N TYR A 338 1.17 -26.88 -10.90
CA TYR A 338 -0.08 -26.40 -11.49
C TYR A 338 -0.75 -27.57 -12.22
N LEU A 339 -1.50 -28.38 -11.47
CA LEU A 339 -2.15 -29.56 -12.08
C LEU A 339 -3.12 -29.11 -13.18
N TRP A 340 -3.58 -27.87 -13.14
CA TRP A 340 -4.58 -27.38 -14.14
C TRP A 340 -3.92 -27.17 -15.51
N ASP A 341 -4.70 -27.22 -16.58
CA ASP A 341 -4.12 -27.13 -17.94
C ASP A 341 -4.61 -25.85 -18.66
N ARG A 342 -3.88 -25.40 -19.69
CA ARG A 342 -4.24 -24.19 -20.46
C ARG A 342 -5.61 -24.40 -21.12
N THR A 343 -5.87 -25.60 -21.65
CA THR A 343 -7.21 -25.91 -22.24
C THR A 343 -8.22 -26.10 -21.10
N SER A 344 -9.51 -26.27 -21.41
CA SER A 344 -10.53 -26.33 -20.34
C SER A 344 -10.15 -27.42 -19.33
N GLY A 345 -10.31 -27.13 -18.05
CA GLY A 345 -9.86 -28.07 -17.01
C GLY A 345 -10.86 -29.16 -16.70
N GLU A 346 -11.00 -30.14 -17.60
CA GLU A 346 -11.85 -31.30 -17.26
C GLU A 346 -11.16 -32.00 -16.09
N GLU A 347 -11.92 -32.56 -15.16
CA GLU A 347 -11.33 -33.23 -14.01
C GLU A 347 -10.30 -34.26 -14.44
N LYS A 348 -10.46 -34.82 -15.64
CA LYS A 348 -9.52 -35.83 -16.13
C LYS A 348 -8.39 -35.22 -16.93
N HIS A 349 -8.66 -34.13 -17.65
CA HIS A 349 -7.64 -33.51 -18.48
C HIS A 349 -6.59 -32.76 -17.67
N ALA A 350 -6.86 -32.49 -16.39
CA ALA A 350 -5.91 -31.73 -15.58
C ALA A 350 -4.70 -32.60 -15.22
N GLY A 351 -4.94 -33.69 -14.51
CA GLY A 351 -3.85 -34.52 -14.05
C GLY A 351 -4.35 -35.55 -13.06
N GLU A 352 -3.42 -36.35 -12.55
CA GLU A 352 -3.76 -37.42 -11.64
C GLU A 352 -2.60 -37.71 -10.71
N LEU A 353 -2.92 -37.88 -9.42
CA LEU A 353 -1.96 -38.30 -8.42
C LEU A 353 -2.50 -39.53 -7.71
N THR A 354 -1.59 -40.38 -7.24
CA THR A 354 -2.02 -41.63 -6.60
C THR A 354 -0.89 -42.12 -5.70
N ASN A 355 -1.21 -42.34 -4.42
CA ASN A 355 -0.29 -42.93 -3.45
C ASN A 355 1.03 -42.15 -3.39
N VAL A 356 0.92 -40.84 -3.29
CA VAL A 356 2.08 -39.96 -3.30
C VAL A 356 2.28 -39.39 -1.89
N LEU A 357 3.55 -39.17 -1.55
CA LEU A 357 3.94 -38.63 -0.26
C LEU A 357 5.00 -37.56 -0.46
N SER A 358 4.92 -36.50 0.34
CA SER A 358 5.88 -35.39 0.22
C SER A 358 6.04 -34.77 1.60
N ASP A 359 7.15 -35.10 2.27
CA ASP A 359 7.48 -34.50 3.56
C ASP A 359 8.51 -33.39 3.37
N VAL A 360 8.20 -32.49 2.45
CA VAL A 360 9.09 -31.40 2.06
C VAL A 360 8.72 -30.15 2.85
N ASN A 361 9.73 -29.48 3.40
CA ASN A 361 9.52 -28.26 4.18
C ASN A 361 9.30 -27.07 3.26
N VAL A 362 8.17 -27.11 2.55
CA VAL A 362 7.84 -26.08 1.58
C VAL A 362 7.48 -24.80 2.32
N THR A 363 7.92 -23.66 1.77
CA THR A 363 7.59 -22.35 2.30
C THR A 363 6.84 -21.55 1.25
N ASN A 364 5.92 -20.70 1.72
CA ASN A 364 5.11 -19.84 0.85
C ASN A 364 4.30 -20.62 -0.17
N GLY A 365 3.97 -21.88 0.13
CA GLY A 365 3.23 -22.67 -0.82
C GLY A 365 2.52 -23.84 -0.17
N ASN A 366 1.86 -24.63 -1.01
CA ASN A 366 1.15 -25.83 -0.56
C ASN A 366 2.11 -27.00 -0.41
N ALA A 367 1.61 -28.07 0.20
CA ALA A 367 2.42 -29.27 0.41
C ALA A 367 2.18 -30.33 -0.66
N ILE A 368 1.10 -30.21 -1.44
CA ILE A 368 0.78 -31.21 -2.46
C ILE A 368 0.52 -30.53 -3.80
N THR A 369 -0.54 -29.73 -3.87
CA THR A 369 -0.96 -29.09 -5.11
C THR A 369 -1.12 -27.59 -4.89
N GLY A 370 -0.56 -26.80 -5.80
CA GLY A 370 -0.64 -25.35 -5.64
C GLY A 370 -2.04 -24.81 -5.88
N TYR A 371 -2.63 -25.17 -7.01
CA TYR A 371 -3.96 -24.67 -7.38
C TYR A 371 -4.99 -25.73 -7.02
N HIS A 372 -5.81 -25.42 -6.01
CA HIS A 372 -6.83 -26.34 -5.52
C HIS A 372 -8.20 -25.83 -5.94
N TYR A 373 -9.01 -26.72 -6.51
CA TYR A 373 -10.35 -26.39 -6.99
C TYR A 373 -11.34 -27.44 -6.51
N THR A 374 -12.58 -27.32 -6.98
CA THR A 374 -13.64 -28.23 -6.53
C THR A 374 -13.41 -29.65 -7.03
N GLY A 375 -13.41 -29.82 -8.36
CA GLY A 375 -13.24 -31.17 -8.94
C GLY A 375 -11.80 -31.63 -8.87
N MET A 376 -11.21 -31.67 -7.68
CA MET A 376 -9.78 -32.04 -7.53
C MET A 376 -9.59 -33.48 -7.99
N LYS A 377 -8.56 -33.74 -8.81
CA LYS A 377 -8.36 -35.12 -9.35
C LYS A 377 -7.28 -35.87 -8.56
N VAL A 378 -6.66 -35.24 -7.56
CA VAL A 378 -5.70 -36.03 -6.75
C VAL A 378 -6.51 -37.16 -6.10
N ALA A 379 -6.00 -38.40 -6.15
CA ALA A 379 -6.82 -39.52 -5.62
C ALA A 379 -6.36 -39.87 -4.21
N ASN A 380 -5.07 -40.13 -4.01
CA ASN A 380 -4.54 -40.36 -2.65
C ASN A 380 -3.26 -39.54 -2.52
N THR A 381 -3.15 -38.73 -1.46
CA THR A 381 -1.93 -37.93 -1.23
C THR A 381 -1.54 -38.13 0.24
N PHE A 382 -0.27 -37.95 0.57
CA PHE A 382 0.17 -38.07 1.97
C PHE A 382 1.19 -36.98 2.30
N SER A 383 1.24 -36.55 3.56
CA SER A 383 2.20 -35.50 4.00
C SER A 383 2.52 -35.71 5.49
N SER A 384 3.75 -36.15 5.79
CA SER A 384 4.17 -36.38 7.20
C SER A 384 4.16 -35.03 7.93
N LYS A 385 3.73 -35.03 9.20
CA LYS A 385 3.66 -33.74 9.95
C LYS A 385 5.07 -33.14 10.04
N ALA A 386 5.19 -31.85 9.69
CA ALA A 386 6.48 -31.12 9.74
C ALA A 386 6.18 -29.61 9.72
N ASN A 387 7.12 -28.78 10.17
CA ASN A 387 6.87 -27.31 10.18
C ASN A 387 6.65 -26.85 8.74
N ARG A 388 5.61 -26.04 8.51
CA ARG A 388 5.30 -25.52 7.15
C ARG A 388 5.87 -24.11 7.00
N VAL A 389 6.52 -23.60 8.04
CA VAL A 389 7.10 -22.22 8.03
C VAL A 389 8.05 -22.10 6.82
N VAL A 400 2.95 -20.44 11.76
CA VAL A 400 1.55 -20.95 11.59
C VAL A 400 1.45 -21.64 10.23
N SER A 401 1.15 -22.95 10.23
CA SER A 401 1.02 -23.73 8.98
C SER A 401 -0.17 -23.22 8.16
N LYS A 402 -0.02 -23.16 6.83
CA LYS A 402 -1.10 -22.68 5.93
C LYS A 402 -2.30 -23.63 6.03
N GLU A 403 -2.02 -24.94 6.11
CA GLU A 403 -3.06 -26.01 6.21
C GLU A 403 -4.00 -25.98 5.01
N SER A 404 -3.46 -25.69 3.81
CA SER A 404 -4.25 -25.64 2.56
C SER A 404 -4.07 -26.95 1.78
N PHE A 405 -3.40 -27.92 2.41
CA PHE A 405 -3.11 -29.23 1.76
C PHE A 405 -3.74 -30.36 2.57
N GLU A 406 -3.99 -31.50 1.92
CA GLU A 406 -4.63 -32.68 2.56
C GLU A 406 -3.73 -33.20 3.68
N GLU A 407 -4.34 -33.67 4.78
CA GLU A 407 -3.60 -34.20 5.96
C GLU A 407 -3.65 -35.73 5.94
N ARG A 408 -2.49 -36.37 6.14
CA ARG A 408 -2.38 -37.85 6.13
C ARG A 408 -1.58 -38.31 7.34
N GLY A 409 -1.66 -39.60 7.70
CA GLY A 409 -0.98 -40.13 8.90
C GLY A 409 0.50 -40.44 8.71
N THR A 410 1.18 -40.78 9.82
CA THR A 410 2.64 -41.08 9.81
C THR A 410 2.85 -42.57 9.59
N MET A 411 3.24 -43.31 10.64
CA MET A 411 3.49 -44.77 10.54
C MET A 411 4.44 -45.01 9.37
N LEU A 412 5.59 -44.33 9.40
CA LEU A 412 6.64 -44.36 8.34
C LEU A 412 6.83 -45.78 7.77
N ASP A 413 6.55 -46.81 8.58
CA ASP A 413 6.73 -48.20 8.07
C ASP A 413 5.79 -48.42 6.87
N ALA A 414 4.55 -47.94 6.99
CA ALA A 414 3.55 -48.04 5.90
C ALA A 414 4.01 -47.21 4.71
N SER A 415 4.60 -46.05 4.99
CA SER A 415 5.09 -45.09 3.96
C SER A 415 6.19 -45.72 3.09
N GLN A 416 7.05 -46.54 3.71
CA GLN A 416 8.17 -47.20 2.99
C GLN A 416 7.64 -48.12 1.89
N ILE A 417 6.52 -48.82 2.16
CA ILE A 417 5.87 -49.77 1.20
C ILE A 417 5.36 -49.04 -0.06
N VAL A 418 4.99 -47.77 0.05
CA VAL A 418 4.42 -47.02 -1.10
C VAL A 418 5.42 -46.97 -2.27
N SER A 419 6.72 -46.86 -1.98
CA SER A 419 7.76 -46.79 -3.04
C SER A 419 8.14 -48.20 -3.52
N LYS A 420 7.98 -48.47 -4.83
CA LYS A 420 8.31 -49.81 -5.40
C LYS A 420 9.81 -50.09 -5.25
N LYS A 421 10.65 -49.10 -5.56
CA LYS A 421 12.13 -49.27 -5.42
C LYS A 421 12.63 -48.17 -4.47
N ALA A 422 13.11 -48.57 -3.29
CA ALA A 422 13.57 -47.59 -2.27
C ALA A 422 14.83 -46.83 -2.70
N GLU A 423 15.87 -47.54 -3.19
CA GLU A 423 17.16 -46.86 -3.49
C GLU A 423 18.09 -47.76 -4.32
N ILE A 424 19.21 -47.21 -4.81
CA ILE A 424 20.24 -48.00 -5.57
C ILE A 424 21.58 -48.00 -4.80
N ASN A 425 22.06 -46.84 -4.33
CA ASN A 425 23.27 -46.73 -3.47
C ASN A 425 24.44 -47.60 -3.94
N PRO A 426 24.26 -48.84 -4.46
CA PRO A 426 25.41 -49.68 -4.81
C PRO A 426 26.42 -49.07 -5.80
N LEU A 427 25.95 -48.40 -6.86
CA LEU A 427 26.87 -47.75 -7.83
C LEU A 427 27.94 -48.74 -8.29
N THR A 428 27.66 -50.48 -6.68
CA THR A 428 28.55 -51.60 -7.06
C THR A 428 29.79 -51.10 -7.82
N LEU A 429 29.65 -50.09 -8.68
CA LEU A 429 30.83 -49.58 -9.42
C LEU A 429 31.57 -48.57 -8.54
N PRO A 430 32.65 -48.98 -7.84
CA PRO A 430 33.02 -48.44 -6.54
C PRO A 430 34.21 -47.48 -6.49
N THR A 431 34.73 -47.07 -7.65
CA THR A 431 35.92 -46.18 -7.67
C THR A 431 35.50 -44.72 -7.88
N VAL A 432 35.88 -44.13 -9.02
CA VAL A 432 35.54 -42.72 -9.34
C VAL A 432 34.34 -42.69 -10.30
N SER A 436 34.79 -38.17 -5.32
CA SER A 436 36.10 -38.82 -5.57
C SER A 436 37.21 -38.10 -4.82
N THR A 437 37.37 -36.79 -5.09
CA THR A 437 38.42 -35.98 -4.42
C THR A 437 38.13 -35.94 -2.91
N SER A 438 36.85 -35.79 -2.55
CA SER A 438 36.43 -35.74 -1.12
C SER A 438 36.08 -37.16 -0.65
N GLY A 439 36.17 -38.14 -1.56
CA GLY A 439 35.85 -39.55 -1.25
C GLY A 439 36.78 -40.12 -0.18
N LYS A 440 38.07 -39.77 -0.23
CA LYS A 440 39.04 -40.30 0.77
C LYS A 440 39.16 -39.31 1.93
N LYS A 441 38.65 -39.71 3.10
CA LYS A 441 38.71 -38.87 4.33
C LYS A 441 39.78 -39.44 5.27
N ASP A 442 40.57 -40.40 4.78
CA ASP A 442 41.62 -41.08 5.58
C ASP A 442 42.93 -41.10 4.79
N SER A 443 40.87 -40.48 7.10
CA SER A 443 42.30 -40.70 6.76
C SER A 443 42.71 -41.97 7.53
N ASP A 444 42.02 -43.08 7.24
CA ASP A 444 42.18 -44.46 7.78
C ASP A 444 43.05 -44.53 9.03
N PHE A 445 42.54 -44.02 10.16
CA PHE A 445 43.28 -44.01 11.46
C PHE A 445 43.58 -45.46 11.90
N SER A 446 42.63 -46.36 11.66
CA SER A 446 42.77 -47.80 12.02
C SER A 446 43.89 -48.45 11.19
N LYS A 447 44.57 -49.44 11.81
CA LYS A 447 45.71 -50.23 11.25
C LYS A 447 47.01 -49.40 11.25
N ILE A 448 47.04 -48.28 11.99
CA ILE A 448 48.25 -47.43 12.13
C ILE A 448 49.15 -48.06 13.21
N ALA A 449 50.42 -47.67 13.31
CA ALA A 449 51.26 -48.34 14.32
C ALA A 449 50.73 -48.21 15.76
N HIS A 450 50.27 -47.04 16.18
CA HIS A 450 49.89 -46.88 17.62
C HIS A 450 48.38 -46.71 17.79
N TYR A 451 47.59 -47.07 16.78
CA TYR A 451 46.12 -46.83 16.85
C TYR A 451 45.53 -47.24 18.20
N GLN A 452 44.74 -46.36 18.82
CA GLN A 452 44.04 -46.75 20.07
C GLN A 452 42.54 -46.64 19.78
N ALA A 453 41.69 -47.22 20.63
CA ALA A 453 40.26 -47.21 20.31
C ALA A 453 39.55 -46.00 20.88
N ASN A 454 39.83 -45.65 22.13
CA ASN A 454 39.11 -44.56 22.78
C ASN A 454 39.45 -43.19 22.21
N ARG A 455 40.60 -43.04 21.55
CA ARG A 455 41.03 -41.78 21.00
C ARG A 455 40.71 -41.64 19.51
N ALA A 456 39.89 -42.54 18.97
CA ALA A 456 39.58 -42.53 17.54
C ALA A 456 39.08 -41.15 17.10
N LEU A 457 38.00 -40.68 17.72
CA LEU A 457 37.48 -39.35 17.41
C LEU A 457 38.57 -38.29 17.57
N VAL A 458 39.40 -38.42 18.60
CA VAL A 458 40.48 -37.46 18.83
C VAL A 458 41.35 -37.35 17.58
N TYR A 459 41.63 -38.48 16.93
CA TYR A 459 42.38 -38.45 15.69
C TYR A 459 41.72 -37.53 14.67
N LYS A 460 40.42 -37.73 14.43
CA LYS A 460 39.69 -36.80 13.60
C LYS A 460 39.79 -35.38 14.13
N ASN A 461 39.64 -35.22 15.46
CA ASN A 461 39.71 -33.90 16.07
C ASN A 461 41.08 -33.27 15.92
N ILE A 462 42.11 -34.04 15.56
CA ILE A 462 43.41 -33.45 15.28
C ILE A 462 43.70 -33.42 13.78
N GLU A 463 42.94 -34.16 12.97
CA GLU A 463 43.13 -34.10 11.53
C GLU A 463 42.87 -32.71 10.98
N LYS A 464 41.93 -31.98 11.59
CA LYS A 464 41.67 -30.61 11.17
C LYS A 464 42.83 -29.67 11.52
N LEU A 465 43.71 -30.08 12.42
CA LEU A 465 44.81 -29.21 12.83
C LEU A 465 46.07 -29.45 12.02
N LEU A 466 46.28 -30.66 11.51
CA LEU A 466 47.46 -31.01 10.71
C LEU A 466 47.01 -31.57 9.37
N PRO A 467 46.58 -30.72 8.44
CA PRO A 467 46.31 -31.19 7.09
C PRO A 467 47.61 -31.41 6.32
N PHE A 468 47.52 -32.24 5.29
CA PHE A 468 48.66 -32.59 4.44
C PHE A 468 49.78 -33.23 5.27
N TYR A 469 49.42 -34.11 6.19
CA TYR A 469 50.39 -34.79 7.03
C TYR A 469 50.10 -36.28 7.07
N ASN A 470 51.14 -37.05 7.34
CA ASN A 470 51.04 -38.51 7.37
C ASN A 470 50.13 -38.96 8.51
N LYS A 471 49.49 -40.12 8.31
CA LYS A 471 48.65 -40.68 9.37
C LYS A 471 49.48 -41.06 10.58
N SER A 472 50.74 -41.44 10.39
CA SER A 472 51.61 -41.77 11.51
C SER A 472 51.82 -40.56 12.41
N THR A 473 52.13 -39.41 11.81
CA THR A 473 52.27 -38.18 12.60
C THR A 473 50.95 -37.81 13.26
N ILE A 474 49.83 -38.04 12.56
CA ILE A 474 48.51 -37.73 13.13
C ILE A 474 48.29 -38.52 14.41
N VAL A 475 48.50 -39.84 14.35
CA VAL A 475 48.24 -40.64 15.56
C VAL A 475 49.28 -40.36 16.63
N LYS A 476 50.53 -40.07 16.23
CA LYS A 476 51.56 -39.76 17.22
C LYS A 476 51.22 -38.49 18.00
N TYR A 477 50.69 -37.47 17.30
CA TYR A 477 50.31 -36.24 17.99
C TYR A 477 48.95 -36.38 18.68
N GLY A 478 48.11 -37.31 18.24
CA GLY A 478 46.87 -37.56 18.94
C GLY A 478 47.07 -38.28 20.25
N ASN A 479 48.09 -39.14 20.33
CA ASN A 479 48.37 -39.80 21.59
C ASN A 479 48.80 -38.82 22.68
N LEU A 480 49.35 -37.68 22.29
CA LEU A 480 49.79 -36.67 23.24
C LEU A 480 48.67 -35.81 23.79
N VAL A 481 47.45 -35.93 23.24
CA VAL A 481 46.33 -35.16 23.75
C VAL A 481 45.93 -35.67 25.12
N LYS A 482 45.63 -34.75 26.03
CA LYS A 482 45.27 -35.07 27.40
C LYS A 482 43.75 -35.07 27.55
N GLU A 483 43.30 -35.63 28.68
CA GLU A 483 41.86 -35.71 28.94
C GLU A 483 41.30 -34.42 29.53
N ASN A 484 42.13 -33.64 30.23
CA ASN A 484 41.65 -32.41 30.84
C ASN A 484 41.31 -31.36 29.79
N SER A 485 41.94 -31.42 28.62
CA SER A 485 41.67 -30.46 27.56
C SER A 485 40.30 -30.72 26.94
N LEU A 486 39.82 -29.73 26.20
CA LEU A 486 38.51 -29.79 25.56
C LEU A 486 38.56 -30.42 24.17
N LEU A 487 39.60 -31.19 23.87
CA LEU A 487 39.74 -31.80 22.56
C LEU A 487 39.09 -33.19 22.49
N TYR A 488 38.19 -33.50 23.42
CA TYR A 488 37.46 -34.76 23.38
C TYR A 488 36.05 -34.59 22.82
N GLN A 489 35.70 -33.41 22.34
CA GLN A 489 34.45 -33.16 21.63
C GLN A 489 34.73 -33.04 20.13
N LYS A 490 33.68 -33.19 19.34
CA LYS A 490 33.81 -33.05 17.90
C LYS A 490 34.21 -31.63 17.55
N GLU A 491 35.19 -31.49 16.66
CA GLU A 491 35.78 -30.19 16.34
C GLU A 491 35.66 -29.91 14.85
N LEU A 492 35.34 -28.66 14.52
CA LEU A 492 35.35 -28.18 13.16
C LEU A 492 36.67 -27.46 12.88
N LEU A 493 36.76 -26.86 11.70
CA LEU A 493 38.02 -26.21 11.31
C LEU A 493 38.28 -24.98 12.17
N SER A 494 39.55 -24.73 12.45
CA SER A 494 39.97 -23.63 13.30
C SER A 494 40.23 -22.38 12.46
N ALA A 495 40.56 -21.29 13.16
CA ALA A 495 40.84 -20.02 12.50
C ALA A 495 41.98 -19.33 13.23
N VAL A 496 43.02 -18.95 12.50
CA VAL A 496 44.15 -18.23 13.06
C VAL A 496 43.81 -16.74 13.09
N MET A 497 44.01 -16.10 14.26
CA MET A 497 43.70 -14.70 14.43
C MET A 497 44.82 -14.02 15.19
N MET A 498 45.08 -12.77 14.83
CA MET A 498 46.12 -11.94 15.46
C MET A 498 45.41 -10.85 16.26
N LYS A 499 45.09 -11.16 17.52
CA LYS A 499 44.38 -10.25 18.42
C LYS A 499 43.06 -9.79 17.80
N ASP A 500 42.20 -10.76 17.53
CA ASP A 500 40.86 -10.54 16.98
C ASP A 500 40.94 -9.84 15.62
N ASP A 501 41.60 -10.50 14.68
CA ASP A 501 41.76 -9.97 13.33
C ASP A 501 41.46 -10.97 12.22
N GLN A 502 41.43 -12.27 12.50
CA GLN A 502 41.13 -13.30 11.51
C GLN A 502 42.11 -13.25 10.34
N VAL A 503 43.39 -13.46 10.65
CA VAL A 503 44.43 -13.40 9.63
C VAL A 503 44.26 -14.57 8.67
N ILE A 504 44.36 -14.28 7.37
CA ILE A 504 44.24 -15.29 6.33
C ILE A 504 45.50 -15.37 5.49
N THR A 505 46.04 -14.24 5.05
CA THR A 505 47.28 -14.21 4.28
C THR A 505 48.42 -14.74 5.14
N ASP A 506 48.82 -15.98 4.89
CA ASP A 506 49.80 -16.62 5.76
C ASP A 506 51.22 -16.17 5.43
N ILE A 507 51.58 -16.14 4.15
CA ILE A 507 52.96 -15.85 3.75
C ILE A 507 53.42 -14.48 4.23
N VAL A 508 52.48 -13.59 4.57
CA VAL A 508 52.87 -12.29 5.09
C VAL A 508 52.94 -12.31 6.61
N SER A 509 52.11 -13.12 7.25
CA SER A 509 52.03 -13.16 8.70
C SER A 509 52.55 -14.47 9.29
N ASN A 510 53.29 -15.26 8.51
CA ASN A 510 53.83 -16.51 9.03
C ASN A 510 55.07 -16.28 9.89
N LYS A 511 55.94 -15.36 9.48
CA LYS A 511 57.13 -15.06 10.28
C LYS A 511 56.74 -14.36 11.58
N GLN A 512 55.81 -13.41 11.50
CA GLN A 512 55.24 -12.82 12.70
C GLN A 512 54.47 -13.88 13.47
N THR A 513 54.73 -14.00 14.76
CA THR A 513 54.04 -14.98 15.58
C THR A 513 52.57 -14.61 15.72
N ALA A 514 51.70 -15.35 15.00
CA ALA A 514 50.27 -15.16 15.16
C ALA A 514 49.88 -15.42 16.61
N ASN A 515 49.04 -14.54 17.16
CA ASN A 515 48.80 -14.56 18.60
C ASN A 515 47.90 -15.72 19.01
N LYS A 516 46.73 -15.83 18.38
CA LYS A 516 45.71 -16.76 18.86
C LYS A 516 45.25 -17.70 17.74
N LEU A 517 44.82 -18.89 18.16
CA LEU A 517 44.16 -19.86 17.29
C LEU A 517 42.83 -20.20 17.92
N LEU A 518 41.74 -19.89 17.22
CA LEU A 518 40.39 -20.14 17.72
C LEU A 518 39.90 -21.47 17.15
N LEU A 519 39.74 -22.45 18.03
CA LEU A 519 39.14 -23.73 17.67
C LEU A 519 37.63 -23.65 17.93
N HIS A 520 36.85 -24.01 16.92
CA HIS A 520 35.40 -24.01 17.01
C HIS A 520 34.91 -25.45 17.08
N TYR A 521 34.47 -25.88 18.26
CA TYR A 521 34.00 -27.24 18.43
C TYR A 521 32.56 -27.39 17.93
N ASN A 522 32.14 -28.64 17.75
CA ASN A 522 30.79 -28.90 17.29
C ASN A 522 29.74 -28.50 18.31
N ASP A 523 30.13 -28.29 19.57
CA ASP A 523 29.24 -27.78 20.59
C ASP A 523 29.04 -26.27 20.50
N HIS A 524 29.43 -25.66 19.38
CA HIS A 524 29.37 -24.21 19.21
C HIS A 524 30.14 -23.50 20.32
N SER A 525 31.29 -24.06 20.68
CA SER A 525 32.16 -23.49 21.70
C SER A 525 33.48 -23.06 21.07
N SER A 526 33.93 -21.87 21.44
CA SER A 526 35.17 -21.31 20.94
C SER A 526 36.25 -21.42 22.00
N GLU A 527 37.41 -21.95 21.62
CA GLU A 527 38.52 -22.13 22.54
C GLU A 527 39.76 -21.50 21.93
N LYS A 528 40.38 -20.58 22.67
CA LYS A 528 41.54 -19.84 22.16
C LYS A 528 42.82 -20.44 22.71
N PHE A 529 43.71 -20.84 21.80
CA PHE A 529 45.02 -21.35 22.14
C PHE A 529 46.10 -20.37 21.69
N ASP A 530 47.29 -20.45 22.29
CA ASP A 530 48.40 -19.56 21.87
C ASP A 530 49.18 -20.23 20.73
N LEU A 531 49.64 -19.42 19.77
CA LEU A 531 50.43 -19.97 18.63
C LEU A 531 51.78 -19.27 18.58
N LYS A 532 52.85 -20.02 18.30
CA LYS A 532 54.18 -19.39 18.11
C LYS A 532 54.83 -20.09 16.91
N TYR A 533 55.64 -19.39 16.12
CA TYR A 533 56.19 -20.03 14.91
C TYR A 533 57.30 -20.96 15.38
N GLN A 534 57.07 -22.27 15.30
CA GLN A 534 58.06 -23.24 15.84
C GLN A 534 58.32 -24.30 14.78
N THR A 535 59.57 -24.78 14.70
CA THR A 535 59.94 -25.80 13.69
C THR A 535 59.50 -25.26 12.33
N ASP A 536 59.75 -23.97 12.08
CA ASP A 536 59.24 -23.34 10.85
C ASP A 536 59.83 -24.05 9.64
N PHE A 537 59.03 -24.28 8.61
CA PHE A 537 59.57 -24.85 7.35
C PHE A 537 59.30 -23.85 6.25
N ALA A 538 60.02 -23.94 5.12
CA ALA A 538 59.71 -23.09 3.98
C ALA A 538 58.60 -23.70 3.13
N ASN A 539 58.38 -25.01 3.23
CA ASN A 539 57.35 -25.66 2.44
C ASN A 539 55.98 -25.49 3.10
N LEU A 540 55.91 -25.69 4.41
CA LEU A 540 54.64 -25.64 5.11
C LEU A 540 54.88 -25.13 6.52
N ALA A 541 54.25 -24.01 6.87
CA ALA A 541 54.45 -23.41 8.19
C ALA A 541 53.93 -24.34 9.28
N GLU A 542 54.50 -24.22 10.47
CA GLU A 542 54.11 -25.01 11.62
C GLU A 542 53.99 -24.12 12.85
N TYR A 543 53.23 -24.59 13.83
CA TYR A 543 53.00 -23.85 15.06
C TYR A 543 52.80 -24.82 16.21
N ASN A 544 52.98 -24.31 17.43
CA ASN A 544 52.76 -25.07 18.66
C ASN A 544 51.57 -24.51 19.42
N LEU A 545 51.01 -25.32 20.30
CA LEU A 545 49.77 -25.00 21.02
C LEU A 545 50.00 -25.10 22.53
N GLY A 546 50.40 -23.97 23.14
CA GLY A 546 50.54 -23.87 24.58
C GLY A 546 51.50 -24.91 25.14
N ASN A 547 51.22 -25.32 26.38
CA ASN A 547 52.05 -26.30 27.07
C ASN A 547 51.79 -27.73 26.61
N THR A 548 50.71 -27.97 25.85
CA THR A 548 50.42 -29.31 25.38
C THR A 548 51.44 -29.81 24.37
N GLY A 549 52.13 -28.91 23.68
CA GLY A 549 53.12 -29.30 22.69
C GLY A 549 52.54 -29.78 21.38
N LEU A 550 51.24 -29.66 21.17
CA LEU A 550 50.64 -30.10 19.92
C LEU A 550 51.10 -29.23 18.77
N LEU A 551 51.13 -29.81 17.57
CA LEU A 551 51.58 -29.13 16.38
C LEU A 551 50.38 -28.65 15.56
N TYR A 552 50.45 -27.40 15.10
CA TYR A 552 49.43 -26.84 14.22
C TYR A 552 50.09 -26.28 12.98
N THR A 553 49.40 -26.40 11.85
CA THR A 553 49.90 -25.93 10.58
C THR A 553 48.76 -25.32 9.76
N PRO A 554 49.01 -24.22 9.06
CA PRO A 554 47.97 -23.67 8.19
C PRO A 554 47.82 -24.49 6.92
N ASN A 555 46.64 -24.37 6.31
CA ASN A 555 46.30 -25.13 5.11
C ASN A 555 46.71 -24.37 3.85
N GLN A 556 48.00 -24.09 3.76
CA GLN A 556 48.56 -23.41 2.60
C GLN A 556 50.05 -23.68 2.53
N PHE A 557 50.56 -23.82 1.31
CA PHE A 557 51.95 -24.20 1.07
C PHE A 557 52.89 -23.00 0.96
N LEU A 558 52.40 -21.78 1.17
CA LEU A 558 53.22 -20.58 1.16
C LEU A 558 53.95 -20.43 -0.18
N TYR A 559 53.21 -20.55 -1.27
CA TYR A 559 53.79 -20.40 -2.60
C TYR A 559 54.03 -18.91 -2.89
N ASP A 560 54.66 -18.64 -4.03
CA ASP A 560 55.00 -17.27 -4.43
C ASP A 560 53.75 -16.58 -4.94
N ARG A 561 53.08 -15.85 -4.04
CA ARG A 561 51.89 -15.09 -4.42
C ARG A 561 52.20 -13.91 -5.33
N ASP A 562 53.44 -13.40 -5.27
CA ASP A 562 53.78 -12.20 -6.02
C ASP A 562 53.73 -12.46 -7.53
N SER A 563 54.11 -13.66 -7.96
CA SER A 563 54.10 -13.97 -9.39
C SER A 563 52.68 -13.95 -9.95
N ILE A 564 51.69 -14.22 -9.09
CA ILE A 564 50.30 -14.16 -9.53
C ILE A 564 49.73 -12.76 -9.39
N VAL A 565 50.14 -12.06 -8.32
CA VAL A 565 49.63 -10.71 -8.08
C VAL A 565 50.11 -9.76 -9.17
N LYS A 566 51.42 -9.71 -9.41
CA LYS A 566 51.98 -8.81 -10.42
C LYS A 566 51.37 -9.03 -11.79
N GLU A 567 50.76 -10.19 -12.04
CA GLU A 567 50.17 -10.48 -13.33
C GLU A 567 48.67 -10.17 -13.37
N VAL A 568 47.95 -10.49 -12.31
CA VAL A 568 46.49 -10.37 -12.36
C VAL A 568 45.98 -9.04 -11.80
N LEU A 569 46.78 -8.33 -11.01
CA LEU A 569 46.34 -7.05 -10.45
C LEU A 569 46.18 -5.95 -11.49
N PRO A 570 47.12 -5.73 -12.41
CA PRO A 570 46.94 -4.61 -13.36
C PRO A 570 45.71 -4.76 -14.25
N GLU A 571 45.36 -5.99 -14.63
CA GLU A 571 44.18 -6.18 -15.48
C GLU A 571 42.89 -5.96 -14.69
N LEU A 572 42.85 -6.43 -13.44
CA LEU A 572 41.68 -6.21 -12.59
C LEU A 572 41.50 -4.74 -12.24
N GLN A 573 42.55 -3.93 -12.32
CA GLN A 573 42.45 -2.54 -11.92
C GLN A 573 41.71 -1.70 -12.95
N LYS A 574 41.86 -2.02 -14.24
CA LYS A 574 41.26 -1.23 -15.31
C LYS A 574 39.85 -1.74 -15.58
N LEU A 575 38.93 -1.35 -14.68
CA LEU A 575 37.52 -1.68 -14.82
C LEU A 575 36.69 -0.51 -14.32
N ASP A 576 35.47 -0.41 -14.83
CA ASP A 576 34.54 0.65 -14.46
C ASP A 576 33.19 0.05 -14.12
N TYR A 577 32.48 0.70 -13.20
CA TYR A 577 31.17 0.19 -12.78
C TYR A 577 30.12 0.37 -13.87
N GLN A 578 30.20 1.46 -14.63
CA GLN A 578 29.27 1.73 -15.71
C GLN A 578 29.79 1.27 -17.07
N SER A 579 30.73 0.32 -17.09
CA SER A 579 31.30 -0.16 -18.33
C SER A 579 30.42 -1.24 -18.95
N ASP A 580 30.87 -1.75 -20.10
CA ASP A 580 30.12 -2.79 -20.81
C ASP A 580 30.46 -4.19 -20.34
N ALA A 581 31.65 -4.39 -19.76
CA ALA A 581 32.03 -5.72 -19.30
C ALA A 581 31.13 -6.17 -18.15
N ILE A 582 30.90 -5.30 -17.17
CA ILE A 582 30.02 -5.64 -16.06
C ILE A 582 28.60 -5.83 -16.55
N ARG A 583 28.12 -4.96 -17.43
CA ARG A 583 26.76 -5.07 -17.95
C ARG A 583 26.59 -6.34 -18.77
N LYS A 584 27.66 -6.84 -19.36
CA LYS A 584 27.57 -8.10 -20.10
C LYS A 584 27.62 -9.30 -19.16
N THR A 585 28.46 -9.24 -18.12
CA THR A 585 28.50 -10.32 -17.14
C THR A 585 27.16 -10.46 -16.45
N LEU A 586 26.52 -9.35 -16.10
CA LEU A 586 25.17 -9.39 -15.56
C LEU A 586 24.17 -9.61 -16.69
N GLY A 587 23.01 -10.15 -16.34
CA GLY A 587 21.94 -10.31 -17.30
C GLY A 587 21.12 -9.05 -17.44
N ILE A 588 21.71 -8.01 -18.00
CA ILE A 588 21.12 -6.67 -18.05
C ILE A 588 21.12 -6.19 -19.50
N SER A 589 19.97 -5.71 -19.96
CA SER A 589 19.87 -5.03 -21.24
C SER A 589 20.24 -3.56 -21.09
N PRO A 590 20.75 -2.92 -22.15
CA PRO A 590 21.23 -1.55 -22.01
C PRO A 590 20.18 -0.54 -21.59
N GLU A 591 18.91 -0.93 -21.46
CA GLU A 591 17.88 0.01 -21.06
C GLU A 591 17.88 0.25 -19.55
N VAL A 592 17.82 -0.83 -18.76
CA VAL A 592 17.73 -0.70 -17.32
C VAL A 592 19.04 -0.20 -16.74
N LYS A 593 18.97 0.40 -15.56
CA LYS A 593 20.13 0.94 -14.87
C LYS A 593 20.56 0.04 -13.72
N LEU A 594 21.77 0.28 -13.24
CA LEU A 594 22.34 -0.47 -12.11
C LEU A 594 22.07 0.20 -10.77
N THR A 595 21.05 1.05 -10.69
CA THR A 595 20.79 1.78 -9.45
C THR A 595 20.21 0.88 -8.35
N GLU A 596 19.78 -0.33 -8.70
CA GLU A 596 19.20 -1.22 -7.70
C GLU A 596 20.26 -2.09 -7.03
N LEU A 597 21.50 -2.08 -7.52
CA LEU A 597 22.55 -2.85 -6.87
C LEU A 597 23.08 -2.15 -5.63
N TYR A 598 23.24 -0.83 -5.69
CA TYR A 598 23.76 -0.03 -4.58
C TYR A 598 25.15 -0.48 -4.16
N LEU A 599 26.01 -0.72 -5.14
CA LEU A 599 27.37 -1.19 -4.89
C LEU A 599 28.44 -0.30 -5.49
N GLU A 600 28.06 0.87 -6.03
CA GLU A 600 29.02 1.70 -6.75
C GLU A 600 30.15 2.17 -5.83
N ASP A 601 29.80 2.79 -4.70
CA ASP A 601 30.81 3.24 -3.75
C ASP A 601 31.65 2.08 -3.26
N GLN A 602 31.01 0.97 -2.90
CA GLN A 602 31.75 -0.20 -2.45
C GLN A 602 32.57 -0.80 -3.57
N PHE A 603 32.11 -0.69 -4.82
CA PHE A 603 32.91 -1.17 -5.94
C PHE A 603 34.19 -0.35 -6.06
N SER A 604 34.09 0.97 -5.98
CA SER A 604 35.28 1.81 -6.02
C SER A 604 36.21 1.48 -4.87
N LYS A 605 35.65 1.28 -3.66
CA LYS A 605 36.48 0.97 -2.51
C LYS A 605 37.21 -0.35 -2.70
N THR A 606 36.49 -1.41 -3.09
CA THR A 606 37.11 -2.71 -3.31
C THR A 606 38.11 -2.68 -4.46
N LYS A 607 37.95 -1.78 -5.41
CA LYS A 607 38.95 -1.65 -6.48
C LYS A 607 40.20 -0.94 -5.96
N GLN A 608 40.03 0.02 -5.05
CA GLN A 608 41.19 0.73 -4.51
C GLN A 608 42.12 -0.21 -3.76
N ASN A 609 41.61 -0.85 -2.71
CA ASN A 609 42.43 -1.77 -1.91
C ASN A 609 42.25 -3.21 -2.34
N LEU A 610 42.49 -3.47 -3.63
CA LEU A 610 42.34 -4.82 -4.16
C LEU A 610 43.47 -5.75 -3.73
N GLY A 611 44.63 -5.20 -3.39
CA GLY A 611 45.78 -6.04 -3.08
C GLY A 611 45.54 -6.97 -1.91
N ASP A 612 45.00 -6.44 -0.81
CA ASP A 612 44.81 -7.24 0.40
C ASP A 612 43.80 -8.35 0.16
N SER A 613 42.64 -8.01 -0.40
CA SER A 613 41.62 -9.02 -0.64
C SER A 613 42.10 -10.08 -1.63
N LEU A 614 42.81 -9.65 -2.68
CA LEU A 614 43.28 -10.61 -3.67
C LEU A 614 44.34 -11.54 -3.08
N LYS A 615 45.21 -11.02 -2.22
CA LYS A 615 46.20 -11.86 -1.58
C LYS A 615 45.54 -12.85 -0.63
N LYS A 616 44.54 -12.39 0.14
CA LYS A 616 43.80 -13.32 0.99
C LYS A 616 43.14 -14.41 0.16
N LEU A 617 42.58 -14.06 -1.00
CA LEU A 617 41.83 -15.07 -1.81
C LEU A 617 42.76 -16.19 -2.27
N LEU A 618 43.89 -15.84 -2.87
CA LEU A 618 44.85 -16.86 -3.38
C LEU A 618 45.32 -17.70 -2.20
N SER A 619 45.45 -17.09 -1.02
CA SER A 619 45.96 -17.81 0.17
C SER A 619 45.03 -18.97 0.58
N ALA A 620 43.73 -18.88 0.30
CA ALA A 620 42.82 -19.96 0.77
C ALA A 620 42.26 -20.80 -0.38
N ASP A 621 42.39 -20.34 -1.62
CA ASP A 621 41.73 -21.07 -2.75
C ASP A 621 42.31 -22.46 -3.00
N ALA A 622 43.64 -22.61 -2.97
CA ALA A 622 44.21 -23.93 -3.32
C ALA A 622 45.58 -24.11 -2.68
N GLY A 623 45.98 -25.37 -2.48
CA GLY A 623 47.33 -25.64 -1.93
C GLY A 623 48.30 -25.89 -3.06
N LEU A 624 49.14 -24.90 -3.37
CA LEU A 624 50.01 -25.04 -4.53
C LEU A 624 51.35 -25.63 -4.08
N ALA A 625 51.54 -26.92 -4.33
CA ALA A 625 52.80 -27.60 -4.03
C ALA A 625 53.71 -27.67 -5.25
N SER A 626 53.64 -26.67 -6.12
CA SER A 626 54.35 -26.68 -7.39
C SER A 626 55.26 -25.47 -7.49
N ASP A 627 56.52 -25.71 -7.82
CA ASP A 627 57.44 -24.62 -8.15
C ASP A 627 57.37 -24.24 -9.62
N ASN A 628 56.94 -25.16 -10.49
CA ASN A 628 56.75 -24.82 -11.88
C ASN A 628 55.56 -23.89 -12.04
N SER A 629 55.65 -22.97 -13.00
CA SER A 629 54.68 -21.91 -13.16
C SER A 629 53.37 -22.38 -13.80
N VAL A 630 53.15 -23.69 -13.93
CA VAL A 630 51.93 -24.15 -14.58
C VAL A 630 50.72 -23.94 -13.66
N THR A 631 50.87 -24.23 -12.36
CA THR A 631 49.75 -24.05 -11.44
C THR A 631 49.46 -22.58 -11.21
N ARG A 632 50.51 -21.77 -11.06
CA ARG A 632 50.31 -20.32 -10.94
C ARG A 632 49.69 -19.75 -12.21
N GLY A 633 50.06 -20.29 -13.38
CA GLY A 633 49.42 -19.87 -14.61
C GLY A 633 47.95 -20.26 -14.66
N TYR A 634 47.62 -21.44 -14.12
CA TYR A 634 46.21 -21.83 -14.06
C TYR A 634 45.42 -20.91 -13.14
N LEU A 635 46.00 -20.55 -11.99
CA LEU A 635 45.34 -19.59 -11.11
C LEU A 635 45.17 -18.23 -11.80
N VAL A 636 46.21 -17.79 -12.53
CA VAL A 636 46.12 -16.53 -13.25
C VAL A 636 45.01 -16.59 -14.29
N ASP A 637 44.90 -17.70 -15.01
CA ASP A 637 43.87 -17.83 -16.03
C ASP A 637 42.48 -17.87 -15.43
N LYS A 638 42.32 -18.54 -14.28
CA LYS A 638 41.02 -18.60 -13.63
C LYS A 638 40.63 -17.25 -13.06
N ILE A 639 41.60 -16.45 -12.63
CA ILE A 639 41.27 -15.13 -12.10
C ILE A 639 41.07 -14.12 -13.22
N LYS A 640 41.63 -14.36 -14.40
CA LYS A 640 41.51 -13.41 -15.50
C LYS A 640 40.29 -13.67 -16.36
N ASN A 641 39.96 -14.94 -16.61
CA ASN A 641 38.83 -15.25 -17.48
C ASN A 641 37.51 -14.81 -16.87
N ASN A 642 37.44 -14.74 -15.53
CA ASN A 642 36.23 -14.31 -14.86
C ASN A 642 36.50 -13.08 -14.01
N LYS A 643 37.22 -12.11 -14.56
CA LYS A 643 37.60 -10.93 -13.79
C LYS A 643 36.38 -10.12 -13.37
N GLU A 644 35.43 -9.93 -14.28
CA GLU A 644 34.24 -9.14 -13.95
C GLU A 644 33.41 -9.82 -12.87
N ALA A 645 33.16 -11.12 -13.02
CA ALA A 645 32.39 -11.84 -12.03
C ALA A 645 33.12 -11.88 -10.69
N LEU A 646 34.45 -12.06 -10.72
CA LEU A 646 35.22 -12.04 -9.49
C LEU A 646 35.10 -10.71 -8.77
N LEU A 647 35.22 -9.60 -9.52
CA LEU A 647 35.13 -8.29 -8.89
C LEU A 647 33.73 -8.02 -8.36
N LEU A 648 32.70 -8.45 -9.10
CA LEU A 648 31.33 -8.25 -8.61
C LEU A 648 31.07 -9.05 -7.34
N GLY A 649 31.52 -10.30 -7.30
CA GLY A 649 31.35 -11.09 -6.09
C GLY A 649 32.14 -10.53 -4.92
N LEU A 650 33.36 -10.07 -5.18
CA LEU A 650 34.18 -9.49 -4.12
C LEU A 650 33.58 -8.20 -3.59
N THR A 651 32.90 -7.43 -4.45
CA THR A 651 32.23 -6.22 -4.00
C THR A 651 30.97 -6.56 -3.21
N TYR A 652 30.19 -7.52 -3.69
CA TYR A 652 28.94 -7.87 -3.02
C TYR A 652 29.21 -8.46 -1.64
N LEU A 653 30.12 -9.42 -1.55
CA LEU A 653 30.39 -10.06 -0.26
C LEU A 653 30.99 -9.07 0.74
N GLU A 654 31.69 -8.05 0.24
CA GLU A 654 32.28 -7.06 1.15
C GLU A 654 31.28 -5.98 1.55
N ARG A 655 30.27 -5.74 0.71
CA ARG A 655 29.32 -4.67 1.01
C ARG A 655 28.37 -5.07 2.14
N TRP A 656 27.69 -6.21 1.99
CA TRP A 656 26.65 -6.62 2.92
C TRP A 656 27.14 -7.58 3.99
N TYR A 657 28.46 -7.76 4.14
CA TYR A 657 29.02 -8.67 5.14
C TYR A 657 30.29 -8.02 5.70
N ASN A 658 30.11 -7.04 6.58
CA ASN A 658 31.24 -6.39 7.23
C ASN A 658 30.81 -5.89 8.60
N PHE A 659 30.01 -6.69 9.31
CA PHE A 659 29.55 -6.37 10.65
C PHE A 659 30.36 -7.13 11.68
N ASN A 660 30.69 -6.46 12.77
CA ASN A 660 31.63 -6.96 13.76
C ASN A 660 30.91 -7.71 14.87
N TYR A 661 31.50 -8.83 15.31
CA TYR A 661 31.08 -9.52 16.52
C TYR A 661 32.04 -9.11 17.63
N GLY A 662 31.77 -7.97 18.25
CA GLY A 662 32.70 -7.42 19.21
C GLY A 662 33.93 -6.86 18.50
N GLN A 663 35.06 -7.56 18.60
CA GLN A 663 36.28 -7.15 17.93
C GLN A 663 36.65 -8.07 16.77
N VAL A 664 35.72 -8.90 16.31
CA VAL A 664 35.96 -9.85 15.23
C VAL A 664 35.06 -9.46 14.05
N ASN A 665 35.68 -9.18 12.91
CA ASN A 665 34.94 -8.82 11.70
C ASN A 665 34.76 -10.06 10.84
N VAL A 666 33.50 -10.36 10.50
CA VAL A 666 33.18 -11.56 9.74
C VAL A 666 33.28 -11.28 8.25
N LYS A 667 33.79 -10.10 7.89
CA LYS A 667 34.05 -9.82 6.48
C LYS A 667 35.11 -10.76 5.92
N ASP A 668 35.95 -11.33 6.78
CA ASP A 668 36.96 -12.28 6.38
C ASP A 668 36.56 -13.73 6.65
N LEU A 669 35.66 -13.96 7.62
CA LEU A 669 35.24 -15.31 7.98
C LEU A 669 34.04 -15.79 7.17
N VAL A 670 33.37 -14.91 6.44
CA VAL A 670 32.26 -15.30 5.57
C VAL A 670 32.70 -15.31 4.11
N MET A 671 33.35 -14.24 3.67
CA MET A 671 33.88 -14.21 2.31
C MET A 671 34.92 -15.31 2.11
N TYR A 672 35.86 -15.42 3.04
CA TYR A 672 36.87 -16.46 3.02
C TYR A 672 36.62 -17.41 4.18
N HIS A 673 37.52 -18.37 4.35
CA HIS A 673 37.39 -19.40 5.37
C HIS A 673 36.02 -20.09 5.30
N PRO A 674 35.73 -20.80 4.21
CA PRO A 674 34.42 -21.44 4.09
C PRO A 674 34.27 -22.69 4.94
N ASP A 675 35.33 -23.16 5.57
CA ASP A 675 35.31 -24.40 6.35
C ASP A 675 35.02 -24.16 7.82
N PHE A 676 34.63 -22.94 8.20
CA PHE A 676 34.41 -22.65 9.61
C PHE A 676 33.25 -23.46 10.19
N PHE A 677 32.32 -23.85 9.32
CA PHE A 677 31.19 -24.69 9.76
C PHE A 677 31.31 -26.08 9.15
N GLY A 678 32.54 -26.56 8.94
CA GLY A 678 32.73 -27.86 8.25
C GLY A 678 32.73 -27.65 6.74
N LYS A 679 32.60 -28.72 5.95
CA LYS A 679 32.53 -28.59 4.47
C LYS A 679 33.71 -27.77 3.93
N GLY A 680 34.94 -28.20 4.21
CA GLY A 680 36.16 -27.53 3.70
C GLY A 680 36.36 -27.76 2.22
N ASN A 681 35.57 -28.65 1.60
CA ASN A 681 35.75 -29.01 0.16
C ASN A 681 35.59 -27.77 -0.73
N THR A 682 34.64 -26.88 -0.43
CA THR A 682 34.37 -25.72 -1.32
C THR A 682 35.58 -24.79 -1.36
N SER A 683 35.85 -24.17 -2.51
CA SER A 683 37.01 -23.26 -2.63
C SER A 683 36.54 -21.79 -2.58
N PRO A 684 37.13 -20.87 -1.79
CA PRO A 684 36.62 -19.49 -1.74
C PRO A 684 36.69 -18.77 -3.07
N LEU A 685 37.50 -19.26 -4.01
CA LEU A 685 37.53 -18.66 -5.34
C LEU A 685 36.38 -19.14 -6.21
N ASP A 686 35.94 -20.39 -6.03
CA ASP A 686 34.85 -20.90 -6.85
C ASP A 686 33.52 -20.27 -6.46
N THR A 687 33.29 -20.07 -5.16
CA THR A 687 32.03 -19.45 -4.74
C THR A 687 31.95 -17.99 -5.18
N LEU A 688 33.08 -17.28 -5.22
CA LEU A 688 33.08 -15.91 -5.70
C LEU A 688 32.70 -15.84 -7.17
N ILE A 689 33.25 -16.75 -7.99
CA ILE A 689 32.90 -16.78 -9.40
C ILE A 689 31.44 -17.17 -9.59
N GLU A 690 30.96 -18.14 -8.80
CA GLU A 690 29.57 -18.55 -8.91
C GLU A 690 28.62 -17.43 -8.49
N LEU A 691 29.06 -16.58 -7.56
CA LEU A 691 28.22 -15.47 -7.13
C LEU A 691 28.26 -14.31 -8.12
N GLY A 692 29.40 -14.11 -8.78
CA GLY A 692 29.51 -12.99 -9.72
C GLY A 692 28.63 -13.18 -10.94
N LYS A 693 28.77 -14.31 -11.62
CA LYS A 693 28.00 -14.62 -12.83
C LYS A 693 26.62 -15.17 -12.52
N SER A 694 26.16 -15.07 -11.27
CA SER A 694 24.86 -15.63 -10.90
C SER A 694 23.71 -14.89 -11.55
N GLY A 695 23.94 -13.65 -11.98
CA GLY A 695 22.93 -12.86 -12.64
C GLY A 695 22.68 -11.57 -11.90
N PHE A 696 21.88 -10.70 -12.53
CA PHE A 696 21.59 -9.40 -11.94
C PHE A 696 20.59 -9.52 -10.79
N ASN A 697 19.68 -10.49 -10.85
CA ASN A 697 18.68 -10.63 -9.80
C ASN A 697 19.27 -11.25 -8.54
N ASN A 698 20.24 -12.15 -8.69
CA ASN A 698 20.83 -12.79 -7.52
C ASN A 698 21.74 -11.83 -6.76
N LEU A 699 22.43 -10.94 -7.47
CA LEU A 699 23.25 -9.93 -6.84
C LEU A 699 22.47 -8.72 -6.37
N LEU A 700 21.15 -8.70 -6.59
CA LEU A 700 20.35 -7.54 -6.21
C LEU A 700 20.38 -7.35 -4.70
N ALA A 701 20.22 -6.10 -4.27
CA ALA A 701 20.26 -5.78 -2.85
C ALA A 701 19.02 -6.28 -2.12
N LYS A 702 17.87 -6.29 -2.80
CA LYS A 702 16.63 -6.72 -2.16
C LYS A 702 16.63 -8.21 -1.82
N ASN A 703 17.42 -9.01 -2.53
CA ASN A 703 17.45 -10.46 -2.35
C ASN A 703 18.70 -10.90 -1.61
N ASN A 704 19.16 -10.09 -0.65
CA ASN A 704 20.36 -10.45 0.10
C ASN A 704 20.12 -11.64 1.01
N VAL A 705 18.87 -11.86 1.44
CA VAL A 705 18.59 -13.01 2.30
C VAL A 705 18.45 -14.28 1.48
N ASP A 706 17.99 -14.17 0.24
CA ASP A 706 17.84 -15.35 -0.61
C ASP A 706 19.12 -15.68 -1.36
N THR A 707 19.96 -14.68 -1.62
CA THR A 707 21.23 -14.93 -2.29
C THR A 707 22.13 -15.83 -1.44
N TYR A 708 22.08 -15.67 -0.12
CA TYR A 708 22.88 -16.52 0.75
C TYR A 708 22.44 -17.98 0.64
N GLY A 709 21.14 -18.23 0.59
CA GLY A 709 20.66 -19.60 0.51
C GLY A 709 20.98 -20.28 -0.81
N ILE A 710 21.24 -19.49 -1.86
CA ILE A 710 21.50 -20.06 -3.17
C ILE A 710 23.00 -20.22 -3.42
N SER A 711 23.77 -19.15 -3.21
CA SER A 711 25.18 -19.16 -3.56
C SER A 711 26.06 -19.59 -2.39
N LEU A 712 25.96 -18.90 -1.26
CA LEU A 712 26.86 -19.18 -0.14
C LEU A 712 26.46 -20.44 0.60
N ALA A 713 25.17 -20.61 0.89
CA ALA A 713 24.72 -21.80 1.61
C ALA A 713 24.93 -23.04 0.76
N SER A 714 24.77 -24.20 1.39
CA SER A 714 25.03 -25.50 0.78
C SER A 714 26.48 -25.63 0.33
N GLN A 715 27.31 -24.69 0.75
CA GLN A 715 28.74 -24.67 0.50
C GLN A 715 29.55 -24.35 1.75
N HIS A 716 29.13 -23.36 2.53
CA HIS A 716 29.76 -23.08 3.82
C HIS A 716 29.33 -24.05 4.90
N GLY A 717 28.34 -24.90 4.63
CA GLY A 717 27.86 -25.86 5.60
C GLY A 717 26.71 -25.40 6.45
N ALA A 718 26.03 -24.32 6.07
CA ALA A 718 24.90 -23.79 6.83
C ALA A 718 23.64 -23.86 6.00
N THR A 719 22.49 -23.73 6.67
CA THR A 719 21.20 -23.88 6.02
C THR A 719 20.59 -22.56 5.57
N ASP A 720 20.81 -21.48 6.32
CA ASP A 720 20.20 -20.20 6.00
C ASP A 720 21.06 -19.08 6.57
N LEU A 721 20.71 -17.86 6.18
CA LEU A 721 21.47 -16.69 6.64
C LEU A 721 21.26 -16.44 8.12
N PHE A 722 20.02 -16.54 8.60
CA PHE A 722 19.76 -16.28 10.01
C PHE A 722 20.36 -17.36 10.89
N SER A 723 20.33 -18.61 10.43
CA SER A 723 21.02 -19.68 11.15
C SER A 723 22.52 -19.40 11.21
N THR A 724 23.10 -18.88 10.13
CA THR A 724 24.51 -18.54 10.13
C THR A 724 24.81 -17.43 11.12
N LEU A 725 23.95 -16.41 11.17
CA LEU A 725 24.17 -15.31 12.11
C LEU A 725 24.06 -15.79 13.56
N GLU A 726 23.06 -16.62 13.86
CA GLU A 726 22.94 -17.16 15.21
C GLU A 726 24.13 -18.06 15.54
N HIS A 727 24.62 -18.80 14.55
CA HIS A 727 25.79 -19.65 14.76
C HIS A 727 27.01 -18.81 15.11
N TYR A 728 27.26 -17.74 14.35
CA TYR A 728 28.38 -16.86 14.64
C TYR A 728 28.22 -16.19 15.99
N ARG A 729 26.99 -15.88 16.39
CA ARG A 729 26.79 -15.28 17.74
C ARG A 729 27.18 -16.29 18.80
N LYS A 730 26.99 -17.58 18.54
CA LYS A 730 27.44 -18.60 19.52
C LYS A 730 28.96 -18.70 19.56
N VAL A 731 29.64 -18.71 18.41
CA VAL A 731 31.11 -18.93 18.43
C VAL A 731 31.82 -17.76 19.12
N PHE A 732 31.45 -16.52 18.78
CA PHE A 732 32.10 -15.33 19.36
C PHE A 732 31.00 -14.55 20.06
N LEU A 733 31.32 -13.73 21.05
CA LEU A 733 30.27 -13.04 21.83
C LEU A 733 29.27 -14.07 22.40
N PRO A 734 29.70 -15.12 23.12
CA PRO A 734 28.77 -16.08 23.72
C PRO A 734 28.16 -15.54 25.01
N ASN A 735 27.19 -16.25 25.60
CA ASN A 735 26.54 -15.84 26.88
C ASN A 735 25.82 -14.50 26.74
N THR A 736 25.37 -14.14 25.53
CA THR A 736 24.66 -12.90 25.29
C THR A 736 23.55 -13.14 24.29
N SER A 737 22.41 -12.51 24.50
CA SER A 737 21.27 -12.67 23.61
C SER A 737 21.60 -12.07 22.24
N ASN A 738 21.13 -12.75 21.18
CA ASN A 738 21.41 -12.29 19.83
C ASN A 738 20.80 -10.92 19.57
N ASN A 739 19.64 -10.64 20.16
CA ASN A 739 19.03 -9.32 20.01
C ASN A 739 19.90 -8.24 20.66
N ASP A 740 20.56 -8.58 21.76
CA ASP A 740 21.47 -7.63 22.39
C ASP A 740 22.66 -7.33 21.49
N TRP A 741 23.23 -8.37 20.86
CA TRP A 741 24.30 -8.15 19.90
C TRP A 741 23.83 -7.30 18.73
N PHE A 742 22.59 -7.53 18.28
CA PHE A 742 22.04 -6.72 17.20
C PHE A 742 21.94 -5.25 17.60
N LYS A 743 21.40 -4.99 18.79
CA LYS A 743 21.25 -3.61 19.24
C LYS A 743 22.61 -2.94 19.47
N SER A 744 23.62 -3.71 19.86
CA SER A 744 24.93 -3.13 20.13
C SER A 744 25.72 -2.90 18.85
N GLU A 745 25.54 -3.75 17.84
CA GLU A 745 26.37 -3.68 16.64
C GLU A 745 25.85 -2.65 15.65
N THR A 746 24.54 -2.67 15.39
CA THR A 746 23.99 -1.77 14.38
C THR A 746 24.09 -0.32 14.82
N LYS A 747 24.06 0.58 13.85
CA LYS A 747 24.11 2.01 14.11
C LYS A 747 22.74 2.68 14.04
N ALA A 748 21.73 1.98 13.57
CA ALA A 748 20.38 2.52 13.56
C ALA A 748 19.88 2.68 14.99
N TYR A 749 19.35 3.85 15.31
CA TYR A 749 18.91 4.12 16.67
C TYR A 749 17.67 3.29 16.97
N ILE A 750 17.83 2.24 17.75
CA ILE A 750 16.76 1.30 18.06
C ILE A 750 16.15 1.69 19.40
N VAL A 751 14.84 1.90 19.41
CA VAL A 751 14.11 2.24 20.63
C VAL A 751 13.01 1.21 20.84
N GLU A 752 13.09 0.48 21.94
CA GLU A 752 12.12 -0.55 22.31
C GLU A 752 11.48 -0.16 23.63
N GLU A 753 10.17 -0.35 23.73
CA GLU A 753 9.42 0.02 24.93
C GLU A 753 8.52 -1.14 25.34
N LYS A 754 8.86 -1.78 26.46
CA LYS A 754 8.02 -2.84 27.01
C LYS A 754 6.83 -2.24 27.73
N SER A 755 5.66 -2.84 27.55
CA SER A 755 4.45 -2.31 28.15
C SER A 755 4.52 -2.38 29.68
N THR A 756 3.67 -1.58 30.32
CA THR A 756 3.72 -1.44 31.78
C THR A 756 3.10 -2.64 32.49
N ILE A 757 2.19 -3.36 31.83
CA ILE A 757 1.59 -4.54 32.46
C ILE A 757 2.66 -5.58 32.71
N GLU A 758 2.64 -6.16 33.91
CA GLU A 758 3.69 -7.10 34.30
C GLU A 758 3.64 -8.38 33.47
N GLU A 759 2.44 -8.82 33.10
CA GLU A 759 2.31 -10.05 32.33
C GLU A 759 2.98 -9.93 30.97
N VAL A 760 2.62 -8.89 30.22
CA VAL A 760 3.22 -8.72 28.90
C VAL A 760 4.69 -8.30 29.02
N LYS A 761 5.05 -7.62 30.11
CA LYS A 761 6.45 -7.27 30.32
C LYS A 761 7.30 -8.52 30.53
N THR A 762 6.76 -9.53 31.20
CA THR A 762 7.49 -10.78 31.36
C THR A 762 7.46 -11.60 30.07
N LYS A 763 6.37 -11.51 29.30
CA LYS A 763 6.26 -12.32 28.06
C LYS A 763 7.13 -11.73 26.94
N GLN A 764 7.23 -10.40 26.86
CA GLN A 764 7.98 -9.76 25.75
C GLN A 764 9.48 -10.04 25.87
N GLY A 765 9.98 -10.17 27.09
CA GLY A 765 11.44 -10.36 27.28
C GLY A 765 11.94 -11.63 26.63
N LEU A 766 11.16 -12.72 26.70
CA LEU A 766 11.64 -14.03 26.20
C LEU A 766 11.98 -13.91 24.71
N ALA A 767 13.01 -14.61 24.25
CA ALA A 767 13.45 -14.54 22.84
C ALA A 767 12.43 -15.25 21.95
N GLY A 768 11.45 -15.91 22.56
CA GLY A 768 10.48 -16.70 21.77
C GLY A 768 9.77 -15.84 20.75
N THR A 769 9.61 -16.38 19.54
CA THR A 769 9.01 -15.60 18.43
C THR A 769 7.52 -15.35 18.71
N LYS A 770 6.99 -14.24 18.21
CA LYS A 770 5.55 -13.88 18.37
C LYS A 770 5.35 -13.22 19.74
N TYR A 771 6.41 -13.14 20.55
CA TYR A 771 6.25 -12.39 21.83
C TYR A 771 7.41 -11.42 22.00
N SER A 772 8.53 -11.64 21.31
CA SER A 772 9.71 -10.80 21.57
C SER A 772 9.51 -9.36 21.11
N ILE A 773 9.96 -8.40 21.90
CA ILE A 773 9.89 -6.97 21.48
C ILE A 773 11.23 -6.63 20.83
N GLY A 774 12.17 -7.56 20.90
CA GLY A 774 13.49 -7.32 20.30
C GLY A 774 13.42 -7.25 18.79
N VAL A 775 14.24 -6.42 18.15
CA VAL A 775 14.14 -6.24 16.69
C VAL A 775 14.60 -7.52 15.99
N TYR A 776 15.74 -8.08 16.37
CA TYR A 776 16.27 -9.24 15.66
C TYR A 776 15.30 -10.41 15.71
N ASP A 777 14.60 -10.58 16.82
CA ASP A 777 13.64 -11.68 16.93
C ASP A 777 12.38 -11.44 16.11
N ARG A 778 12.21 -10.20 15.63
CA ARG A 778 11.02 -9.83 14.81
C ARG A 778 11.35 -10.00 13.33
N ILE A 779 12.34 -9.24 12.84
CA ILE A 779 12.76 -9.28 11.40
C ILE A 779 13.29 -10.68 11.08
N THR A 780 14.03 -11.28 12.01
CA THR A 780 14.62 -12.64 11.86
C THR A 780 13.50 -13.68 11.73
N SER A 781 12.39 -13.48 12.45
CA SER A 781 11.24 -14.42 12.46
C SER A 781 10.59 -14.52 11.07
N ALA A 782 9.99 -15.69 10.78
CA ALA A 782 9.33 -16.03 9.49
C ALA A 782 8.00 -15.27 9.32
N THR A 783 7.49 -15.29 8.09
CA THR A 783 6.23 -14.58 7.68
C THR A 783 6.39 -13.08 7.88
N TRP A 784 7.58 -12.55 7.58
CA TRP A 784 7.89 -11.10 7.67
C TRP A 784 7.94 -10.54 6.24
N LYS A 785 7.29 -9.39 6.01
CA LYS A 785 7.22 -8.78 4.67
C LYS A 785 8.63 -8.42 4.15
N TYR A 786 9.48 -7.86 5.02
CA TYR A 786 10.85 -7.48 4.58
C TYR A 786 11.89 -7.99 5.58
N ARG A 787 12.08 -9.32 5.62
CA ARG A 787 13.06 -9.96 6.53
C ARG A 787 14.48 -9.52 6.15
N ASN A 788 14.75 -9.43 4.84
CA ASN A 788 16.10 -9.06 4.33
C ASN A 788 16.55 -7.71 4.90
N MET A 789 15.66 -6.99 5.60
CA MET A 789 16.04 -5.71 6.17
C MET A 789 17.09 -5.82 7.26
N VAL A 790 17.60 -7.03 7.52
CA VAL A 790 18.58 -7.19 8.59
C VAL A 790 19.99 -6.89 8.07
N LEU A 791 20.34 -7.41 6.90
CA LEU A 791 21.68 -7.21 6.38
C LEU A 791 22.00 -5.75 6.07
N PRO A 792 21.11 -4.95 5.45
CA PRO A 792 21.42 -3.52 5.35
C PRO A 792 21.52 -2.84 6.70
N LEU A 793 20.67 -3.25 7.66
CA LEU A 793 20.70 -2.63 8.98
C LEU A 793 22.01 -2.90 9.70
N LEU A 794 22.59 -4.08 9.51
CA LEU A 794 23.82 -4.42 10.28
C LEU A 794 24.99 -3.69 9.65
N THR A 795 24.82 -3.18 8.43
CA THR A 795 25.95 -2.53 7.71
C THR A 795 25.75 -1.02 7.59
N LEU A 796 24.76 -0.42 8.26
CA LEU A 796 24.52 1.03 8.04
C LEU A 796 25.75 1.81 8.51
N PRO A 797 26.36 2.67 7.68
CA PRO A 797 27.58 3.39 8.07
C PRO A 797 27.39 4.38 9.23
N GLU A 798 26.31 5.16 9.21
CA GLU A 798 26.10 6.21 10.24
C GLU A 798 24.67 6.12 10.75
N ARG A 799 24.32 6.83 11.82
CA ARG A 799 22.97 6.64 12.42
C ARG A 799 21.96 7.42 11.58
N SER A 800 21.64 6.90 10.39
CA SER A 800 20.72 7.62 9.49
C SER A 800 19.31 7.06 9.54
N VAL A 801 19.08 5.92 10.20
CA VAL A 801 17.67 5.44 10.31
C VAL A 801 17.34 5.13 11.77
N PHE A 802 16.08 5.29 12.16
CA PHE A 802 15.64 4.96 13.54
C PHE A 802 14.61 3.84 13.49
N VAL A 803 14.62 2.94 14.47
CA VAL A 803 13.72 1.79 14.48
C VAL A 803 12.94 1.82 15.79
N ILE A 804 11.67 2.18 15.71
CA ILE A 804 10.77 2.18 16.85
C ILE A 804 10.11 0.80 16.91
N SER A 805 10.64 -0.07 17.76
CA SER A 805 10.14 -1.44 17.88
C SER A 805 9.42 -1.58 19.21
N THR A 806 8.13 -1.29 19.20
CA THR A 806 7.28 -1.46 20.38
C THR A 806 6.43 -2.70 20.20
N MET A 807 5.56 -2.94 21.19
CA MET A 807 4.64 -4.07 21.10
C MET A 807 3.74 -3.92 19.89
N SER A 808 3.69 -4.94 19.03
CA SER A 808 2.80 -4.94 17.84
C SER A 808 3.15 -3.89 16.76
N SER A 809 4.33 -3.27 16.78
CA SER A 809 4.72 -2.36 15.67
C SER A 809 6.24 -2.37 15.48
N LEU A 810 6.73 -2.19 14.25
CA LEU A 810 8.19 -2.13 14.00
C LEU A 810 8.46 -0.95 13.07
N GLY A 811 8.30 0.28 13.56
CA GLY A 811 8.43 1.45 12.66
C GLY A 811 9.85 1.71 12.19
N PHE A 812 10.03 2.11 10.93
CA PHE A 812 11.37 2.47 10.41
C PHE A 812 11.31 3.89 9.84
N GLY A 813 12.20 4.77 10.27
CA GLY A 813 12.20 6.15 9.83
C GLY A 813 13.61 6.63 9.54
N ALA A 814 13.69 7.67 8.73
CA ALA A 814 14.96 8.26 8.33
C ALA A 814 15.16 9.59 9.05
N TYR A 815 16.42 9.90 9.35
CA TYR A 815 16.72 11.17 10.01
C TYR A 815 16.47 12.35 9.07
N ASP A 816 16.73 12.18 7.78
CA ASP A 816 16.51 13.25 6.82
C ASP A 816 15.04 13.61 6.64
N ARG A 817 14.13 12.83 7.22
CA ARG A 817 12.71 13.16 7.12
C ARG A 817 12.35 14.37 7.95
N TYR A 818 13.13 14.67 9.00
CA TYR A 818 12.84 15.76 9.91
C TYR A 818 13.83 16.91 9.80
N ARG A 819 14.82 16.81 8.91
CA ARG A 819 15.76 17.90 8.72
C ARG A 819 15.12 19.02 7.93
N SER A 820 15.17 20.23 8.47
CA SER A 820 14.55 21.39 7.84
C SER A 820 15.41 22.61 8.11
N SER A 821 14.84 23.80 8.04
CA SER A 821 15.60 25.02 8.40
C SER A 821 15.71 25.07 9.92
N ASP A 822 14.63 24.75 10.63
CA ASP A 822 14.62 24.83 12.11
C ASP A 822 15.62 23.83 12.71
N HIS A 823 15.68 22.60 12.17
CA HIS A 823 16.62 21.57 12.69
C HIS A 823 17.71 21.36 11.65
N LYS A 824 18.97 21.53 12.03
CA LYS A 824 20.09 21.41 11.06
C LYS A 824 20.76 20.05 11.21
N ALA A 825 21.36 19.54 10.14
CA ALA A 825 22.00 18.21 10.19
C ALA A 825 23.13 18.28 11.22
N GLY A 826 23.24 17.26 12.07
CA GLY A 826 24.26 17.31 13.12
C GLY A 826 23.69 16.97 14.48
N LYS A 827 24.18 17.64 15.52
CA LYS A 827 23.70 17.39 16.90
C LYS A 827 22.20 17.71 16.96
N ALA A 828 21.77 18.80 16.34
CA ALA A 828 20.35 19.20 16.50
C ALA A 828 19.41 18.13 15.92
N LEU A 829 19.66 17.64 14.72
CA LEU A 829 18.71 16.67 14.11
C LEU A 829 18.74 15.40 14.96
N ASN A 830 19.93 14.97 15.37
CA ASN A 830 20.04 13.71 16.14
C ASN A 830 19.29 13.87 17.46
N ASP A 831 19.40 15.03 18.11
CA ASP A 831 18.64 15.27 19.37
C ASP A 831 17.13 15.31 19.11
N PHE A 832 16.69 15.99 18.05
CA PHE A 832 15.24 16.13 17.82
C PHE A 832 14.66 14.75 17.51
N VAL A 833 15.37 13.94 16.73
CA VAL A 833 14.82 12.61 16.33
C VAL A 833 14.89 11.65 17.51
N GLU A 834 16.01 11.57 18.24
CA GLU A 834 16.08 10.58 19.29
C GLU A 834 14.99 10.79 20.34
N GLU A 835 14.87 12.02 20.83
CA GLU A 835 13.87 12.30 21.86
C GLU A 835 12.46 12.09 21.34
N ASN A 836 12.18 12.55 20.12
CA ASN A 836 10.84 12.40 19.57
C ASN A 836 10.52 10.94 19.28
N ALA A 837 11.52 10.15 18.90
CA ALA A 837 11.30 8.72 18.69
C ALA A 837 11.02 8.02 20.02
N ARG A 838 11.74 8.39 21.08
CA ARG A 838 11.42 7.83 22.39
C ARG A 838 10.00 8.18 22.82
N GLU A 839 9.60 9.43 22.59
CA GLU A 839 8.25 9.83 22.96
C GLU A 839 7.20 9.09 22.15
N THR A 840 7.43 8.90 20.84
CA THR A 840 6.47 8.18 20.01
C THR A 840 6.39 6.72 20.41
N ALA A 841 7.53 6.11 20.74
CA ALA A 841 7.51 4.73 21.25
C ALA A 841 6.70 4.64 22.53
N LYS A 842 6.90 5.61 23.45
CA LYS A 842 6.13 5.60 24.68
C LYS A 842 4.63 5.75 24.42
N ARG A 843 4.27 6.61 23.46
CA ARG A 843 2.85 6.81 23.16
C ARG A 843 2.23 5.57 22.55
N GLN A 844 2.92 4.91 21.60
CA GLN A 844 2.39 3.68 21.02
C GLN A 844 2.29 2.59 22.08
N ARG A 845 3.26 2.52 22.98
CA ARG A 845 3.21 1.55 24.06
C ARG A 845 2.01 1.80 24.96
N ASP A 846 1.73 3.05 25.28
CA ASP A 846 0.56 3.37 26.10
C ASP A 846 -0.72 3.01 25.37
N HIS A 847 -0.79 3.27 24.07
CA HIS A 847 -1.98 2.94 23.29
C HIS A 847 -2.24 1.44 23.32
N TYR A 848 -1.21 0.63 23.08
CA TYR A 848 -1.41 -0.82 23.07
C TYR A 848 -1.61 -1.37 24.48
N ASP A 849 -1.05 -0.71 25.50
CA ASP A 849 -1.38 -1.07 26.86
C ASP A 849 -2.87 -0.88 27.13
N TYR A 850 -3.43 0.24 26.66
CA TYR A 850 -4.86 0.48 26.80
C TYR A 850 -5.66 -0.59 26.06
N TRP A 851 -5.29 -0.86 24.81
CA TRP A 851 -6.06 -1.82 24.03
C TRP A 851 -5.90 -3.25 24.54
N TYR A 852 -4.81 -3.53 25.26
CA TYR A 852 -4.65 -4.84 25.88
C TYR A 852 -5.47 -4.94 27.17
N ARG A 853 -5.56 -3.84 27.92
CA ARG A 853 -6.38 -3.85 29.12
C ARG A 853 -7.86 -3.93 28.79
N ILE A 854 -8.26 -3.36 27.65
CA ILE A 854 -9.68 -3.35 27.30
C ILE A 854 -10.14 -4.74 26.87
N LEU A 855 -9.47 -5.32 25.88
CA LEU A 855 -9.87 -6.63 25.36
C LEU A 855 -9.61 -7.71 26.40
N ASP A 856 -10.67 -8.39 26.83
CA ASP A 856 -10.55 -9.45 27.83
C ASP A 856 -11.14 -10.76 27.36
N GLU A 857 -11.53 -10.88 26.09
CA GLU A 857 -12.11 -12.11 25.55
C GLU A 857 -11.05 -13.07 25.04
N GLN A 858 -9.85 -13.05 25.61
CA GLN A 858 -8.72 -13.88 25.22
C GLN A 858 -8.28 -13.65 23.78
N SER A 859 -8.77 -12.59 23.14
CA SER A 859 -8.21 -12.15 21.87
C SER A 859 -7.03 -11.23 22.06
N ARG A 860 -6.71 -10.85 23.30
CA ARG A 860 -5.56 -10.01 23.56
C ARG A 860 -4.25 -10.73 23.23
N GLU A 861 -4.26 -12.06 23.25
CA GLU A 861 -3.07 -12.83 22.92
C GLU A 861 -2.67 -12.70 21.45
N LYS A 862 -3.51 -12.06 20.63
CA LYS A 862 -3.21 -11.87 19.22
C LYS A 862 -2.70 -10.45 18.92
N LEU A 863 -2.50 -9.63 19.95
CA LEU A 863 -1.95 -8.29 19.74
C LEU A 863 -0.42 -8.34 19.77
N TYR A 864 0.17 -9.36 19.16
CA TYR A 864 1.61 -9.47 19.07
C TYR A 864 2.10 -9.57 17.63
N ARG A 865 1.22 -9.34 16.65
CA ARG A 865 1.64 -9.35 15.26
C ARG A 865 2.56 -8.17 15.00
N THR A 866 3.41 -8.31 13.98
CA THR A 866 4.38 -7.29 13.63
C THR A 866 4.03 -6.72 12.25
N ILE A 867 3.91 -5.39 12.18
CA ILE A 867 3.58 -4.70 10.93
C ILE A 867 4.41 -3.42 10.87
N LEU A 868 5.16 -3.26 9.79
CA LEU A 868 6.12 -2.17 9.68
C LEU A 868 5.39 -0.84 9.49
N LEU A 869 6.06 0.25 9.86
CA LEU A 869 5.46 1.60 9.75
C LEU A 869 6.45 2.48 8.98
N TYR A 870 6.65 2.23 7.69
CA TYR A 870 7.68 2.97 6.93
C TYR A 870 7.34 4.45 6.91
N ASP A 871 8.35 5.31 6.91
CA ASP A 871 8.13 6.77 6.79
C ASP A 871 8.01 7.16 5.33
N ALA A 872 7.83 8.45 5.04
CA ALA A 872 7.52 8.92 3.67
C ALA A 872 8.58 8.67 2.59
N TYR A 873 9.88 8.78 2.89
CA TYR A 873 10.98 8.74 1.87
C TYR A 873 11.09 10.15 1.29
N LYS A 874 10.28 11.09 1.78
CA LYS A 874 10.34 12.50 1.31
C LYS A 874 11.36 13.25 2.17
N PHE A 875 12.64 13.18 1.81
CA PHE A 875 13.69 13.79 2.65
C PHE A 875 13.79 15.30 2.42
N GLY A 876 14.29 16.04 3.41
CA GLY A 876 14.39 17.48 3.31
C GLY A 876 15.77 18.03 3.58
N ASP A 877 16.27 18.87 2.67
CA ASP A 877 17.55 19.51 2.86
C ASP A 877 17.44 20.62 3.90
N ASP A 878 18.60 21.13 4.32
CA ASP A 878 18.63 22.18 5.32
C ASP A 878 18.04 23.49 4.82
N THR A 879 17.92 23.66 3.50
CA THR A 879 17.34 24.87 2.93
C THR A 879 15.82 24.85 2.93
N THR A 880 15.21 23.67 2.99
CA THR A 880 13.76 23.57 2.97
C THR A 880 13.16 24.16 4.24
N SER A 881 12.09 24.94 4.08
CA SER A 881 11.47 25.60 5.21
C SER A 881 10.77 24.60 6.12
N GLY A 882 9.81 23.86 5.59
CA GLY A 882 9.12 22.85 6.37
C GLY A 882 9.43 21.45 5.89
N LYS A 883 8.58 20.48 6.22
CA LYS A 883 8.75 19.12 5.72
C LYS A 883 8.71 19.12 4.20
N ALA A 884 9.84 18.81 3.57
CA ALA A 884 9.94 18.90 2.12
C ALA A 884 9.07 17.84 1.45
N THR A 885 8.65 18.12 0.22
CA THR A 885 7.76 17.18 -0.47
C THR A 885 8.48 16.48 -1.63
N ALA A 886 9.80 16.58 -1.68
CA ALA A 886 10.58 15.95 -2.76
C ALA A 886 10.62 14.43 -2.57
N GLU A 887 9.73 13.69 -3.21
CA GLU A 887 9.82 12.21 -3.08
C GLU A 887 11.18 11.79 -3.63
N ALA A 888 11.92 10.94 -2.91
CA ALA A 888 13.20 10.44 -3.45
C ALA A 888 12.93 9.42 -4.54
N LYS A 889 13.86 9.26 -5.49
CA LYS A 889 13.62 8.36 -6.64
C LYS A 889 14.41 7.04 -6.51
N PHE A 890 14.94 6.75 -5.32
CA PHE A 890 15.70 5.49 -5.06
C PHE A 890 17.13 5.65 -5.56
N ASP A 891 17.44 6.81 -6.16
CA ASP A 891 18.84 7.05 -6.57
C ASP A 891 19.35 8.23 -5.74
N SER A 892 18.58 8.66 -4.74
CA SER A 892 18.95 9.87 -3.97
C SER A 892 20.27 9.68 -3.24
N SER A 893 21.06 10.75 -3.17
CA SER A 893 22.36 10.71 -2.48
C SER A 893 22.14 10.63 -0.97
N ASN A 894 20.90 10.88 -0.51
CA ASN A 894 20.68 10.93 0.95
C ASN A 894 21.19 9.63 1.55
N PRO A 895 22.02 9.61 2.61
CA PRO A 895 22.59 8.38 3.11
C PRO A 895 21.52 7.32 3.43
N ALA A 896 20.37 7.72 3.95
CA ALA A 896 19.37 6.72 4.35
C ALA A 896 18.91 5.93 3.13
N MET A 897 18.62 6.62 2.02
CA MET A 897 18.12 5.92 0.82
C MET A 897 19.21 5.01 0.26
N LYS A 898 20.44 5.50 0.17
CA LYS A 898 21.53 4.70 -0.43
C LYS A 898 21.88 3.48 0.42
N ASN A 899 21.89 3.62 1.75
CA ASN A 899 22.39 2.49 2.59
C ASN A 899 21.29 1.64 3.24
N PHE A 900 20.03 2.08 3.31
CA PHE A 900 19.02 1.19 3.95
C PHE A 900 17.69 1.14 3.20
N PHE A 901 16.97 2.25 3.15
CA PHE A 901 15.61 2.20 2.55
C PHE A 901 15.70 1.74 1.09
N GLY A 902 16.68 2.22 0.34
CA GLY A 902 16.85 1.74 -1.04
C GLY A 902 17.24 0.28 -1.15
N PRO A 903 18.22 -0.24 -0.39
CA PRO A 903 18.53 -1.67 -0.42
C PRO A 903 17.32 -2.53 -0.05
N VAL A 904 16.56 -2.17 0.99
CA VAL A 904 15.31 -2.93 1.27
C VAL A 904 14.23 -2.31 0.40
N GLY A 905 14.19 -2.69 -0.88
CA GLY A 905 13.26 -2.02 -1.80
C GLY A 905 11.82 -2.21 -1.36
N ASN A 906 11.06 -1.12 -1.34
CA ASN A 906 9.63 -1.17 -0.98
C ASN A 906 8.98 0.03 -1.68
N LYS A 907 8.86 -0.05 -3.01
CA LYS A 907 8.31 1.11 -3.76
C LYS A 907 6.93 1.44 -3.18
N VAL A 908 6.76 2.64 -2.63
CA VAL A 908 5.48 3.05 -1.98
C VAL A 908 4.85 4.10 -2.89
N VAL A 909 3.53 4.26 -2.88
CA VAL A 909 2.91 5.21 -3.85
C VAL A 909 3.40 6.63 -3.57
N HIS A 910 3.61 7.00 -2.31
CA HIS A 910 4.19 8.32 -1.93
C HIS A 910 3.48 9.55 -2.54
N ASN A 911 2.16 9.65 -2.42
CA ASN A 911 1.48 10.90 -2.86
C ASN A 911 1.79 11.98 -1.82
N GLN A 912 1.56 13.25 -2.13
CA GLN A 912 1.97 14.35 -1.22
C GLN A 912 1.28 14.32 0.15
N HIS A 913 -0.03 14.07 0.22
CA HIS A 913 -0.69 14.18 1.55
C HIS A 913 -1.53 12.94 1.88
N GLY A 914 -1.55 12.55 3.16
CA GLY A 914 -2.42 11.45 3.58
C GLY A 914 -1.64 10.23 4.04
N ALA A 915 -2.28 9.34 4.79
CA ALA A 915 -1.65 8.11 5.24
C ALA A 915 -2.59 6.94 4.97
N TYR A 916 -2.03 5.83 4.50
CA TYR A 916 -2.82 4.66 4.13
C TYR A 916 -2.20 3.41 4.73
N ALA A 917 -3.04 2.44 5.06
CA ALA A 917 -2.60 1.17 5.64
C ALA A 917 -2.90 0.06 4.65
N THR A 918 -1.83 -0.53 4.09
CA THR A 918 -1.96 -1.55 3.07
C THR A 918 -2.49 -2.88 3.60
N GLY A 919 -2.87 -2.96 4.87
CA GLY A 919 -3.35 -4.21 5.42
C GLY A 919 -2.26 -5.01 6.12
N ASP A 920 -1.07 -5.02 5.53
CA ASP A 920 0.09 -5.66 6.13
C ASP A 920 1.09 -4.66 6.68
N GLY A 921 0.82 -3.37 6.56
CA GLY A 921 1.70 -2.33 7.06
C GLY A 921 1.00 -1.01 7.11
N VAL A 922 1.75 0.02 7.48
CA VAL A 922 1.26 1.39 7.57
C VAL A 922 2.31 2.31 6.99
N TYR A 923 1.89 3.28 6.18
CA TYR A 923 2.80 4.20 5.53
C TYR A 923 2.35 5.64 5.79
N TYR A 924 3.29 6.47 6.22
CA TYR A 924 3.04 7.89 6.47
C TYR A 924 3.62 8.69 5.31
N MET A 925 2.76 9.41 4.59
CA MET A 925 3.25 10.24 3.49
C MET A 925 3.33 11.71 3.89
N SER A 926 2.36 12.22 4.66
CA SER A 926 2.37 13.60 5.11
C SER A 926 2.56 13.72 6.62
N TYR A 927 1.76 13.02 7.41
CA TYR A 927 1.90 13.06 8.85
C TYR A 927 3.23 12.44 9.26
N ARG A 928 4.10 13.24 9.86
CA ARG A 928 5.37 12.73 10.34
C ARG A 928 5.14 11.82 11.54
N MET A 929 5.89 10.71 11.59
CA MET A 929 5.63 9.68 12.60
C MET A 929 6.00 10.17 14.00
N LEU A 930 6.93 11.11 14.10
CA LEU A 930 7.41 11.51 15.42
C LEU A 930 6.61 12.65 16.03
N ASP A 931 5.97 13.48 15.21
CA ASP A 931 5.20 14.59 15.74
C ASP A 931 4.03 14.09 16.56
N LYS A 932 3.50 14.97 17.42
CA LYS A 932 2.36 14.60 18.25
C LYS A 932 1.14 14.26 17.42
N ASP A 933 1.02 14.85 16.23
CA ASP A 933 -0.04 14.47 15.30
C ASP A 933 0.26 13.16 14.60
N GLY A 934 1.43 12.55 14.84
CA GLY A 934 1.74 11.27 14.24
C GLY A 934 1.00 10.11 14.88
N ALA A 935 0.74 10.21 16.19
CA ALA A 935 0.03 9.13 16.88
C ALA A 935 -1.47 9.16 16.63
N ILE A 936 -2.04 10.34 16.45
CA ILE A 936 -3.46 10.44 16.11
C ILE A 936 -3.74 9.83 14.75
N THR A 937 -2.75 9.86 13.86
CA THR A 937 -2.88 9.14 12.60
C THR A 937 -2.46 7.67 12.75
N TYR A 938 -1.57 7.40 13.71
CA TYR A 938 -1.14 6.03 13.95
C TYR A 938 -2.29 5.16 14.40
N THR A 939 -3.12 5.67 15.30
CA THR A 939 -4.26 4.89 15.78
C THR A 939 -5.27 4.66 14.66
N HIS A 940 -5.49 5.66 13.81
CA HIS A 940 -6.41 5.47 12.66
C HIS A 940 -5.87 4.36 11.75
N ALA A 941 -4.59 4.46 11.37
CA ALA A 941 -4.04 3.47 10.42
C ALA A 941 -4.07 2.07 11.04
N MET A 942 -3.72 1.94 12.32
CA MET A 942 -3.72 0.61 12.97
C MET A 942 -5.14 0.05 12.98
N THR A 943 -6.14 0.89 13.22
CA THR A 943 -7.54 0.40 13.27
C THR A 943 -7.91 -0.15 11.90
N HIS A 944 -7.55 0.53 10.81
CA HIS A 944 -7.82 -0.01 9.45
C HIS A 944 -7.03 -1.31 9.28
N ASP A 945 -5.77 -1.33 9.71
CA ASP A 945 -4.90 -2.51 9.49
C ASP A 945 -5.40 -3.74 10.25
N SER A 946 -5.83 -3.58 11.50
CA SER A 946 -6.19 -4.79 12.28
C SER A 946 -7.54 -4.64 12.99
N ASP A 947 -8.62 -4.48 12.23
CA ASP A 947 -9.97 -4.42 12.85
C ASP A 947 -10.74 -5.68 12.50
N GLN A 948 -10.10 -6.69 11.92
CA GLN A 948 -10.87 -7.87 11.47
C GLN A 948 -10.73 -8.99 12.50
N ASP A 949 -9.57 -9.08 13.15
CA ASP A 949 -9.31 -10.11 14.14
C ASP A 949 -8.59 -9.60 15.38
N ILE A 950 -8.59 -8.29 15.64
CA ILE A 950 -7.88 -7.76 16.80
C ILE A 950 -8.83 -6.94 17.65
N TYR A 951 -9.18 -5.74 17.19
CA TYR A 951 -10.02 -4.85 17.99
C TYR A 951 -11.41 -5.43 18.19
N LEU A 952 -11.97 -6.04 17.16
CA LEU A 952 -13.22 -6.75 17.33
C LEU A 952 -12.98 -8.06 18.09
N GLY A 953 -14.07 -8.72 18.47
CA GLY A 953 -13.97 -9.95 19.24
C GLY A 953 -13.25 -11.06 18.51
N GLY A 954 -13.11 -10.95 17.20
CA GLY A 954 -12.48 -11.98 16.39
C GLY A 954 -13.20 -12.16 15.08
N TYR A 955 -14.43 -11.67 15.01
CA TYR A 955 -15.23 -11.75 13.79
C TYR A 955 -14.94 -10.54 12.91
N GLY A 956 -15.17 -10.73 11.62
CA GLY A 956 -14.86 -9.70 10.64
C GLY A 956 -15.76 -8.49 10.77
N ARG A 957 -15.46 -7.50 9.93
CA ARG A 957 -16.28 -6.29 9.86
C ARG A 957 -17.70 -6.63 9.43
N ARG A 958 -18.62 -5.72 9.73
CA ARG A 958 -19.99 -5.89 9.25
C ARG A 958 -20.01 -5.79 7.73
N ASN A 959 -20.99 -6.47 7.13
CA ASN A 959 -21.03 -6.55 5.67
C ASN A 959 -21.21 -5.19 5.03
N GLY A 960 -22.03 -4.33 5.63
CA GLY A 960 -22.30 -3.03 5.06
C GLY A 960 -21.28 -1.97 5.41
N LEU A 961 -20.84 -1.95 6.66
CA LEU A 961 -19.88 -0.95 7.11
C LEU A 961 -18.54 -1.15 6.41
N GLY A 962 -17.94 -0.05 5.98
CA GLY A 962 -16.68 -0.10 5.29
C GLY A 962 -15.50 0.06 6.23
N PRO A 963 -14.28 0.15 5.68
CA PRO A 963 -13.11 0.30 6.54
C PRO A 963 -13.01 1.66 7.21
N GLU A 964 -13.58 2.69 6.61
CA GLU A 964 -13.53 4.03 7.20
C GLU A 964 -14.57 4.25 8.28
N PHE A 965 -15.44 3.26 8.54
CA PHE A 965 -16.46 3.44 9.56
C PHE A 965 -15.90 3.18 10.96
N PHE A 966 -15.07 2.15 11.06
CA PHE A 966 -14.56 1.75 12.40
C PHE A 966 -13.35 2.58 12.77
N ALA A 967 -13.04 3.66 12.05
CA ALA A 967 -11.79 4.39 12.38
C ALA A 967 -12.01 5.86 12.72
N LYS A 968 -12.44 6.69 11.77
CA LYS A 968 -12.50 8.14 12.07
C LYS A 968 -13.48 8.45 13.20
N GLY A 969 -14.70 7.92 13.13
CA GLY A 969 -15.70 8.15 14.17
C GLY A 969 -15.45 7.42 15.47
N LEU A 970 -15.08 6.15 15.39
CA LEU A 970 -14.93 5.33 16.62
C LEU A 970 -13.60 4.59 16.63
N LEU A 971 -13.13 4.19 17.81
CA LEU A 971 -11.85 3.46 17.93
C LEU A 971 -10.70 4.31 17.41
N GLN A 972 -10.74 5.62 17.59
CA GLN A 972 -9.58 6.49 17.22
C GLN A 972 -9.40 7.54 18.32
N ALA A 973 -8.17 7.98 18.58
CA ALA A 973 -7.94 9.08 19.53
C ALA A 973 -8.41 10.38 18.90
N PRO A 974 -8.85 11.41 19.64
CA PRO A 974 -9.36 12.62 19.01
C PRO A 974 -8.26 13.37 18.25
N ASP A 975 -8.62 14.11 17.19
CA ASP A 975 -7.64 14.85 16.39
C ASP A 975 -7.00 15.97 17.19
N GLN A 976 -7.76 16.63 18.05
CA GLN A 976 -7.28 17.69 18.90
C GLN A 976 -7.87 17.53 20.28
N PRO A 977 -7.19 18.02 21.33
CA PRO A 977 -7.78 17.93 22.67
C PRO A 977 -9.09 18.71 22.79
N SER A 978 -9.11 19.95 22.31
CA SER A 978 -10.31 20.78 22.39
C SER A 978 -11.41 20.35 21.43
N ASP A 979 -11.24 19.24 20.71
CA ASP A 979 -12.26 18.80 19.77
C ASP A 979 -13.53 18.39 20.51
N ALA A 980 -14.66 18.84 20.00
CA ALA A 980 -15.96 18.50 20.59
C ALA A 980 -16.55 17.29 19.86
N THR A 981 -15.86 16.17 20.02
CA THR A 981 -16.27 14.91 19.42
C THR A 981 -16.27 13.80 20.47
N ILE A 982 -17.05 12.75 20.20
CA ILE A 982 -17.16 11.62 21.11
C ILE A 982 -16.06 10.64 20.71
N THR A 983 -14.91 10.75 21.37
CA THR A 983 -13.79 9.86 21.13
C THR A 983 -13.19 9.43 22.47
N ILE A 984 -12.21 8.54 22.38
CA ILE A 984 -11.53 7.99 23.54
C ILE A 984 -10.04 8.29 23.43
N ASN A 985 -9.54 9.17 24.29
CA ASN A 985 -8.15 9.60 24.25
C ASN A 985 -7.28 8.49 24.79
N SER A 986 -6.85 7.59 23.89
CA SER A 986 -6.12 6.40 24.30
C SER A 986 -4.61 6.56 24.17
N ILE A 987 -4.13 7.58 23.48
CA ILE A 987 -2.70 7.73 23.25
C ILE A 987 -2.13 8.93 23.99
N LEU A 988 -2.51 10.12 23.54
CA LEU A 988 -1.90 11.34 24.02
C LEU A 988 -2.08 11.50 25.53
N LYS A 989 -0.96 11.68 26.22
CA LYS A 989 -0.94 11.95 27.66
C LYS A 989 -0.44 13.38 27.84
N HIS A 990 -1.34 14.28 28.20
CA HIS A 990 -1.03 15.70 28.35
C HIS A 990 -1.38 16.13 29.77
N SER A 991 -0.38 16.61 30.51
CA SER A 991 -0.59 17.03 31.88
C SER A 991 -1.29 18.38 31.93
N LYS A 992 -1.71 18.80 33.14
CA LYS A 992 -2.48 20.05 33.26
C LYS A 992 -1.54 21.26 33.14
N SER A 993 -0.23 20.99 33.11
CA SER A 993 0.77 22.08 33.03
C SER A 993 0.61 22.85 31.72
N ASP A 994 0.30 22.15 30.63
CA ASP A 994 0.21 22.80 29.30
C ASP A 994 -1.01 23.74 29.27
N SER A 995 -1.02 24.71 28.35
CA SER A 995 -2.16 25.65 28.21
C SER A 995 -3.36 24.89 27.64
N THR A 996 -3.14 23.65 27.20
CA THR A 996 -4.22 22.82 26.62
C THR A 996 -5.28 22.52 27.69
N GLU A 997 -4.97 22.78 28.95
CA GLU A 997 -5.92 22.50 30.06
C GLU A 997 -7.19 23.28 29.76
N GLY A 998 -7.08 24.50 29.24
CA GLY A 998 -8.29 25.20 28.82
C GLY A 998 -8.94 24.41 27.70
N SER A 999 -10.25 24.18 27.77
CA SER A 999 -10.95 23.34 26.76
C SER A 999 -10.29 21.97 26.61
N ARG A 1000 -10.02 21.28 27.74
CA ARG A 1000 -9.47 19.90 27.64
C ARG A 1000 -10.48 19.01 26.94
N LEU A 1001 -11.75 18.97 27.38
CA LEU A 1001 -12.82 18.22 26.67
C LEU A 1001 -12.38 16.81 26.28
N GLN A 1002 -11.63 16.08 27.11
CA GLN A 1002 -11.12 14.73 26.78
C GLN A 1002 -10.54 14.08 28.05
N VAL A 1003 -9.88 12.93 27.92
CA VAL A 1003 -9.31 12.23 29.06
C VAL A 1003 -7.93 12.82 29.38
N LEU A 1004 -7.66 12.99 30.67
CA LEU A 1004 -6.37 13.51 31.09
C LEU A 1004 -5.25 12.51 30.80
N ASP A 1005 -5.37 11.30 31.31
CA ASP A 1005 -4.34 10.28 31.17
C ASP A 1005 -4.98 9.00 30.66
N PRO A 1006 -4.48 8.40 29.57
CA PRO A 1006 -5.14 7.20 29.05
C PRO A 1006 -4.85 5.95 29.87
N THR A 1007 -3.60 5.72 30.26
CA THR A 1007 -3.27 4.49 30.98
C THR A 1007 -3.79 4.54 32.42
N GLU A 1008 -4.01 5.73 32.96
CA GLU A 1008 -4.48 5.85 34.33
C GLU A 1008 -5.99 5.62 34.40
N ARG A 1009 -6.75 6.18 33.46
CA ARG A 1009 -8.20 6.12 33.56
C ARG A 1009 -8.74 4.74 33.20
N PHE A 1010 -8.16 4.10 32.20
CA PHE A 1010 -8.68 2.83 31.68
C PHE A 1010 -7.82 1.68 32.21
N GLN A 1011 -8.40 0.89 33.12
CA GLN A 1011 -7.74 -0.29 33.66
C GLN A 1011 -8.34 -1.61 33.19
N ASN A 1012 -9.56 -1.59 32.68
CA ASN A 1012 -10.23 -2.79 32.18
C ASN A 1012 -11.46 -2.33 31.39
N ALA A 1013 -12.19 -3.31 30.84
CA ALA A 1013 -13.38 -3.00 30.08
C ALA A 1013 -14.44 -2.30 30.93
N ALA A 1014 -14.51 -2.66 32.22
CA ALA A 1014 -15.48 -2.02 33.10
C ALA A 1014 -15.20 -0.54 33.24
N ASP A 1015 -13.93 -0.14 33.28
CA ASP A 1015 -13.60 1.27 33.40
C ASP A 1015 -14.01 2.04 32.15
N LEU A 1016 -13.78 1.46 30.97
CA LEU A 1016 -14.21 2.11 29.74
C LEU A 1016 -15.74 2.22 29.69
N GLN A 1017 -16.44 1.16 30.08
CA GLN A 1017 -17.90 1.22 30.09
C GLN A 1017 -18.39 2.29 31.04
N ASN A 1018 -17.78 2.40 32.23
CA ASN A 1018 -18.21 3.41 33.19
C ASN A 1018 -17.91 4.82 32.69
N TYR A 1019 -16.75 5.01 32.06
CA TYR A 1019 -16.42 6.33 31.51
C TYR A 1019 -17.42 6.74 30.45
N VAL A 1020 -17.70 5.84 29.49
CA VAL A 1020 -18.66 6.18 28.44
C VAL A 1020 -20.04 6.37 29.03
N HIS A 1021 -20.39 5.60 30.06
CA HIS A 1021 -21.70 5.73 30.69
C HIS A 1021 -21.87 7.09 31.32
N ASN A 1022 -20.87 7.56 32.05
CA ASN A 1022 -20.97 8.88 32.67
C ASN A 1022 -20.95 9.99 31.63
N MET A 1023 -20.09 9.87 30.62
CA MET A 1023 -20.03 10.87 29.56
C MET A 1023 -21.39 10.99 28.86
N PHE A 1024 -21.99 9.86 28.51
CA PHE A 1024 -23.28 9.90 27.86
C PHE A 1024 -24.41 10.25 28.81
N ASP A 1025 -24.24 10.04 30.11
CA ASP A 1025 -25.21 10.58 31.06
C ASP A 1025 -25.24 12.10 31.00
N LEU A 1026 -24.06 12.72 31.06
CA LEU A 1026 -24.00 14.17 30.94
C LEU A 1026 -24.51 14.64 29.58
N ILE A 1027 -24.15 13.93 28.52
CA ILE A 1027 -24.59 14.31 27.18
C ILE A 1027 -26.10 14.21 27.06
N TYR A 1028 -26.69 13.16 27.63
CA TYR A 1028 -28.13 12.99 27.59
C TYR A 1028 -28.83 14.07 28.40
N MET A 1029 -28.26 14.45 29.54
CA MET A 1029 -28.84 15.54 30.31
C MET A 1029 -28.87 16.82 29.49
N MET A 1030 -27.74 17.18 28.88
CA MET A 1030 -27.68 18.40 28.08
C MET A 1030 -28.61 18.32 26.88
N GLU A 1031 -28.70 17.16 26.23
CA GLU A 1031 -29.55 17.02 25.06
C GLU A 1031 -31.02 17.09 25.44
N TYR A 1032 -31.40 16.53 26.59
CA TYR A 1032 -32.78 16.63 27.03
C TYR A 1032 -33.13 18.07 27.40
N LEU A 1033 -32.19 18.79 28.02
CA LEU A 1033 -32.43 20.20 28.30
C LEU A 1033 -32.63 20.99 27.01
N GLU A 1034 -31.77 20.75 26.01
CA GLU A 1034 -31.92 21.45 24.74
C GLU A 1034 -33.24 21.10 24.07
N GLY A 1035 -33.64 19.82 24.14
CA GLY A 1035 -34.91 19.43 23.55
C GLY A 1035 -36.10 20.08 24.23
N GLN A 1036 -36.10 20.11 25.56
CA GLN A 1036 -37.15 20.82 26.27
C GLN A 1036 -37.14 22.31 25.93
N SER A 1037 -35.97 22.86 25.62
CA SER A 1037 -35.92 24.23 25.15
C SER A 1037 -36.49 24.37 23.74
N ILE A 1038 -36.41 23.31 22.94
CA ILE A 1038 -36.86 23.37 21.55
C ILE A 1038 -38.38 23.42 21.48
N VAL A 1039 -39.04 22.46 22.13
CA VAL A 1039 -40.49 22.33 21.98
C VAL A 1039 -41.23 23.40 22.77
N ASN A 1040 -40.59 23.98 23.78
CA ASN A 1040 -41.29 24.93 24.64
C ASN A 1040 -41.10 26.38 24.16
N LYS A 1041 -39.86 26.85 24.09
CA LYS A 1041 -39.55 28.24 23.80
C LYS A 1041 -38.85 28.33 22.44
N LEU A 1042 -39.62 28.16 21.37
CA LEU A 1042 -39.08 28.33 20.03
C LEU A 1042 -40.25 28.48 19.05
N SER A 1043 -40.10 29.42 18.13
CA SER A 1043 -41.13 29.65 17.12
C SER A 1043 -41.05 28.61 16.01
N VAL A 1044 -42.00 28.68 15.09
CA VAL A 1044 -42.08 27.67 14.02
C VAL A 1044 -40.98 27.90 12.99
N TYR A 1045 -40.86 29.14 12.51
CA TYR A 1045 -39.85 29.44 11.49
C TYR A 1045 -38.44 29.20 12.04
N GLN A 1046 -38.22 29.49 13.32
CA GLN A 1046 -36.93 29.18 13.92
C GLN A 1046 -36.74 27.68 14.07
N LYS A 1047 -37.81 26.96 14.41
CA LYS A 1047 -37.71 25.51 14.52
C LYS A 1047 -37.39 24.86 13.18
N MET A 1048 -37.80 25.48 12.08
CA MET A 1048 -37.49 24.94 10.76
C MET A 1048 -35.98 24.89 10.53
N ALA A 1049 -35.30 26.01 10.77
CA ALA A 1049 -33.86 26.08 10.52
C ALA A 1049 -33.04 25.48 11.65
N ALA A 1050 -33.61 25.36 12.85
CA ALA A 1050 -32.83 24.85 13.98
C ALA A 1050 -32.66 23.33 13.93
N LEU A 1051 -33.54 22.63 13.22
CA LEU A 1051 -33.53 21.18 13.20
C LEU A 1051 -33.50 20.67 11.76
N ARG A 1052 -33.12 19.41 11.62
CA ARG A 1052 -33.12 18.71 10.33
C ARG A 1052 -33.64 17.30 10.55
N LYS A 1053 -34.08 16.67 9.47
CA LYS A 1053 -34.61 15.31 9.50
C LYS A 1053 -33.62 14.37 8.83
N ILE A 1054 -33.30 13.26 9.51
CA ILE A 1054 -32.37 12.28 9.00
C ILE A 1054 -33.13 11.03 8.60
N GLU A 1055 -32.79 10.49 7.44
CA GLU A 1055 -33.42 9.28 6.93
C GLU A 1055 -32.36 8.37 6.32
N ASN A 1056 -32.80 7.20 5.86
CA ASN A 1056 -31.91 6.21 5.26
C ASN A 1056 -32.35 5.95 3.83
N LYS A 1057 -31.43 6.14 2.88
CA LYS A 1057 -31.69 5.91 1.47
C LYS A 1057 -30.84 4.73 1.00
N TYR A 1058 -31.46 3.79 0.31
CA TYR A 1058 -30.79 2.60 -0.19
C TYR A 1058 -30.34 2.84 -1.63
N VAL A 1059 -29.05 2.69 -1.88
CA VAL A 1059 -28.47 2.94 -3.19
C VAL A 1059 -27.69 1.71 -3.62
N LYS A 1060 -27.63 1.50 -4.94
CA LYS A 1060 -26.87 0.38 -5.48
C LYS A 1060 -25.38 0.60 -5.32
N ASP A 1061 -24.68 -0.45 -4.87
CA ASP A 1061 -23.24 -0.37 -4.65
C ASP A 1061 -22.50 -1.25 -5.65
N PRO A 1062 -21.32 -0.81 -6.12
CA PRO A 1062 -20.60 -1.61 -7.12
C PRO A 1062 -20.02 -2.90 -6.56
N ALA A 1063 -19.73 -2.96 -5.25
CA ALA A 1063 -19.09 -4.14 -4.68
C ALA A 1063 -20.06 -5.32 -4.63
N ASP A 1064 -21.20 -5.16 -3.97
CA ASP A 1064 -22.19 -6.21 -3.82
C ASP A 1064 -23.44 -5.85 -4.59
N GLY A 1065 -24.08 -6.87 -5.17
CA GLY A 1065 -25.26 -6.64 -5.97
C GLY A 1065 -26.48 -6.22 -5.16
N ASN A 1066 -26.55 -6.66 -3.90
CA ASN A 1066 -27.69 -6.33 -3.07
C ASN A 1066 -27.67 -4.86 -2.68
N GLU A 1067 -28.87 -4.27 -2.60
CA GLU A 1067 -29.04 -2.87 -2.20
C GLU A 1067 -29.64 -2.75 -0.80
N VAL A 1068 -29.27 -3.67 0.10
CA VAL A 1068 -29.78 -3.61 1.46
C VAL A 1068 -29.05 -2.56 2.29
N TYR A 1069 -27.87 -2.13 1.85
CA TYR A 1069 -27.11 -1.15 2.60
C TYR A 1069 -27.80 0.21 2.56
N ALA A 1070 -27.80 0.90 3.70
CA ALA A 1070 -28.47 2.18 3.84
C ALA A 1070 -27.45 3.29 4.07
N THR A 1071 -27.68 4.42 3.42
CA THR A 1071 -26.86 5.61 3.59
C THR A 1071 -27.68 6.71 4.25
N ASN A 1072 -27.08 7.39 5.22
CA ASN A 1072 -27.76 8.44 5.95
C ASN A 1072 -27.88 9.69 5.09
N VAL A 1073 -29.05 10.33 5.15
CA VAL A 1073 -29.32 11.55 4.40
C VAL A 1073 -29.99 12.55 5.32
N VAL A 1074 -29.45 13.76 5.37
CA VAL A 1074 -30.00 14.84 6.19
C VAL A 1074 -30.69 15.83 5.27
N LYS A 1075 -31.92 16.19 5.62
CA LYS A 1075 -32.72 17.08 4.80
C LYS A 1075 -33.41 18.11 5.68
N GLU A 1076 -33.87 19.18 5.04
CA GLU A 1076 -34.62 20.21 5.76
C GLU A 1076 -36.07 19.76 5.94
N LEU A 1077 -36.52 19.72 7.19
CA LEU A 1077 -37.87 19.25 7.47
C LEU A 1077 -38.89 20.28 7.00
N THR A 1078 -40.05 19.78 6.55
CA THR A 1078 -41.10 20.64 6.04
C THR A 1078 -41.83 21.32 7.20
N GLU A 1079 -42.61 22.35 6.86
CA GLU A 1079 -43.37 23.08 7.88
C GLU A 1079 -44.45 22.20 8.49
N ALA A 1080 -45.05 21.31 7.69
CA ALA A 1080 -46.07 20.41 8.21
C ALA A 1080 -45.50 19.49 9.28
N GLU A 1081 -44.24 19.09 9.11
CA GLU A 1081 -43.62 18.26 10.18
C GLU A 1081 -43.22 19.16 11.36
N ALA A 1082 -42.85 20.42 11.09
CA ALA A 1082 -42.35 21.30 12.18
C ALA A 1082 -43.42 21.52 13.25
N ARG A 1083 -44.66 21.79 12.85
CA ARG A 1083 -45.72 22.10 13.84
C ARG A 1083 -46.02 20.86 14.69
N ASN A 1084 -45.74 19.66 14.15
CA ASN A 1084 -46.10 18.40 14.86
C ASN A 1084 -45.02 18.00 15.85
N LEU A 1085 -43.98 18.81 16.04
CA LEU A 1085 -42.84 18.40 16.90
C LEU A 1085 -43.05 18.86 18.34
N ASN A 1086 -44.30 19.14 18.74
CA ASN A 1086 -44.54 19.72 20.10
C ASN A 1086 -44.06 18.78 21.21
N SER A 1087 -44.25 17.46 21.08
CA SER A 1087 -43.87 16.54 22.19
C SER A 1087 -42.36 16.32 22.18
N PHE A 1088 -41.73 16.19 23.36
CA PHE A 1088 -40.28 15.85 23.38
C PHE A 1088 -40.09 14.46 22.76
N GLU A 1089 -41.02 13.56 23.07
CA GLU A 1089 -40.93 12.18 22.54
C GLU A 1089 -40.93 12.28 21.02
N SER A 1090 -41.70 13.22 20.47
CA SER A 1090 -41.82 13.32 19.00
C SER A 1090 -40.45 13.61 18.38
N LEU A 1091 -39.63 14.44 19.03
CA LEU A 1091 -38.27 14.66 18.48
C LEU A 1091 -37.63 13.31 18.17
N ILE A 1092 -37.68 12.36 19.11
CA ILE A 1092 -37.06 11.02 18.89
C ILE A 1092 -37.81 10.29 17.79
N ASP A 1093 -39.14 10.29 17.82
CA ASP A 1093 -39.96 9.51 16.85
C ASP A 1093 -39.85 10.07 15.41
N HIS A 1094 -39.80 11.39 15.25
CA HIS A 1094 -39.79 11.99 13.89
C HIS A 1094 -38.34 12.02 13.38
N ASN A 1095 -37.42 11.44 14.14
CA ASN A 1095 -35.99 11.35 13.73
C ASN A 1095 -35.42 12.72 13.35
N ILE A 1096 -35.43 13.67 14.27
CA ILE A 1096 -34.86 15.02 14.00
C ILE A 1096 -33.49 15.18 14.69
N LEU A 1097 -32.54 15.87 14.06
CA LEU A 1097 -31.18 16.09 14.63
C LEU A 1097 -30.83 17.58 14.55
N SER A 1098 -30.00 18.08 15.46
CA SER A 1098 -29.68 19.53 15.49
C SER A 1098 -28.83 19.91 14.28
N ALA A 1099 -29.03 21.11 13.73
CA ALA A 1099 -28.32 21.52 12.51
C ALA A 1099 -27.10 22.36 12.85
N ARG A 1100 -26.81 22.52 14.13
CA ARG A 1100 -25.70 23.43 14.52
C ARG A 1100 -24.38 22.90 13.94
N GLU A 1101 -24.15 21.58 13.97
CA GLU A 1101 -22.84 21.07 13.50
C GLU A 1101 -22.99 20.10 12.33
N TYR A 1102 -24.22 19.72 11.97
CA TYR A 1102 -24.39 18.70 10.89
C TYR A 1102 -24.86 19.38 9.61
N GLN A 1103 -24.17 19.16 8.49
CA GLN A 1103 -24.51 19.83 7.25
C GLN A 1103 -25.87 19.37 6.73
N SER A 1104 -26.46 20.19 5.87
CA SER A 1104 -27.78 19.91 5.30
C SER A 1104 -27.71 19.02 4.07
N GLY A 1105 -26.52 18.66 3.60
CA GLY A 1105 -26.40 17.79 2.45
C GLY A 1105 -26.45 16.32 2.82
N ASP A 1106 -26.69 15.50 1.80
CA ASP A 1106 -26.76 14.06 2.00
C ASP A 1106 -25.37 13.51 2.31
N TYR A 1107 -25.31 12.55 3.22
CA TYR A 1107 -24.06 11.92 3.59
C TYR A 1107 -23.79 10.71 2.70
N GLU A 1108 -22.56 10.22 2.74
CA GLU A 1108 -22.12 9.10 1.93
C GLU A 1108 -21.66 7.97 2.83
N ARG A 1109 -21.59 6.77 2.26
CA ARG A 1109 -21.07 5.63 2.99
C ARG A 1109 -19.55 5.58 2.91
N ASN A 1110 -18.94 5.10 4.00
CA ASN A 1110 -17.48 5.03 4.12
C ASN A 1110 -16.85 6.42 3.99
N GLY A 1111 -17.38 7.37 4.75
CA GLY A 1111 -16.88 8.73 4.73
C GLY A 1111 -16.31 9.16 6.07
N TYR A 1112 -15.49 10.22 6.06
CA TYR A 1112 -14.88 10.73 7.29
C TYR A 1112 -15.89 11.59 8.04
N TYR A 1113 -16.92 10.93 8.57
CA TYR A 1113 -17.99 11.58 9.30
C TYR A 1113 -17.92 11.16 10.76
N THR A 1114 -17.87 12.13 11.66
CA THR A 1114 -17.87 11.86 13.09
C THR A 1114 -18.98 12.67 13.75
N ILE A 1115 -19.54 12.11 14.82
CA ILE A 1115 -20.62 12.78 15.54
C ILE A 1115 -20.01 13.77 16.53
N LYS A 1116 -20.60 14.95 16.60
CA LYS A 1116 -20.12 15.97 17.52
C LYS A 1116 -20.58 15.66 18.94
N LEU A 1117 -19.80 16.11 19.92
CA LEU A 1117 -20.09 15.80 21.31
C LEU A 1117 -21.33 16.54 21.79
N PHE A 1118 -21.46 17.83 21.46
CA PHE A 1118 -22.54 18.66 21.98
C PHE A 1118 -23.70 18.80 21.01
N ALA A 1119 -23.56 18.33 19.77
CA ALA A 1119 -24.66 18.41 18.81
C ALA A 1119 -25.62 17.25 19.04
N PRO A 1120 -26.83 17.50 19.50
CA PRO A 1120 -27.74 16.42 19.86
C PRO A 1120 -28.22 15.67 18.63
N ILE A 1121 -28.43 14.36 18.82
CA ILE A 1121 -29.04 13.52 17.80
C ILE A 1121 -30.18 12.74 18.44
N TYR A 1122 -31.31 13.43 18.64
CA TYR A 1122 -32.45 12.79 19.33
C TYR A 1122 -32.91 11.62 18.47
N SER A 1123 -32.41 11.54 17.24
CA SER A 1123 -32.92 10.51 16.31
C SER A 1123 -32.50 9.10 16.73
N ALA A 1124 -33.42 8.15 16.62
CA ALA A 1124 -33.09 6.73 16.90
C ALA A 1124 -33.23 5.97 15.59
N LEU A 1125 -33.12 6.69 14.47
CA LEU A 1125 -33.29 6.08 13.13
C LEU A 1125 -32.52 4.76 13.08
N SER A 1126 -33.21 3.68 12.75
CA SER A 1126 -32.49 2.39 12.60
C SER A 1126 -32.93 1.78 11.29
N SER A 1127 -32.02 1.13 10.58
CA SER A 1127 -32.49 0.45 9.35
C SER A 1127 -33.07 -0.89 9.73
N GLU A 1128 -34.31 -1.16 9.33
CA GLU A 1128 -34.87 -2.52 9.56
C GLU A 1128 -34.09 -3.41 8.61
N LYS A 1129 -33.39 -2.79 7.65
CA LYS A 1129 -32.50 -3.55 6.73
C LYS A 1129 -31.15 -3.76 7.41
N GLY A 1130 -30.20 -4.42 6.75
CA GLY A 1130 -28.94 -4.82 7.40
C GLY A 1130 -28.01 -3.75 7.95
N THR A 1131 -27.78 -2.65 7.24
CA THR A 1131 -26.75 -1.72 7.76
C THR A 1131 -27.36 -0.34 8.06
N PRO A 1132 -27.09 0.24 9.24
CA PRO A 1132 -27.62 1.55 9.61
C PRO A 1132 -27.11 2.66 8.67
N GLY A 1133 -25.79 2.82 8.56
CA GLY A 1133 -25.20 3.85 7.74
C GLY A 1133 -23.85 4.27 8.33
N ASP A 1134 -23.65 5.58 8.42
CA ASP A 1134 -22.42 6.13 8.98
C ASP A 1134 -22.70 7.15 10.08
N LEU A 1135 -23.45 8.21 9.78
CA LEU A 1135 -23.73 9.22 10.80
C LEU A 1135 -24.57 8.65 11.92
N MET A 1136 -25.59 7.84 11.58
CA MET A 1136 -26.42 7.23 12.61
C MET A 1136 -25.76 5.99 13.20
N GLY A 1137 -24.90 5.32 12.43
CA GLY A 1137 -24.28 4.10 12.93
C GLY A 1137 -23.37 4.35 14.12
N ARG A 1138 -22.50 5.36 14.01
CA ARG A 1138 -21.58 5.66 15.10
C ARG A 1138 -22.32 6.13 16.34
N ARG A 1139 -23.35 6.94 16.13
CA ARG A 1139 -24.10 7.50 17.29
C ARG A 1139 -24.67 6.35 18.11
N ILE A 1140 -25.50 5.50 17.49
CA ILE A 1140 -26.16 4.40 18.24
C ILE A 1140 -25.07 3.50 18.85
N ALA A 1141 -23.97 3.28 18.14
CA ALA A 1141 -22.93 2.36 18.66
C ALA A 1141 -22.36 2.91 19.96
N TYR A 1142 -22.10 4.22 20.00
CA TYR A 1142 -21.59 4.84 21.25
C TYR A 1142 -22.64 4.74 22.35
N GLU A 1143 -23.91 4.95 22.00
CA GLU A 1143 -25.00 4.83 23.01
C GLU A 1143 -25.06 3.39 23.53
N LEU A 1144 -24.89 2.41 22.65
CA LEU A 1144 -24.94 0.98 23.06
C LEU A 1144 -23.77 0.75 24.03
N LEU A 1145 -22.64 1.39 23.79
CA LEU A 1145 -21.47 1.24 24.69
C LEU A 1145 -21.87 1.74 26.08
N ALA A 1146 -22.72 2.77 26.17
CA ALA A 1146 -23.17 3.18 27.52
C ALA A 1146 -23.98 2.06 28.19
N ALA A 1147 -24.92 1.46 27.45
CA ALA A 1147 -25.78 0.42 28.05
C ALA A 1147 -24.96 -0.84 28.37
N LYS A 1148 -24.08 -1.26 27.46
CA LYS A 1148 -23.32 -2.51 27.65
C LYS A 1148 -21.86 -2.26 27.24
N GLY A 1149 -20.91 -3.05 27.74
CA GLY A 1149 -19.47 -2.80 27.48
C GLY A 1149 -19.02 -3.20 26.09
N PHE A 1150 -17.72 -3.05 25.79
CA PHE A 1150 -17.22 -3.32 24.42
C PHE A 1150 -17.52 -4.77 24.05
N LYS A 1151 -17.27 -5.74 24.93
CA LYS A 1151 -17.72 -7.13 24.64
C LYS A 1151 -19.22 -7.04 24.82
N ASP A 1152 -20.02 -7.60 23.90
CA ASP A 1152 -21.49 -7.41 23.92
C ASP A 1152 -21.72 -5.92 23.60
N GLY A 1153 -22.94 -5.40 23.59
CA GLY A 1153 -23.02 -3.96 23.28
C GLY A 1153 -22.42 -3.60 21.92
N MET A 1154 -21.32 -2.82 21.91
CA MET A 1154 -20.75 -2.32 20.64
C MET A 1154 -20.31 -3.43 19.69
N VAL A 1155 -19.65 -4.50 20.16
CA VAL A 1155 -19.19 -5.51 19.16
C VAL A 1155 -20.35 -6.16 18.42
N PRO A 1156 -21.50 -6.55 19.02
CA PRO A 1156 -22.60 -7.09 18.23
C PRO A 1156 -23.10 -6.10 17.19
N TYR A 1157 -23.20 -4.82 17.54
CA TYR A 1157 -23.73 -3.79 16.60
C TYR A 1157 -22.79 -3.62 15.39
N ILE A 1158 -21.47 -3.68 15.59
CA ILE A 1158 -20.55 -3.40 14.45
C ILE A 1158 -19.74 -4.61 13.98
N SER A 1159 -19.83 -5.77 14.64
CA SER A 1159 -18.91 -6.89 14.25
C SER A 1159 -19.62 -8.14 13.74
N ASN A 1160 -20.88 -8.04 13.34
CA ASN A 1160 -21.62 -9.17 12.72
C ASN A 1160 -21.35 -10.52 13.41
N GLN A 1161 -21.14 -10.56 14.72
CA GLN A 1161 -20.98 -11.87 15.33
C GLN A 1161 -22.32 -12.59 15.44
N TYR A 1162 -23.43 -11.88 15.28
CA TYR A 1162 -24.75 -12.49 15.21
C TYR A 1162 -25.18 -12.78 13.78
N GLU A 1163 -24.22 -12.98 12.87
CA GLU A 1163 -24.56 -13.23 11.48
C GLU A 1163 -25.18 -14.60 11.30
N GLU A 1164 -24.54 -15.64 11.86
CA GLU A 1164 -25.06 -17.00 11.71
C GLU A 1164 -26.48 -17.12 12.22
N ASP A 1165 -26.81 -16.43 13.31
CA ASP A 1165 -28.18 -16.46 13.82
C ASP A 1165 -29.16 -15.95 12.77
N ALA A 1166 -28.79 -14.84 12.15
CA ALA A 1166 -29.65 -14.27 11.09
C ALA A 1166 -29.87 -15.36 10.06
N LYS A 1167 -28.80 -15.99 9.59
CA LYS A 1167 -28.97 -16.96 8.47
C LYS A 1167 -29.93 -18.06 8.91
N GLN A 1168 -29.80 -18.55 10.15
CA GLN A 1168 -30.68 -19.66 10.61
C GLN A 1168 -32.13 -19.17 10.61
N GLN A 1169 -32.39 -17.96 11.13
CA GLN A 1169 -33.76 -17.39 11.14
C GLN A 1169 -34.22 -17.03 9.72
N GLY A 1170 -33.32 -16.55 8.86
CA GLY A 1170 -33.70 -16.07 7.51
C GLY A 1170 -32.78 -14.94 7.08
N GLN A 1171 -33.30 -13.93 6.38
CA GLN A 1171 -32.47 -12.74 6.08
C GLN A 1171 -31.15 -13.12 5.42
N THR A 1172 -31.16 -13.92 4.36
CA THR A 1172 -29.90 -14.23 3.62
C THR A 1172 -29.53 -13.06 2.70
N ILE A 1173 -28.25 -12.95 2.34
CA ILE A 1173 -27.79 -11.89 1.39
C ILE A 1173 -26.74 -12.51 0.46
N ASN A 1174 -26.75 -12.15 -0.83
CA ASN A 1174 -25.82 -12.69 -1.80
C ASN A 1174 -24.54 -11.87 -1.76
N LEU A 1175 -23.54 -12.36 -1.04
CA LEU A 1175 -22.25 -11.70 -0.94
C LEU A 1175 -21.25 -12.43 -1.82
N TYR A 1176 -20.75 -11.73 -2.85
CA TYR A 1176 -19.76 -12.29 -3.78
C TYR A 1176 -20.24 -13.61 -4.38
N GLY A 1177 -21.54 -13.72 -4.61
CA GLY A 1177 -22.10 -14.92 -5.21
C GLY A 1177 -22.37 -16.06 -4.25
N LYS A 1178 -22.27 -15.84 -2.95
CA LYS A 1178 -22.52 -16.88 -1.96
C LYS A 1178 -23.60 -16.41 -0.99
N GLU A 1179 -24.44 -17.34 -0.55
CA GLU A 1179 -25.45 -17.05 0.46
C GLU A 1179 -24.80 -16.85 1.81
N ARG A 1180 -25.03 -15.68 2.43
CA ARG A 1180 -24.46 -15.38 3.73
C ARG A 1180 -25.52 -14.71 4.59
N GLY A 1181 -25.27 -14.68 5.90
CA GLY A 1181 -26.22 -14.10 6.82
C GLY A 1181 -26.21 -12.58 6.75
N LEU A 1182 -27.39 -12.00 6.94
CA LEU A 1182 -27.58 -10.55 6.92
C LEU A 1182 -27.99 -10.11 8.31
N VAL A 1183 -27.07 -9.49 9.04
CA VAL A 1183 -27.34 -9.03 10.40
C VAL A 1183 -28.11 -7.72 10.31
N THR A 1184 -29.37 -7.75 10.71
CA THR A 1184 -30.20 -6.56 10.70
C THR A 1184 -30.25 -5.93 12.09
N ASP A 1185 -30.63 -4.66 12.15
CA ASP A 1185 -30.72 -3.97 13.43
C ASP A 1185 -31.80 -4.57 14.31
N GLU A 1186 -32.86 -5.14 13.71
CA GLU A 1186 -33.89 -5.79 14.50
C GLU A 1186 -33.32 -7.00 15.24
N LEU A 1187 -32.47 -7.78 14.57
CA LEU A 1187 -31.85 -8.93 15.22
C LEU A 1187 -30.91 -8.48 16.33
N VAL A 1188 -30.12 -7.43 16.08
CA VAL A 1188 -29.22 -6.91 17.11
C VAL A 1188 -30.01 -6.46 18.33
N LEU A 1189 -31.15 -5.81 18.11
CA LEU A 1189 -31.95 -5.34 19.24
C LEU A 1189 -32.61 -6.49 19.98
N LYS A 1190 -33.08 -7.51 19.25
CA LYS A 1190 -33.73 -8.65 19.88
C LYS A 1190 -32.74 -9.58 20.56
N LYS A 1191 -31.46 -9.50 20.24
CA LYS A 1191 -30.44 -10.35 20.85
C LYS A 1191 -29.73 -9.68 22.01
N VAL A 1192 -29.34 -8.40 21.86
CA VAL A 1192 -28.65 -7.71 22.93
C VAL A 1192 -29.61 -7.41 24.08
N PHE A 1193 -30.80 -6.88 23.76
CA PHE A 1193 -31.83 -6.58 24.75
C PHE A 1193 -33.10 -7.31 24.32
N ASP A 1194 -33.22 -8.58 24.72
CA ASP A 1194 -34.34 -9.39 24.27
C ASP A 1194 -35.65 -8.96 24.93
N GLY A 1195 -35.63 -8.76 26.24
CA GLY A 1195 -36.86 -8.45 26.96
C GLY A 1195 -37.00 -7.01 27.35
N LYS A 1196 -35.92 -6.23 27.26
CA LYS A 1196 -35.96 -4.85 27.70
C LYS A 1196 -36.70 -3.96 26.71
N TYR A 1197 -36.40 -4.09 25.43
CA TYR A 1197 -36.96 -3.19 24.42
C TYR A 1197 -37.42 -4.00 23.21
N LYS A 1198 -38.20 -3.34 22.35
CA LYS A 1198 -38.67 -3.92 21.10
C LYS A 1198 -38.39 -3.04 19.89
N THR A 1199 -38.17 -1.74 20.08
CA THR A 1199 -37.87 -0.83 18.98
C THR A 1199 -36.82 0.16 19.47
N TRP A 1200 -35.96 0.59 18.53
CA TRP A 1200 -34.88 1.51 18.89
C TRP A 1200 -35.42 2.80 19.50
N ALA A 1201 -36.60 3.24 19.07
CA ALA A 1201 -37.22 4.41 19.69
C ALA A 1201 -37.51 4.15 21.16
N GLU A 1202 -37.98 2.95 21.49
CA GLU A 1202 -38.21 2.61 22.90
C GLU A 1202 -36.91 2.61 23.68
N PHE A 1203 -35.83 2.12 23.07
CA PHE A 1203 -34.54 2.12 23.74
C PHE A 1203 -34.06 3.54 24.03
N LYS A 1204 -34.15 4.42 23.03
CA LYS A 1204 -33.75 5.80 23.23
C LYS A 1204 -34.61 6.47 24.30
N THR A 1205 -35.93 6.24 24.26
CA THR A 1205 -36.82 6.85 25.25
C THR A 1205 -36.52 6.34 26.65
N ALA A 1206 -36.21 5.05 26.79
CA ALA A 1206 -35.89 4.50 28.09
C ALA A 1206 -34.57 5.05 28.61
N MET A 1207 -33.59 5.24 27.72
CA MET A 1207 -32.33 5.86 28.15
C MET A 1207 -32.57 7.28 28.64
N TYR A 1208 -33.35 8.07 27.88
CA TYR A 1208 -33.66 9.43 28.31
C TYR A 1208 -34.44 9.43 29.63
N GLN A 1209 -35.34 8.48 29.83
CA GLN A 1209 -36.13 8.47 31.05
C GLN A 1209 -35.28 8.08 32.25
N GLU A 1210 -34.37 7.11 32.08
CA GLU A 1210 -33.42 6.80 33.14
C GLU A 1210 -32.57 8.00 33.49
N ARG A 1211 -32.07 8.71 32.47
CA ARG A 1211 -31.26 9.90 32.73
C ARG A 1211 -32.07 10.98 33.43
N VAL A 1212 -33.35 11.09 33.09
CA VAL A 1212 -34.21 12.09 33.72
C VAL A 1212 -34.42 11.77 35.19
N ASP A 1213 -34.78 10.51 35.48
CA ASP A 1213 -34.93 10.09 36.88
C ASP A 1213 -33.61 10.26 37.63
N GLN A 1214 -32.48 10.16 36.93
CA GLN A 1214 -31.19 10.41 37.57
C GLN A 1214 -31.02 11.87 37.93
N PHE A 1215 -31.03 12.77 36.94
CA PHE A 1215 -30.69 14.15 37.25
C PHE A 1215 -31.82 14.90 37.97
N GLY A 1216 -33.00 14.31 38.10
CA GLY A 1216 -34.03 14.96 38.87
C GLY A 1216 -33.79 14.94 40.36
N ASN A 1217 -32.89 14.07 40.84
CA ASN A 1217 -32.65 13.90 42.27
C ASN A 1217 -31.22 14.23 42.67
N LEU A 1218 -30.24 13.59 42.05
CA LEU A 1218 -28.85 13.67 42.48
C LEU A 1218 -28.03 14.40 41.41
N LYS A 1219 -27.60 15.62 41.71
CA LYS A 1219 -26.75 16.40 40.84
C LYS A 1219 -25.77 17.23 41.66
N GLN A 1220 -24.53 17.30 41.19
CA GLN A 1220 -23.51 18.08 41.87
C GLN A 1220 -23.79 19.57 41.69
N VAL A 1221 -23.82 20.31 42.81
CA VAL A 1221 -24.02 21.76 42.76
C VAL A 1221 -22.75 22.50 42.38
N THR A 1222 -21.62 21.80 42.25
CA THR A 1222 -20.34 22.45 41.95
C THR A 1222 -20.09 22.43 40.44
N PHE A 1223 -20.84 23.29 39.75
CA PHE A 1223 -20.67 23.52 38.33
C PHE A 1223 -20.27 24.97 38.12
N LYS A 1224 -19.13 25.19 37.48
CA LYS A 1224 -18.55 26.52 37.29
C LYS A 1224 -18.45 26.80 35.80
N ASP A 1225 -19.42 27.56 35.28
CA ASP A 1225 -19.46 27.85 33.82
C ASP A 1225 -19.49 29.36 33.59
N PRO A 1226 -18.41 30.02 33.10
CA PRO A 1226 -18.47 31.46 32.82
C PRO A 1226 -19.44 31.94 31.72
N THR A 1227 -19.43 31.34 30.54
CA THR A 1227 -20.39 31.68 29.43
C THR A 1227 -20.47 33.19 29.19
N LYS A 1228 -19.33 33.89 29.14
CA LYS A 1228 -19.32 35.39 29.02
C LYS A 1228 -18.10 35.79 28.17
N PRO A 1229 -17.85 37.07 27.85
CA PRO A 1229 -16.76 37.46 26.95
C PRO A 1229 -15.34 37.48 27.54
N TRP A 1230 -14.39 38.14 26.88
CA TRP A 1230 -12.95 38.08 27.31
C TRP A 1230 -12.71 38.56 28.74
N PRO A 1231 -13.33 39.65 29.27
CA PRO A 1231 -13.10 40.00 30.68
C PRO A 1231 -13.44 38.73 31.46
N SER A 1232 -12.53 38.24 32.31
CA SER A 1232 -12.74 36.95 33.01
C SER A 1232 -14.04 36.93 33.82
N TYR A 1233 -14.90 35.93 33.59
CA TYR A 1233 -16.11 35.78 34.45
C TYR A 1233 -15.88 34.57 35.35
N GLY A 1234 -15.92 34.76 36.66
CA GLY A 1234 -15.54 33.66 37.56
C GLY A 1234 -16.42 32.43 37.61
N THR A 1235 -17.74 32.58 37.78
CA THR A 1235 -18.56 31.35 37.96
C THR A 1235 -20.06 31.62 37.83
N LYS A 1236 -20.87 30.58 37.54
CA LYS A 1236 -22.34 30.76 37.54
C LYS A 1236 -22.93 29.89 38.66
N THR A 1237 -22.20 28.89 39.14
CA THR A 1237 -22.64 28.06 40.30
C THR A 1237 -24.06 27.49 40.17
N ILE A 1238 -24.39 26.83 39.06
CA ILE A 1238 -25.72 26.18 38.94
C ILE A 1238 -25.81 25.11 40.03
N ASN A 1239 -26.92 25.04 40.76
CA ASN A 1239 -27.02 24.09 41.90
C ASN A 1239 -28.10 23.03 41.63
N ASN A 1240 -29.12 23.39 40.85
CA ASN A 1240 -30.21 22.44 40.51
C ASN A 1240 -30.45 22.52 39.01
N VAL A 1241 -30.98 21.46 38.41
CA VAL A 1241 -31.14 21.44 36.93
C VAL A 1241 -32.06 22.57 36.46
N ASP A 1242 -32.84 23.18 37.36
CA ASP A 1242 -33.79 24.18 36.88
C ASP A 1242 -33.08 25.43 36.38
N GLU A 1243 -32.07 25.90 37.12
CA GLU A 1243 -31.31 27.06 36.66
C GLU A 1243 -30.54 26.74 35.38
N LEU A 1244 -30.02 25.52 35.26
CA LEU A 1244 -29.34 25.13 34.04
C LEU A 1244 -30.31 25.09 32.86
N GLN A 1245 -31.53 24.60 33.10
CA GLN A 1245 -32.53 24.59 32.03
C GLN A 1245 -32.92 26.01 31.63
N ALA A 1246 -33.00 26.91 32.60
CA ALA A 1246 -33.29 28.31 32.28
C ALA A 1246 -32.16 28.93 31.45
N LEU A 1247 -30.91 28.64 31.82
CA LEU A 1247 -29.78 29.13 31.04
C LEU A 1247 -29.80 28.57 29.62
N MET A 1248 -30.15 27.29 29.48
CA MET A 1248 -30.24 26.69 28.16
C MET A 1248 -31.36 27.31 27.34
N ASP A 1249 -32.50 27.60 27.97
CA ASP A 1249 -33.58 28.29 27.28
C ASP A 1249 -33.12 29.65 26.78
N GLN A 1250 -32.46 30.41 27.65
CA GLN A 1250 -31.98 31.74 27.26
C GLN A 1250 -30.96 31.65 26.13
N ALA A 1251 -30.06 30.66 26.19
CA ALA A 1251 -29.05 30.52 25.15
C ALA A 1251 -29.67 30.12 23.82
N VAL A 1252 -30.65 29.21 23.83
CA VAL A 1252 -31.31 28.81 22.60
C VAL A 1252 -32.08 29.98 22.00
N LEU A 1253 -32.76 30.73 22.87
CA LEU A 1253 -33.50 31.91 22.37
C LEU A 1253 -32.47 32.82 21.67
N LYS A 1254 -31.29 32.99 22.25
CA LYS A 1254 -30.31 33.94 21.68
C LYS A 1254 -29.89 33.48 20.28
N ASP A 1255 -29.65 32.18 20.08
CA ASP A 1255 -29.16 31.70 18.77
C ASP A 1255 -30.24 32.00 17.73
N ALA A 1256 -31.50 31.81 18.09
CA ALA A 1256 -32.62 32.05 17.15
C ALA A 1256 -32.63 33.53 16.76
N GLU A 1257 -32.37 34.42 17.71
CA GLU A 1257 -32.25 35.86 17.37
C GLU A 1257 -30.98 36.06 16.55
N GLY A 1258 -31.01 36.93 15.55
CA GLY A 1258 -29.79 37.21 14.77
C GLY A 1258 -29.14 35.94 14.24
N PRO A 1259 -29.87 34.98 13.63
CA PRO A 1259 -29.27 33.71 13.21
C PRO A 1259 -28.67 33.88 11.81
N ARG A 1260 -27.63 34.72 11.70
CA ARG A 1260 -27.08 35.01 10.35
C ARG A 1260 -26.53 33.71 9.74
N TRP A 1261 -25.79 32.91 10.52
CA TRP A 1261 -25.16 31.70 9.96
C TRP A 1261 -24.36 32.12 8.73
N SER A 1262 -23.64 33.26 8.81
CA SER A 1262 -22.91 33.79 7.63
C SER A 1262 -21.76 32.88 7.23
N ASN A 1263 -20.74 32.77 8.09
CA ASN A 1263 -19.59 31.88 7.80
C ASN A 1263 -20.12 30.47 7.58
N TYR A 1264 -19.38 29.63 6.85
CA TYR A 1264 -19.84 28.26 6.56
C TYR A 1264 -19.99 27.50 7.89
N ASP A 1265 -19.05 27.67 8.81
CA ASP A 1265 -19.17 27.00 10.14
C ASP A 1265 -19.32 28.06 11.23
N PRO A 1266 -20.48 28.18 11.90
CA PRO A 1266 -20.61 29.09 13.03
C PRO A 1266 -19.66 28.60 14.14
N GLU A 1267 -19.67 27.29 14.44
CA GLU A 1267 -18.75 26.69 15.45
C GLU A 1267 -18.91 27.32 16.84
N ILE A 1268 -17.80 27.83 17.40
CA ILE A 1268 -17.80 28.39 18.79
C ILE A 1268 -18.68 29.63 18.91
N ASP A 1269 -18.98 30.33 17.81
CA ASP A 1269 -19.73 31.62 17.95
C ASP A 1269 -21.11 31.37 18.59
N SER A 1270 -21.79 30.28 18.24
CA SER A 1270 -23.16 30.05 18.78
C SER A 1270 -23.07 29.95 20.30
N ALA A 1271 -23.99 30.61 21.02
CA ALA A 1271 -23.90 30.64 22.49
C ALA A 1271 -24.21 29.26 23.06
N VAL A 1272 -25.16 28.55 22.44
CA VAL A 1272 -25.55 27.25 22.96
C VAL A 1272 -24.34 26.33 23.09
N HIS A 1273 -23.45 26.35 22.10
CA HIS A 1273 -22.25 25.53 22.17
C HIS A 1273 -21.32 25.99 23.30
N LYS A 1274 -21.25 27.30 23.53
CA LYS A 1274 -20.39 27.81 24.59
C LYS A 1274 -20.83 27.29 25.96
N LEU A 1275 -22.14 27.32 26.24
CA LEU A 1275 -22.64 26.86 27.52
C LEU A 1275 -22.39 25.37 27.71
N LYS A 1276 -22.62 24.57 26.67
CA LYS A 1276 -22.39 23.14 26.78
C LYS A 1276 -20.92 22.84 27.01
N ARG A 1277 -20.03 23.51 26.27
CA ARG A 1277 -18.60 23.30 26.46
C ARG A 1277 -18.17 23.70 27.85
N ALA A 1278 -18.69 24.83 28.36
CA ALA A 1278 -18.33 25.28 29.69
C ALA A 1278 -18.78 24.28 30.75
N ILE A 1279 -20.03 23.80 30.64
CA ILE A 1279 -20.54 22.84 31.62
C ILE A 1279 -19.74 21.54 31.55
N PHE A 1280 -19.41 21.09 30.34
CA PHE A 1280 -18.65 19.85 30.18
C PHE A 1280 -17.27 19.97 30.81
N LYS A 1281 -16.57 21.07 30.52
CA LYS A 1281 -15.24 21.26 31.10
C LYS A 1281 -15.32 21.41 32.62
N ALA A 1282 -16.34 22.10 33.12
CA ALA A 1282 -16.49 22.27 34.55
C ALA A 1282 -16.71 20.92 35.25
N TYR A 1283 -17.58 20.09 34.70
CA TYR A 1283 -17.81 18.78 35.30
C TYR A 1283 -16.58 17.89 35.18
N LEU A 1284 -15.85 17.99 34.06
CA LEU A 1284 -14.67 17.17 33.88
C LEU A 1284 -13.57 17.56 34.86
N ASP A 1285 -13.44 18.86 35.15
CA ASP A 1285 -12.43 19.32 36.08
C ASP A 1285 -12.85 19.24 37.53
N GLN A 1286 -14.15 19.11 37.80
CA GLN A 1286 -14.61 18.93 39.18
C GLN A 1286 -14.04 17.65 39.78
N THR A 1287 -14.37 16.51 39.17
CA THR A 1287 -13.77 15.24 39.56
C THR A 1287 -12.41 15.07 38.88
N ASN A 1288 -11.70 14.01 39.27
CA ASN A 1288 -10.45 13.69 38.60
C ASN A 1288 -10.69 13.39 37.12
N ASP A 1289 -11.67 12.54 36.84
CA ASP A 1289 -12.15 12.25 35.49
C ASP A 1289 -13.62 11.89 35.59
N PHE A 1290 -14.17 11.35 34.52
CA PHE A 1290 -15.58 10.96 34.51
C PHE A 1290 -15.74 9.71 35.36
N ARG A 1291 -16.26 9.88 36.57
CA ARG A 1291 -16.50 8.77 37.48
C ARG A 1291 -17.98 8.63 37.83
N SER A 1292 -18.65 9.73 38.20
CA SER A 1292 -20.05 9.70 38.54
C SER A 1292 -20.60 11.12 38.50
N SER A 1293 -21.72 11.32 37.80
CA SER A 1293 -22.33 12.63 37.67
C SER A 1293 -23.55 12.80 38.56
N ILE A 1294 -23.68 12.01 39.61
CA ILE A 1294 -24.81 12.11 40.52
C ILE A 1294 -24.32 12.25 41.95
N PHE A 1295 -25.19 14.04 42.26
CA PHE A 1295 -25.14 14.86 43.48
C PHE A 1295 -26.27 14.37 44.36
N GLU A 1296 -25.96 13.48 45.30
CA GLU A 1296 -26.96 12.75 46.08
C GLU A 1296 -27.59 13.66 47.13
N ASN A 1297 -28.50 14.52 46.68
CA ASN A 1297 -29.34 15.30 47.59
C ASN A 1297 -30.71 15.52 46.95
N LYS A 1298 -31.50 16.40 47.56
CA LYS A 1298 -32.83 16.76 47.05
C LYS A 1298 -32.64 17.67 45.84
N LYS A 1299 -32.25 17.07 44.73
CA LYS A 1299 -32.12 17.79 43.48
C LYS A 1299 -33.37 17.58 42.63
N CYS B 2 -13.60 39.50 4.96
CA CYS B 2 -13.22 39.99 3.60
C CYS B 2 -12.17 41.10 3.75
N HIS B 3 -12.57 42.35 3.49
CA HIS B 3 -11.64 43.50 3.59
C HIS B 3 -11.16 43.66 5.04
N PRO B 4 -9.86 43.95 5.29
CA PRO B 4 -9.35 44.11 6.65
C PRO B 4 -9.85 45.42 7.29
N ARG B 5 -10.17 45.38 8.59
CA ARG B 5 -10.65 46.57 9.33
C ARG B 5 -9.97 46.64 10.69
N LEU B 6 -9.74 47.85 11.21
CA LEU B 6 -9.09 48.04 12.53
C LEU B 6 -10.07 48.75 13.48
N SER B 7 -10.29 48.19 14.67
CA SER B 7 -11.22 48.79 15.66
C SER B 7 -10.48 49.06 16.98
N LEU B 8 -10.60 50.29 17.50
CA LEU B 8 -9.95 50.68 18.76
C LEU B 8 -10.66 49.96 19.91
N HIS B 9 -10.01 48.92 20.45
CA HIS B 9 -10.61 48.14 21.58
C HIS B 9 -10.76 49.06 22.79
N ARG B 10 -9.77 49.93 23.03
CA ARG B 10 -9.79 50.91 24.15
C ARG B 10 -10.08 50.17 25.46
N PRO B 11 -9.24 49.06 25.89
CA PRO B 11 -9.07 48.03 27.23
C PRO B 11 -9.00 49.04 28.38
N ALA B 12 -9.84 48.89 29.41
CA ALA B 12 -9.85 49.92 30.49
C ALA B 12 -8.49 49.99 31.19
N LEU B 13 -7.92 51.19 31.26
CA LEU B 13 -6.63 51.45 31.94
C LEU B 13 -6.78 51.26 33.46
N GLU B 14 -7.89 51.76 34.01
CA GLU B 14 -8.17 51.68 35.48
C GLU B 14 -8.29 50.21 35.88
N ASP B 15 -8.98 49.41 35.06
CA ASP B 15 -9.16 47.97 35.35
C ASP B 15 -7.80 47.28 35.35
N LEU B 16 -6.93 47.66 34.40
CA LEU B 16 -5.57 47.06 34.30
C LEU B 16 -4.76 47.35 35.56
N LEU B 17 -4.82 48.60 36.07
CA LEU B 17 -4.05 48.94 37.30
C LEU B 17 -4.60 48.15 38.49
N LEU B 18 -5.94 48.12 38.63
CA LEU B 18 -6.62 47.39 39.74
C LEU B 18 -6.43 45.87 39.57
N GLY B 19 -6.53 45.40 38.32
CA GLY B 19 -6.41 43.95 38.01
C GLY B 19 -5.02 43.40 38.26
N SER B 20 -4.94 42.15 38.73
CA SER B 20 -3.65 41.47 38.97
C SER B 20 -2.90 41.30 37.65
N GLU B 21 -3.63 40.99 36.58
CA GLU B 21 -3.03 40.79 35.23
C GLU B 21 -3.42 41.96 34.32
N ALA B 22 -2.42 42.55 33.64
CA ALA B 22 -2.66 43.68 32.72
C ALA B 22 -3.55 43.23 31.56
N ASN B 23 -4.49 44.08 31.14
CA ASN B 23 -5.40 43.73 30.03
C ASN B 23 -5.15 44.62 28.82
N LEU B 24 -4.82 44.01 27.67
CA LEU B 24 -4.56 44.74 26.40
C LEU B 24 -4.94 43.83 25.23
N THR B 25 -5.50 44.39 24.15
CA THR B 25 -5.91 43.52 23.01
C THR B 25 -5.73 44.26 21.68
N CYS B 26 -5.29 43.53 20.65
CA CYS B 26 -5.14 44.09 19.27
C CYS B 26 -5.78 43.10 18.29
N THR B 27 -6.64 43.58 17.40
CA THR B 27 -7.34 42.67 16.44
C THR B 27 -7.39 43.28 15.04
N LEU B 28 -7.42 42.41 14.02
CA LEU B 28 -7.50 42.82 12.59
C LEU B 28 -8.74 42.15 11.98
N THR B 29 -9.56 42.90 11.25
CA THR B 29 -10.79 42.31 10.64
C THR B 29 -10.71 42.32 9.11
N GLY B 30 -10.92 41.16 8.48
CA GLY B 30 -10.91 41.05 7.01
C GLY B 30 -10.48 39.67 6.54
N LEU B 31 -11.14 38.61 7.04
CA LEU B 31 -10.78 37.23 6.62
C LEU B 31 -11.96 36.55 5.94
N ARG B 32 -11.77 36.16 4.67
CA ARG B 32 -12.83 35.46 3.87
C ARG B 32 -12.16 34.35 3.04
N ASP B 33 -11.74 33.25 3.67
CA ASP B 33 -11.04 32.16 2.94
C ASP B 33 -11.34 30.80 3.60
N ALA B 34 -10.34 29.91 3.59
CA ALA B 34 -10.45 28.54 4.15
C ALA B 34 -10.68 28.59 5.67
N SER B 35 -11.36 27.57 6.21
CA SER B 35 -11.69 27.52 7.66
C SER B 35 -10.40 27.54 8.49
N GLY B 36 -9.37 26.81 8.06
CA GLY B 36 -8.09 26.83 8.82
C GLY B 36 -7.51 28.23 8.82
N VAL B 37 -7.07 28.72 9.98
CA VAL B 37 -6.50 30.10 10.08
C VAL B 37 -5.14 30.05 10.78
N THR B 38 -4.14 30.72 10.22
CA THR B 38 -2.79 30.78 10.84
C THR B 38 -2.50 32.24 11.23
N PHE B 39 -2.21 32.48 12.52
CA PHE B 39 -1.92 33.85 13.00
C PHE B 39 -0.58 33.86 13.75
N THR B 40 0.30 34.80 13.41
CA THR B 40 1.62 34.94 14.07
C THR B 40 1.92 36.44 14.26
N TRP B 41 2.71 36.78 15.28
CA TRP B 41 3.06 38.20 15.55
C TRP B 41 4.53 38.44 15.17
N THR B 42 4.79 39.38 14.28
CA THR B 42 6.17 39.69 13.81
C THR B 42 7.02 40.23 14.96
N PRO B 43 6.50 41.12 15.84
CA PRO B 43 7.28 41.67 16.95
C PRO B 43 6.89 41.10 18.32
N SER B 44 7.86 40.55 19.04
CA SER B 44 7.62 40.00 20.40
C SER B 44 8.57 40.65 21.41
N SER B 45 8.03 41.21 22.49
CA SER B 45 8.85 41.86 23.55
C SER B 45 9.03 40.89 24.73
N GLY B 46 8.53 39.66 24.56
CA GLY B 46 8.60 38.61 25.61
C GLY B 46 7.36 38.63 26.50
N LYS B 47 6.49 39.63 26.30
CA LYS B 47 5.23 39.76 27.07
C LYS B 47 4.22 38.72 26.55
N SER B 48 3.26 38.33 27.39
CA SER B 48 2.26 37.31 26.97
C SER B 48 1.45 37.87 25.80
N ALA B 49 1.17 37.02 24.79
CA ALA B 49 0.41 37.44 23.59
C ALA B 49 -0.54 36.31 23.18
N VAL B 50 -1.32 35.79 24.14
CA VAL B 50 -2.28 34.68 23.89
C VAL B 50 -3.42 35.21 23.00
N GLN B 51 -3.91 34.37 22.08
CA GLN B 51 -5.01 34.79 21.17
C GLN B 51 -6.32 34.10 21.57
N GLY B 52 -7.35 34.89 21.83
CA GLY B 52 -8.69 34.39 22.21
C GLY B 52 -9.48 33.91 21.00
N PRO B 53 -10.59 33.17 21.17
CA PRO B 53 -11.38 32.69 20.04
C PRO B 53 -11.89 33.89 19.22
N PRO B 54 -11.87 33.84 17.87
CA PRO B 54 -12.30 34.95 17.03
C PRO B 54 -13.79 35.31 17.17
N GLU B 55 -14.14 36.60 17.12
CA GLU B 55 -15.57 37.01 17.31
C GLU B 55 -16.14 37.69 16.07
N ARG B 56 -17.20 37.11 15.49
CA ARG B 56 -17.85 37.61 14.24
C ARG B 56 -18.47 39.01 14.43
N ASP B 57 -18.49 39.81 13.36
CA ASP B 57 -19.02 41.20 13.35
C ASP B 57 -20.47 41.23 12.85
N LEU B 58 -21.06 40.05 12.60
CA LEU B 58 -22.48 39.79 12.16
C LEU B 58 -22.69 40.04 10.66
N CYS B 59 -21.61 40.39 9.93
CA CYS B 59 -21.65 40.58 8.45
C CYS B 59 -20.74 39.50 7.86
N GLY B 60 -20.60 38.37 8.58
CA GLY B 60 -19.65 37.31 8.20
C GLY B 60 -18.24 37.86 8.33
N CYS B 61 -17.37 37.63 7.33
CA CYS B 61 -15.99 38.17 7.36
C CYS B 61 -15.30 37.83 8.69
N TYR B 62 -15.20 36.55 9.07
CA TYR B 62 -14.58 36.12 10.35
C TYR B 62 -13.22 36.79 10.59
N SER B 63 -12.99 37.35 11.79
CA SER B 63 -11.71 38.01 12.17
C SER B 63 -11.16 37.47 13.50
N VAL B 64 -9.87 37.10 13.53
CA VAL B 64 -9.16 36.51 14.71
C VAL B 64 -8.69 37.59 15.70
N SER B 65 -8.29 37.17 16.92
CA SER B 65 -7.80 38.07 18.00
C SER B 65 -6.90 37.32 18.99
N SER B 66 -6.16 38.05 19.84
CA SER B 66 -5.24 37.49 20.88
C SER B 66 -5.09 38.49 22.03
N VAL B 67 -4.37 38.15 23.12
CA VAL B 67 -4.27 39.20 24.21
C VAL B 67 -2.93 39.92 24.29
N LEU B 68 -2.83 41.26 24.58
CA LEU B 68 -1.40 41.47 24.83
C LEU B 68 -1.18 41.66 26.33
N PRO B 69 -1.44 40.65 27.14
CA PRO B 69 -1.19 40.78 28.57
C PRO B 69 0.26 40.47 28.93
N GLY B 70 0.55 40.43 30.24
CA GLY B 70 1.89 40.06 30.73
C GLY B 70 2.81 41.24 30.95
N CYS B 71 2.30 42.47 30.86
CA CYS B 71 3.19 43.65 31.08
C CYS B 71 2.81 44.36 32.38
N ALA B 72 3.73 44.36 33.37
CA ALA B 72 3.48 45.04 34.66
C ALA B 72 4.58 46.09 34.90
N GLU B 73 5.79 45.82 34.40
CA GLU B 73 6.95 46.74 34.56
C GLU B 73 6.68 48.06 33.83
N PRO B 74 6.12 48.04 32.60
CA PRO B 74 5.86 49.27 31.84
C PRO B 74 4.53 49.92 32.23
N TRP B 75 4.45 50.47 33.45
CA TRP B 75 3.21 51.14 33.92
C TRP B 75 2.90 52.37 33.06
N ASN B 76 3.93 53.19 32.76
CA ASN B 76 3.73 54.41 31.94
C ASN B 76 4.51 54.29 30.62
N HIS B 77 5.56 53.47 30.59
CA HIS B 77 6.37 53.29 29.36
C HIS B 77 5.73 52.21 28.47
N GLY B 78 4.57 52.51 27.89
CA GLY B 78 3.82 51.56 27.06
C GLY B 78 4.57 51.18 25.79
N LYS B 79 4.29 50.00 25.25
CA LYS B 79 4.95 49.51 24.00
C LYS B 79 4.21 50.04 22.77
N THR B 80 4.73 49.74 21.57
CA THR B 80 4.13 50.20 20.29
C THR B 80 2.83 49.42 20.02
N PHE B 81 1.93 49.99 19.21
CA PHE B 81 0.64 49.32 18.91
C PHE B 81 0.45 49.21 17.40
N THR B 82 1.26 48.37 16.75
CA THR B 82 1.18 48.10 15.29
C THR B 82 1.24 46.60 15.09
N CYS B 83 0.15 45.90 15.45
CA CYS B 83 0.10 44.41 15.36
C CYS B 83 0.17 43.95 13.91
N THR B 84 0.86 42.82 13.67
CA THR B 84 1.02 42.24 12.31
C THR B 84 1.05 40.71 12.44
N ALA B 85 -0.10 40.06 12.24
CA ALA B 85 -0.19 38.58 12.36
C ALA B 85 -0.59 37.98 11.00
N ALA B 86 0.10 36.92 10.59
CA ALA B 86 -0.18 36.23 9.30
C ALA B 86 -1.59 35.62 9.34
N TYR B 87 -2.30 35.67 8.20
CA TYR B 87 -3.68 35.13 8.09
C TYR B 87 -3.78 34.26 6.84
N PRO B 88 -4.80 33.37 6.73
CA PRO B 88 -4.93 32.51 5.55
C PRO B 88 -5.16 33.26 4.22
N GLU B 89 -5.98 34.32 4.26
CA GLU B 89 -6.30 35.08 3.01
C GLU B 89 -5.05 35.72 2.41
N SER B 90 -4.21 36.36 3.23
CA SER B 90 -2.96 37.00 2.69
C SER B 90 -1.75 36.61 3.54
N LYS B 91 -0.72 36.05 2.91
CA LYS B 91 0.51 35.61 3.62
C LYS B 91 1.19 36.82 4.27
N THR B 92 1.24 37.95 3.56
CA THR B 92 1.89 39.17 4.10
C THR B 92 1.12 39.68 5.31
N PRO B 93 1.79 40.13 6.39
CA PRO B 93 1.12 40.62 7.60
C PRO B 93 0.41 41.97 7.34
N LEU B 94 -0.69 42.22 8.06
CA LEU B 94 -1.46 43.49 7.92
C LEU B 94 -1.30 44.31 9.21
N THR B 95 -0.92 45.58 9.07
CA THR B 95 -0.68 46.50 10.21
C THR B 95 -1.97 46.75 10.99
N ALA B 96 -1.89 46.59 12.32
CA ALA B 96 -3.02 46.84 13.23
C ALA B 96 -2.61 48.01 14.15
N THR B 97 -3.44 49.05 14.22
CA THR B 97 -3.08 50.23 15.04
C THR B 97 -4.03 50.41 16.23
N LEU B 98 -3.47 50.48 17.44
CA LEU B 98 -4.27 50.71 18.67
C LEU B 98 -4.10 52.18 19.10
N SER B 99 -3.54 52.98 18.18
CA SER B 99 -3.31 54.45 18.37
C SER B 99 -2.71 54.75 19.75
N LYS B 100 -1.44 54.41 19.97
CA LYS B 100 -0.80 54.68 21.28
C LYS B 100 -0.09 56.04 21.24
N SER B 101 -0.72 57.07 21.83
CA SER B 101 -0.16 58.44 21.91
C SER B 101 -0.27 58.93 23.36
N GLY B 102 0.80 59.52 23.92
CA GLY B 102 0.74 59.97 25.33
C GLY B 102 -0.29 61.05 25.57
N ASN B 103 -0.31 62.10 24.73
CA ASN B 103 -1.30 63.19 24.84
C ASN B 103 -1.40 63.72 26.28
N THR B 104 -0.26 64.00 26.93
CA THR B 104 -0.28 64.45 28.35
C THR B 104 -1.01 65.78 28.49
N PHE B 105 -1.93 65.86 29.46
CA PHE B 105 -2.70 67.11 29.74
C PHE B 105 -3.31 67.05 31.15
N ARG B 106 -3.68 68.22 31.69
CA ARG B 106 -4.30 68.33 33.04
C ARG B 106 -5.82 68.25 32.90
N PRO B 107 -6.54 67.45 33.72
CA PRO B 107 -7.99 67.32 33.63
C PRO B 107 -8.77 67.98 34.79
N GLU B 108 -9.73 68.84 34.44
CA GLU B 108 -10.60 69.54 35.43
C GLU B 108 -12.07 69.21 35.11
N VAL B 109 -12.86 68.85 36.13
CA VAL B 109 -14.29 68.49 35.93
C VAL B 109 -15.17 69.70 36.28
N HIS B 110 -16.45 69.65 35.90
CA HIS B 110 -17.41 70.76 36.20
C HIS B 110 -18.49 70.28 37.17
N LEU B 111 -18.62 70.95 38.32
CA LEU B 111 -19.66 70.63 39.33
C LEU B 111 -20.47 71.91 39.57
N LEU B 112 -21.80 71.86 39.38
CA LEU B 112 -22.61 73.09 39.57
C LEU B 112 -23.85 72.82 40.43
N PRO B 113 -24.14 73.66 41.45
CA PRO B 113 -25.39 73.57 42.21
C PRO B 113 -26.16 74.65 41.45
N PRO B 114 -27.12 74.30 40.57
CA PRO B 114 -27.77 75.29 39.70
C PRO B 114 -29.08 76.01 40.05
N PRO B 115 -30.30 75.42 39.50
CA PRO B 115 -31.97 75.64 39.49
C PRO B 115 -32.56 74.53 40.38
N SER B 116 -32.64 74.79 41.70
CA SER B 116 -33.13 73.75 42.64
C SER B 116 -34.56 73.34 42.30
N GLU B 117 -35.45 74.31 42.02
CA GLU B 117 -36.86 73.98 41.69
C GLU B 117 -36.92 73.19 40.37
N GLU B 118 -36.14 73.60 39.37
CA GLU B 118 -36.14 72.96 38.03
C GLU B 118 -35.65 71.51 38.06
N LEU B 119 -34.60 71.21 38.83
CA LEU B 119 -33.99 69.85 38.83
C LEU B 119 -34.52 68.95 39.97
N ALA B 120 -35.44 69.43 40.81
CA ALA B 120 -35.91 68.56 41.91
C ALA B 120 -37.39 68.18 41.76
N LEU B 121 -37.68 66.89 41.94
CA LEU B 121 -39.04 66.31 41.87
C LEU B 121 -39.54 66.06 43.31
N ASN B 122 -38.93 66.80 44.25
CA ASN B 122 -39.09 66.80 45.73
C ASN B 122 -38.13 65.77 46.35
N GLU B 123 -37.96 64.62 45.70
CA GLU B 123 -37.04 63.56 46.20
C GLU B 123 -35.95 63.28 45.15
N LEU B 124 -35.72 64.21 44.22
CA LEU B 124 -34.71 63.98 43.13
C LEU B 124 -33.42 64.74 43.42
N VAL B 125 -32.27 64.02 43.34
CA VAL B 125 -30.92 64.59 43.60
C VAL B 125 -30.02 64.29 42.38
N THR B 126 -29.15 65.22 42.01
CA THR B 126 -28.23 65.02 40.85
C THR B 126 -26.81 65.48 41.20
N LEU B 127 -25.80 64.84 40.61
CA LEU B 127 -24.36 65.15 40.83
C LEU B 127 -23.74 65.51 39.47
N THR B 128 -22.90 66.56 39.42
CA THR B 128 -22.33 66.99 38.10
C THR B 128 -20.80 66.83 38.04
N CYS B 129 -20.33 65.78 37.36
CA CYS B 129 -18.87 65.56 37.18
C CYS B 129 -18.62 65.17 35.71
N LEU B 130 -18.36 66.16 34.86
CA LEU B 130 -18.11 65.90 33.41
C LEU B 130 -16.61 65.82 33.17
N ALA B 131 -16.14 64.71 32.59
CA ALA B 131 -14.70 64.48 32.35
C ALA B 131 -14.14 65.47 31.32
N ARG B 132 -12.98 66.04 31.61
CA ARG B 132 -12.27 66.98 30.69
C ARG B 132 -10.77 66.66 30.78
N GLY B 133 -10.04 66.79 29.67
CA GLY B 133 -8.60 66.47 29.62
C GLY B 133 -8.37 65.04 29.21
N PHE B 134 -7.93 64.82 27.96
CA PHE B 134 -7.70 63.45 27.43
C PHE B 134 -6.25 63.28 26.98
N SER B 135 -5.58 62.22 27.46
CA SER B 135 -4.16 61.93 27.08
C SER B 135 -4.06 60.62 26.31
N PRO B 136 -4.64 59.50 26.81
CA PRO B 136 -4.58 58.19 26.16
C PRO B 136 -5.73 57.97 25.17
N LYS B 137 -5.87 56.74 24.67
CA LYS B 137 -6.96 56.38 23.73
C LYS B 137 -8.16 55.82 24.50
N ASP B 138 -8.08 55.73 25.83
CA ASP B 138 -9.20 55.17 26.65
C ASP B 138 -9.68 56.20 27.68
N VAL B 139 -10.99 56.49 27.69
CA VAL B 139 -11.63 57.45 28.64
C VAL B 139 -12.84 56.76 29.28
N LEU B 140 -13.06 56.95 30.59
CA LEU B 140 -14.20 56.29 31.27
C LEU B 140 -14.92 57.25 32.23
N VAL B 141 -16.25 57.09 32.33
CA VAL B 141 -17.10 57.89 33.25
C VAL B 141 -17.13 57.12 34.58
N ARG B 142 -15.96 56.69 35.04
CA ARG B 142 -15.82 55.88 36.28
C ARG B 142 -16.30 56.66 37.50
N TRP B 143 -17.04 55.97 38.38
CA TRP B 143 -17.58 56.55 39.64
C TRP B 143 -17.12 55.65 40.80
N LEU B 144 -16.74 56.24 41.93
CA LEU B 144 -16.30 55.45 43.11
C LEU B 144 -17.52 55.10 43.97
N GLN B 145 -17.72 53.82 44.26
CA GLN B 145 -18.87 53.37 45.09
C GLN B 145 -18.37 52.44 46.20
N GLY B 146 -17.66 53.00 47.19
CA GLY B 146 -17.12 52.23 48.33
C GLY B 146 -16.25 51.07 47.90
N SER B 147 -16.43 49.91 48.53
CA SER B 147 -15.66 48.69 48.21
C SER B 147 -16.53 47.69 47.42
N GLN B 148 -17.75 48.12 47.05
CA GLN B 148 -18.68 47.23 46.31
C GLN B 148 -18.11 46.89 44.93
N GLU B 149 -18.27 45.64 44.49
CA GLU B 149 -17.74 45.19 43.17
C GLU B 149 -18.90 44.71 42.30
N LEU B 150 -18.96 45.19 41.05
CA LEU B 150 -20.03 44.80 40.09
C LEU B 150 -19.37 44.48 38.74
N PRO B 151 -19.96 43.59 37.89
CA PRO B 151 -19.35 43.25 36.60
C PRO B 151 -19.27 44.46 35.67
N ARG B 152 -18.11 44.65 35.03
CA ARG B 152 -17.88 45.77 34.08
C ARG B 152 -18.79 45.63 32.85
N GLU B 153 -18.94 44.39 32.36
CA GLU B 153 -19.77 44.10 31.15
C GLU B 153 -21.23 44.49 31.39
N LYS B 154 -21.76 44.21 32.58
CA LYS B 154 -23.18 44.50 32.90
C LYS B 154 -23.44 46.01 32.83
N TYR B 155 -22.49 46.83 33.33
CA TYR B 155 -22.66 48.31 33.34
C TYR B 155 -22.67 48.86 31.90
N LEU B 156 -23.55 49.82 31.64
CA LEU B 156 -23.67 50.49 30.32
C LEU B 156 -23.50 52.00 30.54
N THR B 157 -22.62 52.65 29.76
CA THR B 157 -22.39 54.11 29.94
C THR B 157 -22.16 54.81 28.59
N TRP B 158 -22.37 56.13 28.57
CA TRP B 158 -22.18 57.00 27.38
C TRP B 158 -20.69 57.21 27.11
N ALA B 159 -20.35 57.50 25.84
CA ALA B 159 -18.96 57.58 25.37
C ALA B 159 -18.33 58.95 25.59
N SER B 160 -17.22 59.19 24.88
CA SER B 160 -16.40 60.43 24.96
C SER B 160 -17.09 61.62 24.29
N ARG B 161 -16.68 62.83 24.67
CA ARG B 161 -17.21 64.11 24.15
C ARG B 161 -16.01 64.98 23.71
N GLN B 162 -16.25 65.99 22.87
CA GLN B 162 -15.13 66.87 22.43
C GLN B 162 -15.26 68.24 23.10
N GLU B 163 -14.29 68.61 23.93
CA GLU B 163 -14.28 69.93 24.62
C GLU B 163 -12.87 70.52 24.52
N PRO B 164 -12.39 70.94 23.33
CA PRO B 164 -11.05 71.49 23.16
C PRO B 164 -11.03 73.00 22.88
N SER B 165 -10.24 73.75 23.66
CA SER B 165 -10.08 75.21 23.46
C SER B 165 -9.27 75.45 22.18
N GLN B 166 -9.50 76.57 21.50
CA GLN B 166 -8.77 76.85 20.23
C GLN B 166 -7.26 76.92 20.52
N GLY B 167 -6.45 76.30 19.65
CA GLY B 167 -4.98 76.29 19.80
C GLY B 167 -4.49 75.23 20.77
N THR B 168 -5.39 74.37 21.26
CA THR B 168 -5.01 73.31 22.24
C THR B 168 -5.78 72.01 21.93
N THR B 169 -5.26 70.87 22.38
CA THR B 169 -5.95 69.57 22.16
C THR B 169 -6.49 69.06 23.50
N THR B 170 -7.81 68.84 23.58
CA THR B 170 -8.48 68.36 24.82
C THR B 170 -9.49 67.26 24.47
N PHE B 171 -9.78 66.39 25.43
CA PHE B 171 -10.76 65.28 25.25
C PHE B 171 -11.74 65.28 26.43
N ALA B 172 -12.98 64.85 26.21
CA ALA B 172 -13.99 64.85 27.30
C ALA B 172 -14.61 63.46 27.48
N VAL B 173 -14.93 63.08 28.72
CA VAL B 173 -15.53 61.74 29.04
C VAL B 173 -16.70 61.82 30.07
N THR B 174 -16.84 62.90 31.03
CA THR B 174 -18.05 63.13 31.82
C THR B 174 -18.14 62.00 32.83
N SER B 175 -17.29 61.94 33.87
CA SER B 175 -17.38 60.75 34.77
C SER B 175 -18.67 60.84 35.61
N ILE B 176 -19.84 60.81 34.95
CA ILE B 176 -21.24 61.00 35.45
C ILE B 176 -22.12 59.77 35.20
N LEU B 177 -22.81 59.39 36.27
CA LEU B 177 -23.79 58.27 36.42
C LEU B 177 -24.54 58.60 37.71
N ARG B 178 -25.82 58.96 37.60
CA ARG B 178 -26.58 59.43 38.79
C ARG B 178 -26.61 58.35 39.88
N VAL B 179 -26.40 58.79 41.13
CA VAL B 179 -26.38 57.93 42.36
C VAL B 179 -26.79 58.79 43.54
N ALA B 180 -27.13 58.15 44.67
CA ALA B 180 -27.58 58.85 45.89
C ALA B 180 -26.54 59.89 46.34
N ALA B 181 -27.00 61.08 46.74
CA ALA B 181 -26.13 62.17 47.21
C ALA B 181 -26.00 62.10 48.74
N GLU B 182 -26.66 61.10 49.35
CA GLU B 182 -26.65 60.89 50.83
C GLU B 182 -25.23 60.61 51.31
N ASP B 183 -24.45 59.87 50.52
CA ASP B 183 -23.06 59.49 50.88
C ASP B 183 -22.19 60.74 51.04
N TRP B 184 -22.40 61.77 50.21
CA TRP B 184 -21.60 63.02 50.29
C TRP B 184 -21.78 63.66 51.67
N LYS B 185 -23.00 63.67 52.20
CA LYS B 185 -23.28 64.27 53.53
C LYS B 185 -23.16 63.23 54.65
N LYS B 186 -22.90 61.96 54.28
CA LYS B 186 -22.78 60.88 55.30
C LYS B 186 -21.33 60.77 55.79
N GLY B 187 -20.43 61.55 55.20
CA GLY B 187 -19.00 61.53 55.59
C GLY B 187 -18.22 60.48 54.81
N ASP B 188 -18.89 59.77 53.90
CA ASP B 188 -18.27 58.72 53.04
C ASP B 188 -17.44 59.41 51.95
N THR B 189 -16.47 58.69 51.37
CA THR B 189 -15.63 59.31 50.31
C THR B 189 -16.57 59.77 49.18
N PHE B 190 -16.39 61.01 48.70
CA PHE B 190 -17.28 61.57 47.66
C PHE B 190 -16.45 62.20 46.54
N SER B 191 -15.79 61.38 45.72
CA SER B 191 -14.98 61.92 44.59
C SER B 191 -15.21 61.09 43.32
N CYS B 192 -15.65 61.73 42.24
CA CYS B 192 -15.88 61.00 40.96
C CYS B 192 -14.53 60.47 40.46
N MET B 193 -14.53 59.26 39.89
CA MET B 193 -13.25 58.64 39.43
C MET B 193 -13.11 58.78 37.91
N VAL B 194 -11.98 59.35 37.48
CA VAL B 194 -11.65 59.53 36.03
C VAL B 194 -10.39 58.71 35.75
N GLY B 195 -10.41 57.86 34.72
CA GLY B 195 -9.22 57.02 34.44
C GLY B 195 -8.36 57.57 33.33
N HIS B 196 -7.20 58.14 33.71
CA HIS B 196 -6.19 58.66 32.74
C HIS B 196 -4.82 58.09 33.15
N GLU B 197 -4.11 57.44 32.24
CA GLU B 197 -2.79 56.87 32.59
C GLU B 197 -1.82 57.99 32.99
N ALA B 198 -1.82 59.08 32.21
CA ALA B 198 -0.92 60.23 32.47
C ALA B 198 -1.20 60.83 33.85
N LEU B 199 -2.41 61.38 34.05
CA LEU B 199 -2.77 61.99 35.36
C LEU B 199 -4.12 61.45 35.82
N PRO B 200 -4.22 60.19 36.29
CA PRO B 200 -5.48 59.63 36.77
C PRO B 200 -5.72 60.01 38.24
N LEU B 201 -5.96 61.31 38.49
CA LEU B 201 -6.21 61.82 39.87
C LEU B 201 -7.49 61.19 40.42
N ALA B 202 -8.52 61.07 39.57
CA ALA B 202 -9.86 60.51 39.92
C ALA B 202 -10.50 61.30 41.05
N PHE B 203 -10.33 62.63 41.06
CA PHE B 203 -10.92 63.52 42.09
C PHE B 203 -11.05 64.93 41.52
N THR B 204 -11.92 65.76 42.11
CA THR B 204 -12.12 67.15 41.63
C THR B 204 -10.82 67.95 41.81
N GLN B 205 -10.49 68.80 40.83
CA GLN B 205 -9.29 69.67 40.89
C GLN B 205 -9.75 71.14 40.86
N LYS B 206 -9.24 71.96 41.77
CA LYS B 206 -9.65 73.39 41.85
C LYS B 206 -8.46 74.30 41.55
N THR B 207 -8.65 75.27 40.64
CA THR B 207 -7.59 76.24 40.26
C THR B 207 -7.33 77.20 41.43
N ILE B 208 -6.10 77.74 41.52
CA ILE B 208 -5.72 78.68 42.61
C ILE B 208 -6.59 79.93 42.52
N ASP B 209 -6.85 80.42 41.30
CA ASP B 209 -7.68 81.64 41.10
C ASP B 209 -9.09 81.39 41.61
N ARG B 210 -9.68 82.38 42.28
CA ARG B 210 -11.06 82.26 42.83
C ARG B 210 -12.07 82.24 41.68
N CYS C 1 -21.51 39.06 3.59
CA CYS C 1 -20.17 38.57 3.88
C CYS C 1 -20.15 37.12 4.36
N CYS C 2 -20.82 36.83 5.48
CA CYS C 2 -21.05 35.43 5.79
C CYS C 2 -22.49 35.11 6.13
N HIS C 3 -23.85 35.19 5.45
CA HIS C 3 -24.92 34.52 6.51
C HIS C 3 -26.10 34.01 5.46
N PRO C 4 -27.34 33.66 5.93
CA PRO C 4 -28.57 34.45 5.49
C PRO C 4 -29.35 35.14 6.68
N ARG C 5 -29.13 36.42 6.98
CA ARG C 5 -29.82 37.06 8.14
C ARG C 5 -29.64 38.60 8.08
N LEU C 6 -30.26 39.26 9.06
CA LEU C 6 -30.40 40.74 9.12
C LEU C 6 -29.64 41.34 10.31
N SER C 7 -30.21 42.42 10.84
CA SER C 7 -29.74 43.21 12.01
C SER C 7 -30.93 43.98 12.59
N LEU C 8 -30.78 44.54 13.79
CA LEU C 8 -31.89 45.30 14.44
C LEU C 8 -32.25 46.51 13.57
N HIS C 9 -33.54 46.82 13.45
CA HIS C 9 -34.03 47.96 12.64
C HIS C 9 -34.47 49.09 13.57
N ARG C 10 -34.11 50.33 13.21
CA ARG C 10 -34.53 51.54 13.98
C ARG C 10 -35.85 52.02 13.37
N PRO C 11 -37.02 51.85 14.02
CA PRO C 11 -38.31 52.24 13.46
C PRO C 11 -38.35 53.74 13.09
N ALA C 12 -38.90 54.09 11.93
CA ALA C 12 -38.92 55.52 11.56
C ALA C 12 -40.30 56.15 11.77
N LEU C 13 -40.45 56.87 12.89
CA LEU C 13 -41.67 57.66 13.21
C LEU C 13 -41.26 59.12 13.41
N GLU C 14 -39.94 59.37 13.51
CA GLU C 14 -39.32 60.69 13.73
C GLU C 14 -39.62 61.62 12.55
N ASP C 15 -39.51 61.11 11.33
CA ASP C 15 -39.77 61.89 10.09
C ASP C 15 -41.26 62.23 9.97
N LEU C 16 -42.12 61.30 10.40
CA LEU C 16 -43.59 61.42 10.23
C LEU C 16 -44.18 62.66 10.94
N LEU C 17 -43.76 62.98 12.18
CA LEU C 17 -44.39 64.15 12.86
C LEU C 17 -43.39 65.28 13.15
N LEU C 18 -42.09 64.98 13.23
CA LEU C 18 -41.10 66.03 13.58
C LEU C 18 -40.38 66.57 12.33
N GLY C 19 -40.77 66.11 11.14
CA GLY C 19 -40.09 66.57 9.91
C GLY C 19 -41.05 66.90 8.78
N SER C 20 -40.63 67.75 7.84
CA SER C 20 -41.45 68.13 6.67
C SER C 20 -41.72 66.87 5.82
N GLU C 21 -40.70 66.02 5.68
CA GLU C 21 -40.83 64.76 4.92
C GLU C 21 -41.21 63.67 5.93
N ALA C 22 -42.43 63.12 5.82
CA ALA C 22 -42.91 62.09 6.77
C ALA C 22 -42.45 60.70 6.30
N ASN C 23 -41.14 60.44 6.36
CA ASN C 23 -40.56 59.14 5.95
C ASN C 23 -40.92 58.07 6.99
N LEU C 24 -41.20 56.85 6.53
CA LEU C 24 -41.52 55.71 7.44
C LEU C 24 -40.66 54.53 7.02
N THR C 25 -39.33 54.66 7.20
CA THR C 25 -38.40 53.57 6.81
C THR C 25 -37.54 53.12 8.00
N CYS C 26 -37.88 51.99 8.62
CA CYS C 26 -37.07 51.50 9.76
C CYS C 26 -35.81 50.84 9.18
N THR C 27 -34.65 51.11 9.77
CA THR C 27 -33.36 50.57 9.23
C THR C 27 -33.35 49.03 9.28
N LEU C 28 -32.94 48.42 8.17
CA LEU C 28 -32.85 46.93 8.02
C LEU C 28 -31.54 46.62 7.29
N THR C 29 -31.00 45.42 7.47
CA THR C 29 -29.71 45.02 6.84
C THR C 29 -29.85 43.64 6.18
N GLY C 30 -28.95 43.33 5.23
CA GLY C 30 -28.95 42.03 4.54
C GLY C 30 -29.87 41.98 3.33
N LEU C 31 -30.45 43.12 2.94
CA LEU C 31 -31.34 43.14 1.74
C LEU C 31 -30.56 43.72 0.57
N ARG C 32 -30.29 42.92 -0.46
CA ARG C 32 -29.51 43.39 -1.64
C ARG C 32 -30.35 43.15 -2.90
N ASP C 33 -31.41 43.95 -3.10
CA ASP C 33 -32.28 43.78 -4.30
C ASP C 33 -33.15 45.03 -4.48
N ALA C 34 -34.06 44.98 -5.46
CA ALA C 34 -35.00 46.09 -5.75
C ALA C 34 -36.07 46.13 -4.64
N SER C 35 -36.67 47.31 -4.40
CA SER C 35 -37.69 47.44 -3.32
C SER C 35 -39.07 46.99 -3.79
N GLY C 36 -39.22 45.69 -4.07
CA GLY C 36 -40.51 45.11 -4.50
C GLY C 36 -41.01 44.10 -3.48
N VAL C 37 -40.23 43.89 -2.41
CA VAL C 37 -40.57 42.91 -1.34
C VAL C 37 -41.84 43.38 -0.61
N THR C 38 -42.72 42.43 -0.26
CA THR C 38 -43.98 42.75 0.45
C THR C 38 -43.66 43.21 1.88
N PHE C 39 -44.43 44.17 2.40
CA PHE C 39 -44.24 44.69 3.79
C PHE C 39 -45.45 44.29 4.63
N THR C 40 -45.21 43.67 5.80
CA THR C 40 -46.32 43.22 6.67
C THR C 40 -46.28 43.95 8.02
N TRP C 41 -47.42 44.52 8.42
CA TRP C 41 -47.56 45.24 9.71
C TRP C 41 -48.69 44.57 10.50
N THR C 42 -48.46 44.27 11.78
CA THR C 42 -49.49 43.63 12.65
C THR C 42 -50.79 44.45 12.57
N PRO C 43 -50.79 45.73 13.03
CA PRO C 43 -51.96 46.59 12.95
C PRO C 43 -51.70 47.77 12.00
N SER C 44 -52.56 47.97 11.00
CA SER C 44 -52.40 49.11 10.04
C SER C 44 -53.56 50.08 10.21
N SER C 45 -53.26 51.35 10.54
CA SER C 45 -54.31 52.37 10.74
C SER C 45 -55.10 52.64 9.45
N GLY C 46 -54.39 52.80 8.32
CA GLY C 46 -55.08 53.08 7.04
C GLY C 46 -54.21 52.82 5.82
N LYS C 47 -53.33 53.78 5.50
CA LYS C 47 -52.44 53.74 4.31
C LYS C 47 -51.45 52.59 4.40
N SER C 48 -51.11 52.01 3.24
CA SER C 48 -50.14 50.89 3.13
C SER C 48 -48.73 51.38 3.45
N ALA C 49 -47.88 50.48 3.95
CA ALA C 49 -46.48 50.81 4.33
C ALA C 49 -45.66 51.22 3.10
N VAL C 50 -44.74 52.17 3.29
CA VAL C 50 -43.84 52.66 2.21
C VAL C 50 -42.40 52.32 2.62
N GLN C 51 -41.64 51.68 1.72
CA GLN C 51 -40.24 51.27 2.01
C GLN C 51 -39.34 52.51 2.02
N GLY C 52 -38.26 52.46 2.83
CA GLY C 52 -37.30 53.58 2.92
C GLY C 52 -36.37 53.59 1.72
N PRO C 53 -35.60 54.83 1.37
CA PRO C 53 -34.67 55.27 0.33
C PRO C 53 -33.45 54.34 0.30
N PRO C 54 -32.94 53.95 -0.88
CA PRO C 54 -31.80 53.02 -0.97
C PRO C 54 -30.49 53.58 -0.38
N GLU C 55 -29.79 52.74 0.37
CA GLU C 55 -28.48 53.10 1.00
C GLU C 55 -27.61 51.85 1.05
N ARG C 56 -26.28 52.01 1.10
CA ARG C 56 -25.38 50.82 1.15
C ARG C 56 -24.73 50.73 2.52
N ASP C 57 -24.94 49.61 3.22
CA ASP C 57 -24.34 49.36 4.56
C ASP C 57 -23.78 47.94 4.59
N LEU C 58 -22.61 47.76 5.22
CA LEU C 58 -21.96 46.43 5.35
C LEU C 58 -21.81 45.76 3.97
N CYS C 59 -21.35 46.54 2.98
CA CYS C 59 -21.17 46.04 1.58
C CYS C 59 -22.46 45.40 1.08
N GLY C 60 -23.62 45.96 1.47
CA GLY C 60 -24.93 45.46 1.03
C GLY C 60 -25.63 46.44 0.11
N CYS C 61 -26.04 45.99 -1.08
CA CYS C 61 -26.73 46.83 -2.09
C CYS C 61 -28.18 47.10 -1.66
N TYR C 62 -28.77 48.19 -2.17
CA TYR C 62 -30.15 48.72 -2.00
C TYR C 62 -30.98 47.92 -0.99
N SER C 63 -31.00 48.40 0.26
CA SER C 63 -31.69 47.71 1.36
C SER C 63 -33.01 48.42 1.59
N VAL C 64 -34.01 47.56 1.58
CA VAL C 64 -35.45 47.84 1.76
C VAL C 64 -35.73 48.08 3.26
N SER C 65 -36.78 48.84 3.62
CA SER C 65 -37.30 49.00 5.02
C SER C 65 -38.83 49.33 4.98
N SER C 66 -39.58 49.48 6.11
CA SER C 66 -41.09 49.58 6.14
C SER C 66 -41.61 50.79 6.93
N VAL C 67 -42.51 51.87 6.31
CA VAL C 67 -43.34 53.39 5.81
C VAL C 67 -45.03 52.93 6.16
N LEU C 68 -46.16 53.82 5.94
CA LEU C 68 -47.34 54.64 6.39
C LEU C 68 -46.63 55.88 7.09
N PRO C 69 -45.42 56.45 6.53
CA PRO C 69 -44.32 57.71 6.84
C PRO C 69 -44.92 59.11 6.67
N GLY C 70 -45.76 59.27 7.72
CA GLY C 70 -46.87 60.28 7.74
C GLY C 70 -48.32 59.97 8.04
N CYS C 71 -48.70 58.79 8.53
CA CYS C 71 -50.13 58.61 8.91
C CYS C 71 -50.25 59.14 10.35
N ALA C 72 -50.34 60.47 10.51
CA ALA C 72 -50.32 61.14 11.83
C ALA C 72 -51.48 60.78 12.76
N GLU C 73 -52.70 60.67 12.23
CA GLU C 73 -53.86 60.25 13.07
C GLU C 73 -53.58 58.83 13.59
N PRO C 74 -53.20 57.87 12.72
CA PRO C 74 -52.90 56.49 13.14
C PRO C 74 -51.69 56.43 14.09
N TRP C 75 -50.68 57.26 13.82
CA TRP C 75 -49.43 57.33 14.62
C TRP C 75 -49.71 57.77 16.06
N ASN C 76 -50.72 58.65 16.24
CA ASN C 76 -51.14 59.20 17.56
C ASN C 76 -51.58 58.06 18.50
N HIS C 77 -52.23 57.01 17.95
CA HIS C 77 -52.72 55.86 18.76
C HIS C 77 -51.57 55.19 19.52
N GLY C 78 -50.39 55.08 18.90
CA GLY C 78 -49.23 54.46 19.59
C GLY C 78 -49.12 52.96 19.40
N LYS C 79 -49.88 52.41 18.44
CA LYS C 79 -49.83 50.94 18.17
C LYS C 79 -48.42 50.56 17.73
N THR C 80 -47.93 49.40 18.17
CA THR C 80 -46.53 48.95 17.85
C THR C 80 -46.36 48.84 16.33
N PHE C 81 -45.03 48.96 16.24
CA PHE C 81 -43.92 48.93 15.27
C PHE C 81 -43.46 47.47 15.06
N THR C 82 -42.32 47.08 15.66
CA THR C 82 -41.78 45.71 15.41
C THR C 82 -41.66 45.56 13.89
N CYS C 83 -40.92 46.49 13.26
CA CYS C 83 -40.75 46.60 11.79
C CYS C 83 -40.28 45.26 11.22
N THR C 84 -40.96 44.82 10.15
CA THR C 84 -40.65 43.51 9.51
C THR C 84 -40.62 43.62 7.98
N ALA C 85 -39.63 44.33 7.44
CA ALA C 85 -39.48 44.47 5.97
C ALA C 85 -38.72 43.22 5.50
N ALA C 86 -39.30 42.05 5.77
CA ALA C 86 -38.66 40.76 5.44
C ALA C 86 -38.44 40.62 3.93
N TYR C 87 -37.28 40.06 3.56
CA TYR C 87 -36.92 39.75 2.15
C TYR C 87 -37.58 38.40 1.80
N PRO C 88 -37.72 38.01 0.52
CA PRO C 88 -38.36 36.74 0.20
C PRO C 88 -37.58 35.55 0.79
N GLU C 89 -36.26 35.57 0.66
CA GLU C 89 -35.38 34.49 1.20
C GLU C 89 -35.42 34.47 2.73
N SER C 90 -35.42 35.66 3.35
CA SER C 90 -35.40 35.82 4.84
C SER C 90 -36.75 35.44 5.47
N LYS C 91 -36.74 35.14 6.77
CA LYS C 91 -37.99 34.79 7.50
C LYS C 91 -38.90 36.02 7.48
N THR C 92 -40.21 35.80 7.28
CA THR C 92 -41.23 36.89 7.19
C THR C 92 -41.36 37.69 8.49
N PRO C 93 -41.34 37.08 9.68
CA PRO C 93 -41.50 37.82 10.94
C PRO C 93 -40.46 38.92 11.23
N LEU C 94 -40.93 40.03 11.79
CA LEU C 94 -40.11 41.21 12.19
C LEU C 94 -40.48 41.54 13.65
N THR C 95 -39.52 42.03 14.46
CA THR C 95 -39.81 42.28 15.90
C THR C 95 -38.79 43.18 16.61
N ALA C 96 -39.17 44.44 16.84
CA ALA C 96 -38.42 45.43 17.66
C ALA C 96 -39.50 46.11 18.53
N THR C 97 -39.49 45.90 19.85
CA THR C 97 -40.66 46.38 20.66
C THR C 97 -40.87 47.89 20.52
N LEU C 98 -42.03 48.27 19.97
CA LEU C 98 -42.40 49.69 19.75
C LEU C 98 -43.90 49.77 19.44
N SER C 99 -44.74 49.37 20.40
CA SER C 99 -46.21 49.41 20.24
C SER C 99 -46.74 50.68 20.91
N LYS C 100 -47.75 50.56 21.77
CA LYS C 100 -48.30 51.74 22.48
C LYS C 100 -47.19 52.32 23.36
N SER C 101 -47.09 53.65 23.43
CA SER C 101 -46.19 54.48 24.27
C SER C 101 -45.76 53.76 25.55
N GLY C 102 -44.49 53.33 25.62
CA GLY C 102 -44.00 52.62 26.81
C GLY C 102 -42.84 53.34 27.48
N ASN C 103 -42.88 53.42 28.82
CA ASN C 103 -41.81 54.08 29.61
C ASN C 103 -41.58 55.53 29.15
N THR C 104 -42.67 56.27 28.90
CA THR C 104 -42.55 57.69 28.46
C THR C 104 -41.89 58.51 29.58
N PHE C 105 -41.01 59.43 29.23
CA PHE C 105 -40.28 60.26 30.24
C PHE C 105 -40.28 61.73 29.81
N ARG C 106 -40.10 62.63 30.79
CA ARG C 106 -40.08 64.10 30.51
C ARG C 106 -38.64 64.61 30.53
N PRO C 107 -38.29 65.63 29.70
CA PRO C 107 -36.93 66.18 29.66
C PRO C 107 -36.54 66.84 31.00
N GLU C 108 -35.28 66.71 31.39
CA GLU C 108 -34.76 67.31 32.65
C GLU C 108 -33.48 68.09 32.34
N VAL C 109 -33.63 69.27 31.71
CA VAL C 109 -32.47 70.12 31.33
C VAL C 109 -31.74 70.58 32.61
N HIS C 110 -30.40 70.60 32.55
CA HIS C 110 -29.57 71.03 33.71
C HIS C 110 -28.53 72.05 33.24
N LEU C 111 -28.97 73.29 32.97
CA LEU C 111 -28.04 74.35 32.50
C LEU C 111 -27.96 75.46 33.56
N LEU C 112 -26.73 75.79 33.97
CA LEU C 112 -26.47 76.86 34.98
C LEU C 112 -25.18 77.60 34.58
N PRO C 113 -24.94 78.85 35.02
CA PRO C 113 -23.72 79.55 34.64
C PRO C 113 -22.51 78.75 35.14
N PRO C 114 -21.46 78.55 34.29
CA PRO C 114 -20.29 77.77 34.67
C PRO C 114 -19.02 78.62 34.82
N PRO C 115 -18.22 78.44 35.89
CA PRO C 115 -16.99 79.20 36.07
C PRO C 115 -16.01 78.87 34.93
N SER C 116 -15.27 79.86 34.44
CA SER C 116 -14.33 79.63 33.31
C SER C 116 -12.93 80.16 33.68
N GLU C 117 -12.22 79.43 34.55
CA GLU C 117 -10.85 79.80 34.96
C GLU C 117 -9.92 79.73 33.74
N GLU C 118 -10.13 78.72 32.89
CA GLU C 118 -9.31 78.51 31.66
C GLU C 118 -9.79 79.41 30.51
N LEU C 119 -10.94 80.07 30.68
CA LEU C 119 -11.50 80.95 29.62
C LEU C 119 -11.82 82.33 30.21
N ALA C 120 -10.78 83.10 30.50
CA ALA C 120 -10.90 84.47 31.08
C ALA C 120 -11.58 85.42 30.08
N LEU C 121 -11.31 85.24 28.79
CA LEU C 121 -11.84 86.12 27.72
C LEU C 121 -13.37 86.12 27.69
N ASN C 122 -13.99 84.95 27.92
CA ASN C 122 -15.46 84.68 27.97
C ASN C 122 -16.05 84.62 26.56
N GLU C 123 -15.21 84.60 25.51
CA GLU C 123 -15.71 84.55 24.11
C GLU C 123 -16.47 83.24 23.86
N LEU C 124 -15.95 82.13 24.38
CA LEU C 124 -16.59 80.79 24.19
C LEU C 124 -16.82 80.14 25.56
N VAL C 125 -18.03 79.62 25.78
CA VAL C 125 -18.37 78.93 27.07
C VAL C 125 -18.77 77.48 26.78
N THR C 126 -18.17 76.53 27.48
CA THR C 126 -18.46 75.08 27.27
C THR C 126 -19.46 74.60 28.32
N LEU C 127 -20.75 74.64 27.99
CA LEU C 127 -21.82 74.19 28.92
C LEU C 127 -22.57 73.01 28.28
N THR C 128 -22.67 71.92 29.04
CA THR C 128 -23.37 70.67 28.62
C THR C 128 -24.66 70.56 29.43
N CYS C 129 -25.74 71.14 28.91
CA CYS C 129 -27.06 71.15 29.58
C CYS C 129 -27.57 69.72 29.75
N LEU C 130 -28.21 69.44 30.89
CA LEU C 130 -28.77 68.09 31.16
C LEU C 130 -29.95 67.84 30.20
N ALA C 131 -30.14 66.59 29.80
CA ALA C 131 -31.20 66.20 28.83
C ALA C 131 -32.04 65.03 29.41
N ARG C 132 -33.13 64.69 28.69
CA ARG C 132 -34.11 63.59 28.96
C ARG C 132 -35.28 63.76 27.99
N GLY C 133 -36.42 63.14 28.31
CA GLY C 133 -37.68 63.29 27.55
C GLY C 133 -37.94 62.25 26.47
N PHE C 134 -36.98 61.37 26.15
CA PHE C 134 -37.31 60.36 25.11
C PHE C 134 -36.91 58.95 25.57
N SER C 135 -37.90 58.13 25.95
CA SER C 135 -37.61 56.73 26.33
C SER C 135 -37.13 55.99 25.07
N PRO C 136 -37.79 56.26 23.80
CA PRO C 136 -37.70 55.80 22.17
C PRO C 136 -36.52 56.46 21.45
N LYS C 137 -35.50 55.67 21.12
CA LYS C 137 -34.27 56.16 20.45
C LYS C 137 -34.57 56.72 19.05
N ASP C 138 -35.47 56.10 18.30
CA ASP C 138 -35.77 56.54 16.91
C ASP C 138 -36.79 57.68 16.89
N VAL C 139 -36.36 58.89 17.27
CA VAL C 139 -37.23 60.10 17.26
C VAL C 139 -36.39 61.30 16.84
N LEU C 140 -37.02 62.29 16.18
CA LEU C 140 -36.29 63.50 15.70
C LEU C 140 -36.04 64.44 16.88
N VAL C 141 -35.27 63.99 17.87
CA VAL C 141 -34.95 64.81 19.07
C VAL C 141 -34.09 66.00 18.63
N ARG C 142 -34.64 67.22 18.72
CA ARG C 142 -33.91 68.44 18.32
C ARG C 142 -34.09 69.52 19.40
N TRP C 143 -33.11 70.41 19.53
CA TRP C 143 -33.18 71.52 20.53
C TRP C 143 -33.36 72.85 19.79
N LEU C 144 -34.39 73.61 20.17
CA LEU C 144 -34.66 74.92 19.52
C LEU C 144 -34.88 76.00 20.60
N GLN C 145 -33.81 76.42 21.27
CA GLN C 145 -33.93 77.47 22.32
C GLN C 145 -34.41 78.77 21.66
N GLY C 146 -35.37 79.45 22.27
CA GLY C 146 -35.92 80.71 21.74
C GLY C 146 -36.83 80.48 20.55
N SER C 147 -37.14 81.55 19.81
CA SER C 147 -38.02 81.47 18.60
C SER C 147 -37.16 81.33 17.34
N GLN C 148 -35.83 81.33 17.51
CA GLN C 148 -34.89 81.24 16.36
C GLN C 148 -34.06 79.95 16.46
N GLU C 149 -33.93 79.21 15.35
CA GLU C 149 -33.16 77.94 15.32
C GLU C 149 -31.67 78.23 15.60
N LEU C 150 -31.04 77.37 16.40
CA LEU C 150 -29.61 77.48 16.77
C LEU C 150 -28.72 76.95 15.64
N PRO C 151 -27.29 77.25 15.63
CA PRO C 151 -25.91 76.94 14.70
C PRO C 151 -26.11 75.61 13.94
N ARG C 152 -25.90 75.63 12.62
CA ARG C 152 -26.10 74.40 11.80
C ARG C 152 -25.15 73.30 12.27
N GLU C 153 -23.90 73.67 12.58
CA GLU C 153 -22.90 72.67 13.08
C GLU C 153 -23.37 72.11 14.42
N LYS C 154 -23.93 72.97 15.28
CA LYS C 154 -24.39 72.57 16.64
C LYS C 154 -25.82 72.00 16.62
N TYR C 155 -26.52 72.07 15.48
CA TYR C 155 -27.91 71.53 15.45
C TYR C 155 -27.95 70.21 14.67
N LEU C 156 -28.37 69.14 15.36
CA LEU C 156 -28.48 67.78 14.78
C LEU C 156 -29.29 66.88 15.71
N THR C 157 -29.41 65.59 15.37
CA THR C 157 -30.11 64.60 16.23
C THR C 157 -29.06 63.68 16.87
N TRP C 158 -28.36 64.17 17.90
CA TRP C 158 -27.28 63.40 18.58
C TRP C 158 -27.84 62.13 19.25
N ALA C 159 -27.08 61.04 19.18
CA ALA C 159 -27.45 59.75 19.83
C ALA C 159 -27.28 59.90 21.34
N SER C 160 -28.04 59.13 22.13
CA SER C 160 -27.95 59.24 23.61
C SER C 160 -27.77 57.86 24.25
N ARG C 161 -27.28 57.82 25.49
CA ARG C 161 -27.14 56.54 26.22
C ARG C 161 -28.03 56.59 27.48
N GLN C 162 -28.77 55.52 27.77
CA GLN C 162 -29.65 55.50 28.97
C GLN C 162 -28.76 55.62 30.22
N GLU C 163 -29.17 56.48 31.16
CA GLU C 163 -28.37 56.72 32.39
C GLU C 163 -29.13 56.23 33.63
N PRO C 164 -28.44 55.44 34.63
CA PRO C 164 -28.73 54.70 36.12
C PRO C 164 -29.28 55.74 37.13
N SER C 165 -30.61 55.86 37.20
CA SER C 165 -31.28 56.84 38.09
C SER C 165 -32.38 56.14 38.89
N GLN C 166 -32.79 56.75 40.00
CA GLN C 166 -33.86 56.17 40.87
C GLN C 166 -35.15 56.06 40.08
N GLY C 167 -35.90 54.97 40.27
CA GLY C 167 -37.16 54.73 39.55
C GLY C 167 -36.95 54.63 38.04
N THR C 168 -37.77 55.34 37.26
CA THR C 168 -37.68 55.31 35.78
C THR C 168 -36.37 55.96 35.30
N THR C 169 -35.75 55.39 34.26
CA THR C 169 -34.49 55.91 33.68
C THR C 169 -34.72 56.22 32.19
N THR C 170 -34.32 57.40 31.73
CA THR C 170 -34.51 57.80 30.30
C THR C 170 -33.18 58.25 29.69
N PHE C 171 -32.92 57.86 28.44
CA PHE C 171 -31.66 58.22 27.73
C PHE C 171 -31.62 59.74 27.52
N ALA C 172 -30.42 60.33 27.62
CA ALA C 172 -30.24 61.79 27.45
C ALA C 172 -29.13 62.07 26.43
N VAL C 173 -29.30 63.10 25.59
CA VAL C 173 -28.28 63.46 24.57
C VAL C 173 -27.70 64.84 24.93
N THR C 174 -26.37 64.93 25.04
CA THR C 174 -25.69 66.20 25.41
C THR C 174 -25.86 67.25 24.30
N SER C 175 -26.05 68.51 24.67
CA SER C 175 -26.24 69.58 23.66
C SER C 175 -25.32 70.78 23.94
N ILE C 176 -24.00 70.55 23.88
CA ILE C 176 -23.03 71.66 24.12
C ILE C 176 -23.23 72.69 23.00
N LEU C 177 -23.29 73.98 23.35
CA LEU C 177 -23.50 75.05 22.34
C LEU C 177 -22.42 76.11 22.48
N ARG C 178 -21.84 76.54 21.36
CA ARG C 178 -20.79 77.60 21.37
C ARG C 178 -21.40 78.86 20.74
N VAL C 179 -21.39 79.97 21.48
CA VAL C 179 -21.98 81.25 21.00
C VAL C 179 -21.06 82.41 21.38
N ALA C 180 -21.22 83.56 20.72
CA ALA C 180 -20.41 84.78 20.95
C ALA C 180 -20.76 85.42 22.29
N ALA C 181 -19.87 86.27 22.81
CA ALA C 181 -20.05 86.93 24.12
C ALA C 181 -21.31 87.81 24.10
N GLU C 182 -21.58 88.49 22.98
CA GLU C 182 -22.79 89.35 22.84
C GLU C 182 -24.04 88.47 23.00
N ASP C 183 -24.02 87.26 22.40
CA ASP C 183 -25.16 86.32 22.49
C ASP C 183 -25.39 85.93 23.96
N TRP C 184 -24.31 85.70 24.72
CA TRP C 184 -24.43 85.32 26.15
C TRP C 184 -25.11 86.45 26.92
N LYS C 185 -24.70 87.70 26.65
CA LYS C 185 -25.29 88.90 27.31
C LYS C 185 -26.71 89.10 26.77
N LYS C 186 -27.02 88.45 25.65
CA LYS C 186 -28.36 88.51 24.99
C LYS C 186 -29.41 87.93 25.93
N GLY C 187 -29.06 86.86 26.67
CA GLY C 187 -30.01 86.19 27.58
C GLY C 187 -30.82 85.14 26.85
N ASP C 188 -30.47 84.88 25.59
CA ASP C 188 -31.18 83.86 24.77
C ASP C 188 -30.60 82.48 25.09
N THR C 189 -30.94 81.93 26.26
CA THR C 189 -30.46 80.60 26.68
C THR C 189 -31.09 79.53 25.79
N PHE C 190 -30.37 78.44 25.52
CA PHE C 190 -30.91 77.35 24.65
C PHE C 190 -31.46 76.22 25.52
N SER C 191 -32.75 75.91 25.35
CA SER C 191 -33.42 74.84 26.11
C SER C 191 -32.91 73.48 25.64
N CYS C 192 -32.92 72.45 26.50
CA CYS C 192 -32.46 71.10 26.10
C CYS C 192 -33.51 70.06 26.51
N MET C 193 -33.98 69.25 25.55
CA MET C 193 -35.04 68.25 25.84
C MET C 193 -34.94 67.03 24.92
N VAL C 194 -35.61 65.94 25.32
CA VAL C 194 -35.70 64.66 24.55
C VAL C 194 -37.19 64.36 24.35
N GLY C 195 -37.58 63.90 23.15
CA GLY C 195 -39.00 63.63 22.85
C GLY C 195 -39.31 62.16 22.66
N HIS C 196 -40.37 61.67 23.31
CA HIS C 196 -40.80 60.24 23.22
C HIS C 196 -41.41 59.96 21.84
N GLU C 197 -41.41 58.69 21.43
CA GLU C 197 -41.91 58.26 20.09
C GLU C 197 -43.44 58.44 20.00
N ALA C 198 -44.17 58.13 21.07
CA ALA C 198 -45.65 58.22 21.03
C ALA C 198 -46.11 59.67 20.76
N LEU C 199 -45.49 60.65 21.43
CA LEU C 199 -45.86 62.07 21.24
C LEU C 199 -45.28 62.58 19.90
N PRO C 200 -45.97 63.47 19.17
CA PRO C 200 -45.46 63.97 17.88
C PRO C 200 -44.14 64.75 18.02
N LEU C 201 -44.05 65.62 19.03
CA LEU C 201 -42.81 66.42 19.25
C LEU C 201 -42.17 66.02 20.59
N ALA C 202 -42.97 66.07 21.67
CA ALA C 202 -42.53 65.74 23.04
C ALA C 202 -41.29 66.56 23.41
N PHE C 203 -41.35 67.88 23.19
CA PHE C 203 -40.22 68.78 23.51
C PHE C 203 -40.66 69.83 24.53
N THR C 204 -39.88 69.98 25.61
CA THR C 204 -40.17 71.00 26.67
C THR C 204 -39.00 71.98 26.72
N GLN C 205 -39.28 73.28 26.69
CA GLN C 205 -38.17 74.27 26.70
C GLN C 205 -38.17 75.09 28.00
N LYS C 206 -37.10 74.96 28.80
CA LYS C 206 -36.94 75.73 30.06
C LYS C 206 -35.45 75.81 30.40
N THR C 207 -34.82 76.99 30.25
CA THR C 207 -33.38 77.12 30.58
C THR C 207 -33.07 78.51 31.14
N ILE C 208 -32.18 78.58 32.13
CA ILE C 208 -31.72 79.88 32.73
C ILE C 208 -30.20 79.86 32.81
N ASP C 209 -29.53 80.87 32.26
CA ASP C 209 -28.04 80.92 32.30
C ASP C 209 -27.57 82.29 32.81
N ARG C 210 -26.60 82.31 33.73
CA ARG C 210 -26.05 83.58 34.29
C ARG C 210 -27.20 84.48 34.74
N ALA D 1 -14.87 -23.42 -54.65
CA ALA D 1 -15.10 -22.01 -54.25
C ALA D 1 -16.39 -21.51 -54.90
N ALA D 2 -16.91 -22.26 -55.88
CA ALA D 2 -18.16 -21.87 -56.58
C ALA D 2 -19.33 -21.87 -55.59
N ALA D 3 -19.38 -22.86 -54.69
CA ALA D 3 -20.46 -22.96 -53.69
C ALA D 3 -20.12 -22.10 -52.47
N MET D 4 -20.22 -20.77 -52.62
CA MET D 4 -19.92 -19.82 -51.51
C MET D 4 -21.20 -19.52 -50.72
N ALA D 5 -22.33 -20.11 -51.13
CA ALA D 5 -23.62 -19.87 -50.44
C ALA D 5 -24.07 -21.13 -49.70
N GLN D 6 -24.40 -20.99 -48.43
CA GLN D 6 -24.88 -22.12 -47.58
C GLN D 6 -26.29 -21.80 -47.07
N SER D 7 -27.20 -22.77 -47.18
CA SER D 7 -28.61 -22.57 -46.72
C SER D 7 -28.68 -22.52 -45.20
N PRO D 8 -29.35 -21.35 -44.53
CA PRO D 8 -29.45 -19.90 -44.68
C PRO D 8 -28.20 -19.19 -44.21
N ALA D 9 -28.19 -17.85 -44.32
CA ALA D 9 -27.03 -17.08 -43.82
C ALA D 9 -26.89 -17.42 -42.33
N SER D 10 -27.94 -17.16 -41.55
CA SER D 10 -27.98 -17.53 -40.11
C SER D 10 -29.28 -18.28 -39.82
N LEU D 11 -29.19 -19.51 -39.30
CA LEU D 11 -30.39 -20.31 -38.93
C LEU D 11 -30.28 -20.59 -37.42
N SER D 12 -31.31 -20.22 -36.65
CA SER D 12 -31.25 -20.34 -35.16
C SER D 12 -31.98 -21.58 -34.64
N ALA D 13 -31.34 -22.29 -33.71
CA ALA D 13 -31.92 -23.48 -33.03
C ALA D 13 -32.25 -23.08 -31.59
N SER D 14 -33.50 -23.30 -31.17
CA SER D 14 -33.95 -22.88 -29.81
C SER D 14 -33.62 -23.91 -28.73
N ALA D 15 -32.35 -24.02 -28.34
CA ALA D 15 -31.94 -24.92 -27.23
C ALA D 15 -32.52 -26.33 -27.39
N GLY D 16 -32.22 -26.99 -28.52
CA GLY D 16 -32.72 -28.36 -28.77
C GLY D 16 -33.59 -28.41 -30.01
N ALA D 17 -33.85 -27.25 -30.62
CA ALA D 17 -34.68 -27.15 -31.85
C ALA D 17 -33.97 -27.89 -32.99
N ALA D 18 -32.64 -27.75 -33.05
CA ALA D 18 -31.70 -28.32 -34.05
C ALA D 18 -31.96 -27.77 -35.46
N ALA D 19 -31.13 -26.81 -35.88
CA ALA D 19 -31.25 -26.18 -37.22
C ALA D 19 -30.87 -27.20 -38.29
N ALA D 20 -31.46 -27.09 -39.49
CA ALA D 20 -31.18 -28.01 -40.61
C ALA D 20 -30.20 -27.35 -41.58
N ILE D 21 -29.12 -28.04 -41.94
CA ILE D 21 -28.10 -27.48 -42.87
C ILE D 21 -28.21 -28.20 -44.22
N ALA D 22 -28.32 -27.42 -45.31
CA ALA D 22 -28.43 -27.98 -46.69
C ALA D 22 -27.85 -26.99 -47.70
N CYS D 23 -26.52 -27.00 -47.86
CA CYS D 23 -25.79 -26.10 -48.79
C CYS D 23 -25.98 -26.53 -50.25
N ARG D 24 -25.76 -25.59 -51.19
CA ARG D 24 -25.87 -25.85 -52.65
C ARG D 24 -24.52 -25.61 -53.32
N SER D 25 -24.09 -26.52 -54.19
CA SER D 25 -22.79 -26.42 -54.90
C SER D 25 -22.99 -26.32 -56.41
N SER D 26 -22.25 -25.42 -57.09
CA SER D 26 -22.37 -25.23 -58.55
C SER D 26 -22.02 -26.52 -59.29
N GLN D 27 -20.94 -27.20 -58.88
CA GLN D 27 -20.54 -28.49 -59.52
C GLN D 27 -21.44 -29.56 -58.90
N ALA D 28 -21.96 -30.50 -59.70
CA ALA D 28 -22.87 -31.46 -59.08
C ALA D 28 -22.09 -32.48 -58.26
N ALA D 29 -22.53 -32.70 -57.01
CA ALA D 29 -21.79 -33.55 -56.08
C ALA D 29 -21.76 -35.02 -56.49
N ALA D 30 -22.28 -35.31 -57.69
CA ALA D 30 -22.30 -36.70 -58.22
C ALA D 30 -20.91 -37.05 -58.77
N ALA D 31 -20.14 -37.86 -58.01
CA ALA D 31 -18.77 -38.27 -58.39
C ALA D 31 -18.65 -39.79 -58.26
N ALA D 32 -17.79 -40.42 -59.07
CA ALA D 32 -17.62 -41.89 -59.02
C ALA D 32 -16.61 -42.29 -57.94
N ALA D 33 -16.96 -42.07 -56.67
CA ALA D 33 -16.09 -42.45 -55.52
C ALA D 33 -16.82 -43.50 -54.68
N ALA D 34 -17.88 -44.10 -55.26
CA ALA D 34 -18.74 -45.14 -54.65
C ALA D 34 -19.52 -44.61 -53.44
N ALA D 35 -19.81 -43.29 -53.43
CA ALA D 35 -20.56 -42.66 -52.33
C ALA D 35 -21.13 -41.31 -52.83
N ALA D 36 -22.11 -40.77 -52.12
CA ALA D 36 -22.69 -39.46 -52.51
C ALA D 36 -21.61 -38.39 -52.34
N ALA D 37 -21.55 -37.40 -53.24
CA ALA D 37 -20.51 -36.34 -53.15
C ALA D 37 -20.96 -35.22 -52.21
N LEU D 38 -21.10 -35.51 -50.92
CA LEU D 38 -21.49 -34.47 -49.93
C LEU D 38 -20.94 -34.83 -48.55
N ALA D 39 -20.56 -33.80 -47.77
CA ALA D 39 -20.06 -33.97 -46.38
C ALA D 39 -20.24 -32.64 -45.65
N TRP D 40 -20.26 -32.65 -44.31
CA TRP D 40 -20.44 -31.39 -43.55
C TRP D 40 -19.26 -31.14 -42.61
N TYR D 41 -18.71 -29.92 -42.66
CA TYR D 41 -17.57 -29.51 -41.79
C TYR D 41 -18.03 -28.36 -40.90
N ALA D 42 -17.82 -28.49 -39.58
CA ALA D 42 -18.22 -27.42 -38.64
C ALA D 42 -16.95 -26.78 -38.05
N ALA D 43 -16.77 -25.47 -38.24
CA ALA D 43 -15.56 -24.81 -37.72
C ALA D 43 -15.91 -23.59 -36.85
N LYS D 44 -15.41 -23.56 -35.61
CA LYS D 44 -15.58 -22.39 -34.72
C LYS D 44 -14.59 -21.31 -35.18
N PRO D 45 -14.83 -20.00 -34.95
CA PRO D 45 -13.86 -19.01 -35.41
C PRO D 45 -12.56 -19.23 -34.63
N GLY D 46 -11.45 -19.42 -35.34
CA GLY D 46 -10.14 -19.65 -34.69
C GLY D 46 -9.49 -20.93 -35.17
N ALA D 47 -9.95 -22.07 -34.64
CA ALA D 47 -9.42 -23.42 -34.96
C ALA D 47 -9.84 -23.85 -36.37
N ALA D 48 -9.07 -24.76 -36.97
CA ALA D 48 -9.33 -25.29 -38.33
C ALA D 48 -10.61 -26.16 -38.32
N PRO D 49 -11.36 -26.21 -39.44
CA PRO D 49 -12.60 -26.99 -39.52
C PRO D 49 -12.44 -28.52 -39.41
N ALA D 50 -13.43 -29.19 -38.81
CA ALA D 50 -13.45 -30.65 -38.64
C ALA D 50 -14.66 -31.22 -39.40
N ALA D 51 -14.46 -32.30 -40.16
CA ALA D 51 -15.57 -32.89 -40.96
C ALA D 51 -16.46 -33.75 -40.06
N LEU D 52 -17.76 -33.45 -40.03
CA LEU D 52 -18.74 -34.22 -39.22
C LEU D 52 -18.87 -35.63 -39.80
N ILE D 53 -19.14 -35.74 -41.10
CA ILE D 53 -19.29 -37.06 -41.79
C ILE D 53 -18.49 -37.04 -43.10
N TYR D 54 -17.99 -38.20 -43.54
CA TYR D 54 -17.20 -38.27 -44.79
C TYR D 54 -18.02 -38.99 -45.88
N ALA D 55 -18.37 -38.24 -46.94
CA ALA D 55 -19.12 -38.68 -48.16
C ALA D 55 -20.60 -38.97 -47.88
N ALA D 56 -21.12 -38.58 -46.70
CA ALA D 56 -22.52 -38.77 -46.27
C ALA D 56 -22.93 -40.25 -46.26
N SER D 57 -22.01 -41.16 -45.95
CA SER D 57 -22.32 -42.61 -45.92
C SER D 57 -22.04 -43.18 -44.52
N ALA D 58 -21.21 -42.48 -43.74
CA ALA D 58 -20.83 -42.94 -42.38
C ALA D 58 -20.71 -41.72 -41.45
N ALA D 59 -20.81 -41.96 -40.13
CA ALA D 59 -20.71 -40.88 -39.13
C ALA D 59 -19.41 -41.02 -38.34
N ALA D 60 -18.64 -39.92 -38.24
CA ALA D 60 -17.36 -39.89 -37.51
C ALA D 60 -17.60 -39.90 -36.00
N SER D 61 -16.57 -40.27 -35.22
CA SER D 61 -16.68 -40.32 -33.75
C SER D 61 -17.00 -38.94 -33.17
N ALA D 62 -17.82 -38.90 -32.11
CA ALA D 62 -18.24 -37.65 -31.42
C ALA D 62 -18.92 -36.69 -32.39
N VAL D 63 -19.79 -37.22 -33.26
CA VAL D 63 -20.55 -36.37 -34.24
C VAL D 63 -21.45 -35.40 -33.47
N PRO D 64 -21.61 -34.14 -33.93
CA PRO D 64 -22.48 -33.17 -33.24
C PRO D 64 -23.94 -33.63 -33.24
N ALA D 65 -24.39 -34.19 -34.37
CA ALA D 65 -25.79 -34.67 -34.49
C ALA D 65 -25.81 -36.18 -34.72
N ARG D 66 -26.58 -36.90 -33.90
CA ARG D 66 -26.70 -38.39 -33.99
C ARG D 66 -27.35 -38.77 -35.32
N PHE D 67 -28.34 -37.98 -35.77
CA PHE D 67 -29.08 -38.26 -37.03
C PHE D 67 -28.12 -38.23 -38.23
N SER D 68 -28.36 -39.13 -39.19
CA SER D 68 -27.52 -39.24 -40.42
C SER D 68 -27.72 -38.01 -41.32
N GLY D 69 -26.71 -37.69 -42.14
CA GLY D 69 -26.77 -36.53 -43.04
C GLY D 69 -26.26 -36.87 -44.41
N SER D 70 -27.09 -37.51 -45.24
CA SER D 70 -26.69 -37.90 -46.62
C SER D 70 -27.39 -37.01 -47.65
N GLY D 71 -26.61 -36.39 -48.55
CA GLY D 71 -27.17 -35.51 -49.59
C GLY D 71 -26.56 -35.78 -50.95
N ALA D 72 -27.34 -35.55 -52.02
CA ALA D 72 -26.86 -35.78 -53.40
C ALA D 72 -27.23 -34.58 -54.28
N GLY D 73 -26.42 -34.31 -55.31
CA GLY D 73 -26.67 -33.19 -56.23
C GLY D 73 -26.11 -31.87 -55.69
N THR D 74 -26.33 -30.78 -56.43
CA THR D 74 -25.83 -29.43 -56.03
C THR D 74 -26.47 -29.00 -54.71
N ASP D 75 -27.77 -29.27 -54.54
CA ASP D 75 -28.50 -28.87 -53.30
C ASP D 75 -28.93 -30.11 -52.52
N PHE D 76 -28.60 -30.17 -51.23
CA PHE D 76 -28.97 -31.30 -50.35
C PHE D 76 -29.55 -30.76 -49.03
N ALA D 77 -30.56 -31.43 -48.48
CA ALA D 77 -31.18 -31.00 -47.20
C ALA D 77 -31.04 -32.10 -46.15
N ALA D 78 -30.52 -31.75 -44.97
CA ALA D 78 -30.36 -32.72 -43.86
C ALA D 78 -30.71 -32.05 -42.53
N ALA D 79 -31.20 -32.83 -41.56
CA ALA D 79 -31.57 -32.29 -40.23
C ALA D 79 -30.68 -32.96 -39.16
N ILE D 80 -30.00 -32.15 -38.34
CA ILE D 80 -29.10 -32.67 -37.28
C ILE D 80 -29.92 -33.46 -36.25
N ALA D 81 -31.17 -33.02 -36.04
CA ALA D 81 -32.15 -33.58 -35.09
C ALA D 81 -31.59 -33.47 -33.67
N ALA D 82 -30.54 -34.22 -33.34
CA ALA D 82 -29.92 -34.07 -32.00
C ALA D 82 -29.38 -32.64 -31.95
N VAL D 83 -29.64 -31.91 -30.86
CA VAL D 83 -29.17 -30.50 -30.78
C VAL D 83 -28.37 -30.29 -29.49
N GLU D 84 -27.24 -29.61 -29.59
CA GLU D 84 -26.37 -29.32 -28.42
C GLU D 84 -26.10 -27.81 -28.38
N ALA D 85 -25.99 -27.25 -27.17
CA ALA D 85 -25.71 -25.81 -26.97
C ALA D 85 -24.32 -25.47 -27.53
N GLU D 86 -23.37 -26.39 -27.34
CA GLU D 86 -21.94 -26.25 -27.77
C GLU D 86 -21.84 -26.05 -29.29
N ASP D 87 -22.72 -26.69 -30.07
CA ASP D 87 -22.64 -26.58 -31.55
C ASP D 87 -23.26 -25.25 -32.02
N ALA D 88 -22.48 -24.17 -31.93
CA ALA D 88 -22.90 -22.82 -32.39
C ALA D 88 -21.75 -22.22 -33.22
N ALA D 89 -21.52 -22.73 -34.44
CA ALA D 89 -20.42 -22.25 -35.29
C ALA D 89 -20.73 -22.49 -36.77
N ALA D 90 -19.95 -21.87 -37.67
CA ALA D 90 -20.15 -22.05 -39.13
C ALA D 90 -19.77 -23.48 -39.54
N TYR D 91 -20.53 -24.06 -40.48
CA TYR D 91 -20.30 -25.44 -40.97
C TYR D 91 -20.12 -25.43 -42.49
N TYR D 92 -19.07 -26.08 -42.98
CA TYR D 92 -18.75 -26.12 -44.44
C TYR D 92 -18.91 -27.55 -44.97
N CYS D 93 -19.51 -27.66 -46.16
CA CYS D 93 -19.76 -28.98 -46.82
C CYS D 93 -18.79 -29.17 -47.99
N ALA D 94 -18.04 -30.28 -47.99
CA ALA D 94 -17.08 -30.57 -49.09
C ALA D 94 -17.43 -31.91 -49.75
N GLN D 95 -17.54 -31.91 -51.08
CA GLN D 95 -17.87 -33.16 -51.84
C GLN D 95 -16.67 -34.11 -51.80
N ALA D 96 -16.92 -35.41 -51.64
CA ALA D 96 -15.84 -36.43 -51.60
C ALA D 96 -15.54 -36.92 -53.02
N ALA D 97 -16.36 -36.53 -54.00
CA ALA D 97 -16.18 -36.96 -55.40
C ALA D 97 -14.84 -36.43 -55.95
N ALA D 98 -14.50 -35.19 -55.60
CA ALA D 98 -13.23 -34.56 -56.07
C ALA D 98 -12.52 -33.94 -54.87
N ALA D 99 -11.20 -33.74 -54.97
CA ALA D 99 -10.42 -33.16 -53.85
C ALA D 99 -10.50 -31.63 -53.90
N ALA D 100 -11.68 -31.08 -53.57
CA ALA D 100 -11.90 -29.61 -53.56
C ALA D 100 -12.77 -29.27 -52.35
N ALA D 101 -12.60 -28.05 -51.81
CA ALA D 101 -13.39 -27.61 -50.63
C ALA D 101 -14.14 -26.32 -50.98
N THR D 102 -15.44 -26.27 -50.66
CA THR D 102 -16.27 -25.06 -50.94
C THR D 102 -16.10 -24.06 -49.79
N PHE D 103 -14.92 -23.45 -49.69
CA PHE D 103 -14.60 -22.46 -48.61
C PHE D 103 -15.26 -21.11 -48.92
N GLY D 104 -15.39 -20.25 -47.90
CA GLY D 104 -16.00 -18.93 -48.06
C GLY D 104 -17.51 -18.96 -47.90
N ALA D 105 -18.07 -20.13 -47.61
CA ALA D 105 -19.52 -20.27 -47.40
C ALA D 105 -19.82 -20.36 -45.90
N GLY D 106 -20.28 -21.53 -45.44
CA GLY D 106 -20.57 -21.75 -44.01
C GLY D 106 -22.01 -21.44 -43.65
N THR D 107 -22.50 -22.02 -42.56
CA THR D 107 -23.89 -21.78 -42.07
C THR D 107 -23.84 -21.31 -40.61
N ARG D 108 -24.52 -20.22 -40.29
CA ARG D 108 -24.52 -19.70 -38.89
C ARG D 108 -25.70 -20.32 -38.12
N ALA D 109 -25.47 -21.47 -37.47
CA ALA D 109 -26.51 -22.15 -36.67
C ALA D 109 -26.49 -21.61 -35.24
N GLU D 110 -27.18 -20.50 -35.21
CA GLU D 110 -27.34 -19.69 -34.01
C GLU D 110 -28.30 -20.35 -33.02
N ALA D 111 -28.59 -19.59 -31.99
CA ALA D 111 -29.43 -20.20 -30.96
C ALA D 111 -30.41 -19.24 -30.29
N LYS D 112 -31.61 -19.74 -29.99
CA LYS D 112 -32.71 -18.95 -29.39
C LYS D 112 -32.96 -19.46 -27.97
N ARG D 113 -32.99 -18.53 -27.01
CA ARG D 113 -33.20 -18.83 -25.56
C ARG D 113 -33.73 -17.56 -24.88
N THR D 114 -34.08 -17.66 -23.59
CA THR D 114 -34.57 -16.45 -22.86
C THR D 114 -33.47 -15.39 -22.92
N VAL D 115 -33.85 -14.16 -23.29
CA VAL D 115 -32.90 -13.02 -23.44
C VAL D 115 -32.22 -12.72 -22.09
N ALA D 116 -31.14 -13.43 -21.79
CA ALA D 116 -30.39 -13.19 -20.53
C ALA D 116 -29.77 -11.78 -20.59
N ALA D 117 -29.79 -11.07 -19.46
CA ALA D 117 -29.23 -9.70 -19.41
C ALA D 117 -27.72 -9.75 -19.66
N PRO D 118 -27.12 -8.79 -20.41
CA PRO D 118 -25.69 -8.78 -20.68
C PRO D 118 -24.98 -7.81 -19.72
N SER D 119 -23.96 -8.30 -19.01
CA SER D 119 -23.19 -7.47 -18.04
C SER D 119 -22.45 -6.35 -18.78
N VAL D 120 -22.41 -5.15 -18.18
CA VAL D 120 -21.72 -3.98 -18.79
C VAL D 120 -20.55 -3.57 -17.87
N PHE D 121 -19.35 -3.42 -18.44
CA PHE D 121 -18.15 -3.03 -17.66
C PHE D 121 -17.52 -1.78 -18.27
N ILE D 122 -17.06 -0.85 -17.43
CA ILE D 122 -16.40 0.40 -17.92
C ILE D 122 -14.95 0.40 -17.42
N PHE D 123 -14.00 0.62 -18.33
CA PHE D 123 -12.56 0.64 -17.96
C PHE D 123 -11.98 2.05 -18.14
N PRO D 124 -11.45 2.74 -16.98
CA PRO D 124 -10.73 4.22 -16.55
C PRO D 124 -9.45 4.55 -17.34
N PRO D 125 -8.79 5.69 -17.06
CA PRO D 125 -7.56 6.06 -17.76
C PRO D 125 -6.44 5.05 -17.43
N SER D 126 -5.61 4.73 -18.42
CA SER D 126 -4.50 3.75 -18.24
C SER D 126 -3.15 4.45 -18.46
N ASP D 127 -2.19 4.21 -17.58
CA ASP D 127 -0.84 4.82 -17.69
C ASP D 127 -0.20 4.36 -19.01
N GLU D 128 -0.35 3.08 -19.35
CA GLU D 128 0.19 2.53 -20.63
C GLU D 128 -0.56 3.18 -21.80
N GLN D 129 0.19 3.50 -22.87
CA GLN D 129 -0.26 4.12 -24.17
C GLN D 129 -0.45 5.64 -24.04
N LEU D 130 -0.15 6.21 -22.87
CA LEU D 130 -0.27 7.68 -22.66
C LEU D 130 0.76 8.39 -23.55
N LYS D 131 1.96 7.80 -23.67
CA LYS D 131 3.06 8.38 -24.48
C LYS D 131 2.63 8.46 -25.96
N SER D 132 1.92 7.43 -26.43
CA SER D 132 1.42 7.39 -27.82
C SER D 132 0.44 8.55 -28.06
N GLY D 133 -0.39 8.85 -27.07
CA GLY D 133 -1.38 9.94 -27.14
C GLY D 133 -2.71 9.45 -27.68
N THR D 134 -2.78 8.19 -28.11
CA THR D 134 -4.05 7.61 -28.61
C THR D 134 -4.84 7.05 -27.43
N ALA D 135 -5.37 7.94 -26.58
CA ALA D 135 -6.15 7.54 -25.39
C ALA D 135 -7.42 6.79 -25.82
N SER D 136 -7.60 5.56 -25.34
CA SER D 136 -8.78 4.74 -25.70
C SER D 136 -9.54 4.32 -24.43
N VAL D 137 -10.88 4.46 -24.46
CA VAL D 137 -11.75 4.06 -23.32
C VAL D 137 -12.56 2.84 -23.76
N VAL D 138 -12.55 1.77 -22.96
CA VAL D 138 -13.28 0.53 -23.35
C VAL D 138 -14.32 0.14 -22.30
N CYS D 139 -15.55 -0.13 -22.75
CA CYS D 139 -16.68 -0.58 -21.90
C CYS D 139 -17.05 -1.98 -22.40
N LEU D 140 -17.12 -2.97 -21.50
CA LEU D 140 -17.35 -4.37 -21.96
C LEU D 140 -18.66 -4.98 -21.45
N LEU D 141 -19.41 -5.62 -22.36
CA LEU D 141 -20.68 -6.31 -22.03
C LEU D 141 -20.68 -7.65 -22.77
N ASN D 142 -20.67 -8.76 -22.02
CA ASN D 142 -20.60 -10.13 -22.61
C ASN D 142 -21.66 -11.04 -21.99
N ASN D 143 -21.95 -12.16 -22.68
CA ASN D 143 -22.96 -13.16 -22.24
C ASN D 143 -24.34 -12.51 -22.12
N PHE D 144 -24.67 -11.62 -23.06
CA PHE D 144 -25.97 -10.92 -23.08
C PHE D 144 -26.71 -11.26 -24.38
N TYR D 145 -27.98 -11.70 -24.27
CA TYR D 145 -28.77 -12.02 -25.48
C TYR D 145 -30.03 -11.15 -25.52
N PRO D 146 -30.37 -10.43 -26.61
CA PRO D 146 -30.35 -10.95 -28.00
C PRO D 146 -28.97 -10.96 -28.69
N ARG D 147 -28.87 -11.68 -29.81
CA ARG D 147 -27.58 -11.79 -30.56
C ARG D 147 -27.13 -10.40 -31.01
N GLU D 148 -28.07 -9.58 -31.49
CA GLU D 148 -27.75 -8.20 -31.96
C GLU D 148 -27.97 -7.21 -30.80
N ALA D 149 -26.89 -6.54 -30.37
CA ALA D 149 -26.99 -5.55 -29.27
C ALA D 149 -26.59 -4.16 -29.77
N LYS D 150 -27.45 -3.17 -29.54
CA LYS D 150 -27.15 -1.77 -29.95
C LYS D 150 -26.14 -1.17 -28.96
N VAL D 151 -25.12 -0.48 -29.46
CA VAL D 151 -24.09 0.13 -28.57
C VAL D 151 -24.13 1.66 -28.75
N GLN D 152 -23.90 2.41 -27.69
CA GLN D 152 -23.70 3.85 -27.99
C GLN D 152 -22.48 4.36 -27.21
N TRP D 153 -21.96 5.53 -27.58
CA TRP D 153 -20.86 6.15 -26.80
C TRP D 153 -21.25 7.60 -26.47
N LYS D 154 -21.20 7.98 -25.19
CA LYS D 154 -21.54 9.36 -24.78
C LYS D 154 -20.32 10.00 -24.10
N VAL D 155 -19.88 11.15 -24.62
CA VAL D 155 -18.72 11.87 -24.01
C VAL D 155 -19.16 13.29 -23.65
N ASP D 156 -19.03 13.67 -22.38
CA ASP D 156 -19.44 15.02 -21.89
C ASP D 156 -20.91 15.30 -22.25
N ASN D 157 -21.79 14.31 -22.05
CA ASN D 157 -23.24 14.39 -22.36
C ASN D 157 -23.47 14.64 -23.85
N ALA D 158 -22.61 14.10 -24.72
CA ALA D 158 -22.74 14.25 -26.18
C ALA D 158 -22.61 12.88 -26.86
N LEU D 159 -23.48 12.59 -27.84
CA LEU D 159 -23.44 11.29 -28.55
C LEU D 159 -22.14 11.20 -29.38
N GLN D 160 -21.54 10.01 -29.44
CA GLN D 160 -20.28 9.79 -30.21
C GLN D 160 -20.54 8.73 -31.28
N SER D 161 -20.14 9.01 -32.54
CA SER D 161 -20.35 8.06 -33.65
C SER D 161 -19.08 8.00 -34.53
N GLY D 162 -18.90 6.89 -35.26
CA GLY D 162 -17.75 6.67 -36.16
C GLY D 162 -16.46 6.28 -35.46
N ASN D 163 -15.97 7.10 -34.52
CA ASN D 163 -14.71 6.81 -33.80
C ASN D 163 -14.85 5.51 -33.00
N SER D 164 -16.03 5.30 -32.38
CA SER D 164 -16.27 4.08 -31.57
C SER D 164 -16.23 2.84 -32.46
N GLN D 165 -15.63 1.75 -31.96
CA GLN D 165 -15.53 0.47 -32.73
C GLN D 165 -16.19 -0.65 -31.91
N GLU D 166 -17.05 -1.45 -32.55
CA GLU D 166 -17.74 -2.57 -31.85
C GLU D 166 -17.32 -3.91 -32.47
N SER D 167 -16.89 -4.86 -31.64
CA SER D 167 -16.47 -6.21 -32.10
C SER D 167 -17.36 -7.27 -31.43
N VAL D 168 -17.89 -8.21 -32.21
CA VAL D 168 -18.78 -9.27 -31.64
C VAL D 168 -18.04 -10.62 -31.67
N THR D 169 -17.90 -11.25 -30.50
CA THR D 169 -17.23 -12.56 -30.36
C THR D 169 -18.17 -13.67 -30.82
N GLU D 170 -17.61 -14.83 -31.20
CA GLU D 170 -18.43 -16.00 -31.64
C GLU D 170 -19.26 -16.49 -30.45
N GLN D 171 -20.48 -16.97 -30.70
CA GLN D 171 -21.37 -17.45 -29.61
C GLN D 171 -20.70 -18.61 -28.87
N ASP D 172 -20.73 -18.59 -27.53
CA ASP D 172 -20.15 -19.68 -26.71
C ASP D 172 -21.11 -20.87 -26.77
N SER D 173 -20.59 -22.07 -27.01
CA SER D 173 -21.47 -23.28 -27.10
C SER D 173 -22.17 -23.53 -25.76
N LYS D 174 -21.43 -23.40 -24.65
CA LYS D 174 -21.98 -23.69 -23.29
C LYS D 174 -23.11 -22.73 -22.89
N ASP D 175 -22.95 -21.42 -23.14
CA ASP D 175 -23.99 -20.45 -22.68
C ASP D 175 -24.91 -19.98 -23.81
N SER D 176 -24.56 -20.23 -25.08
CA SER D 176 -25.39 -19.79 -26.23
C SER D 176 -25.68 -18.29 -26.13
N THR D 177 -24.67 -17.47 -25.84
CA THR D 177 -24.84 -16.00 -25.69
C THR D 177 -23.77 -15.26 -26.49
N TYR D 178 -24.05 -13.99 -26.86
CA TYR D 178 -23.10 -13.16 -27.64
C TYR D 178 -22.63 -11.97 -26.79
N SER D 179 -21.32 -11.75 -26.73
CA SER D 179 -20.74 -10.61 -25.97
C SER D 179 -20.00 -9.67 -26.93
N LEU D 180 -20.31 -8.38 -26.89
CA LEU D 180 -19.66 -7.39 -27.80
C LEU D 180 -18.91 -6.34 -26.96
N SER D 181 -17.63 -6.11 -27.28
CA SER D 181 -16.81 -5.12 -26.55
C SER D 181 -16.59 -3.89 -27.43
N SER D 182 -16.84 -2.70 -26.89
CA SER D 182 -16.68 -1.43 -27.66
C SER D 182 -15.27 -0.87 -27.43
N THR D 183 -14.55 -0.58 -28.52
CA THR D 183 -13.18 -0.01 -28.44
C THR D 183 -13.21 1.41 -28.99
N LEU D 184 -12.71 2.38 -28.22
CA LEU D 184 -12.70 3.80 -28.66
C LEU D 184 -11.26 4.31 -28.73
N THR D 185 -10.89 4.93 -29.86
CA THR D 185 -9.53 5.49 -30.03
C THR D 185 -9.63 7.02 -30.03
N LEU D 186 -8.96 7.68 -29.08
CA LEU D 186 -9.00 9.16 -28.97
C LEU D 186 -7.58 9.70 -28.72
N SER D 187 -7.34 10.96 -29.11
CA SER D 187 -6.04 11.65 -28.88
C SER D 187 -5.94 12.06 -27.41
N LYS D 188 -4.72 12.31 -26.92
CA LYS D 188 -4.53 12.71 -25.49
C LYS D 188 -5.28 14.02 -25.24
N ALA D 189 -5.22 14.97 -26.18
CA ALA D 189 -5.94 16.26 -26.07
C ALA D 189 -7.45 16.01 -26.04
N ASP D 190 -7.91 15.04 -26.84
CA ASP D 190 -9.36 14.69 -26.92
C ASP D 190 -9.86 14.23 -25.56
N TYR D 191 -9.05 13.45 -24.83
CA TYR D 191 -9.42 12.96 -23.48
C TYR D 191 -9.61 14.15 -22.53
N GLU D 192 -8.75 15.17 -22.66
CA GLU D 192 -8.81 16.41 -21.83
C GLU D 192 -10.11 17.17 -22.10
N LYS D 193 -10.61 17.13 -23.35
CA LYS D 193 -11.84 17.88 -23.73
C LYS D 193 -13.07 17.43 -22.93
N HIS D 194 -13.24 16.12 -22.69
CA HIS D 194 -14.44 15.67 -21.94
C HIS D 194 -14.07 15.11 -20.57
N LYS D 195 -14.62 15.72 -19.50
CA LYS D 195 -14.32 15.33 -18.10
C LYS D 195 -14.85 13.92 -17.77
N VAL D 196 -16.05 13.57 -18.25
CA VAL D 196 -16.64 12.23 -17.90
C VAL D 196 -17.03 11.47 -19.18
N TYR D 197 -16.84 10.14 -19.14
CA TYR D 197 -17.18 9.23 -20.26
C TYR D 197 -18.26 8.25 -19.78
N ALA D 198 -19.33 8.08 -20.55
CA ALA D 198 -20.44 7.18 -20.17
C ALA D 198 -20.73 6.14 -21.26
N CYS D 199 -20.89 4.87 -20.87
CA CYS D 199 -21.20 3.77 -21.82
C CYS D 199 -22.65 3.31 -21.58
N GLU D 200 -23.47 3.30 -22.64
CA GLU D 200 -24.89 2.87 -22.52
C GLU D 200 -25.18 1.73 -23.50
N VAL D 201 -25.85 0.68 -23.03
CA VAL D 201 -26.19 -0.50 -23.89
C VAL D 201 -27.70 -0.73 -23.85
N THR D 202 -28.30 -0.99 -25.02
CA THR D 202 -29.77 -1.26 -25.11
C THR D 202 -29.97 -2.70 -25.58
N HIS D 203 -30.77 -3.48 -24.86
CA HIS D 203 -31.03 -4.90 -25.22
C HIS D 203 -32.52 -5.20 -25.12
N GLN D 204 -33.00 -6.19 -25.87
CA GLN D 204 -34.43 -6.60 -25.86
C GLN D 204 -34.80 -7.13 -24.48
N GLY D 205 -33.88 -7.86 -23.84
CA GLY D 205 -34.12 -8.49 -22.53
C GLY D 205 -34.42 -7.49 -21.42
N LEU D 206 -33.69 -6.38 -21.39
CA LEU D 206 -33.88 -5.34 -20.34
C LEU D 206 -34.59 -4.13 -20.98
N SER D 207 -35.88 -3.95 -20.66
CA SER D 207 -36.65 -2.80 -21.21
C SER D 207 -36.02 -1.49 -20.72
N SER D 208 -35.63 -1.44 -19.45
CA SER D 208 -35.00 -0.23 -18.86
C SER D 208 -33.59 -0.06 -19.46
N PRO D 209 -33.14 1.16 -19.79
CA PRO D 209 -31.81 1.37 -20.35
C PRO D 209 -30.72 1.10 -19.31
N VAL D 210 -29.62 0.46 -19.73
CA VAL D 210 -28.48 0.17 -18.79
C VAL D 210 -27.23 0.87 -19.32
N THR D 211 -26.57 1.67 -18.48
CA THR D 211 -25.35 2.41 -18.89
C THR D 211 -24.35 2.47 -17.72
N LYS D 212 -23.07 2.63 -18.03
CA LYS D 212 -22.00 2.73 -16.99
C LYS D 212 -21.36 4.12 -17.11
N SER D 213 -21.23 4.84 -15.98
CA SER D 213 -20.63 6.20 -16.01
C SER D 213 -19.32 6.21 -15.21
N PHE D 214 -18.26 6.74 -15.83
CA PHE D 214 -16.93 6.83 -15.18
C PHE D 214 -16.35 8.23 -15.43
N ASN D 215 -15.55 8.73 -14.49
CA ASN D 215 -14.92 10.07 -14.60
C ASN D 215 -13.40 9.92 -14.67
N ARG D 216 -12.75 10.58 -15.62
CA ARG D 216 -11.27 10.47 -15.77
C ARG D 216 -10.61 11.00 -14.49
N GLY D 217 -9.61 10.27 -13.98
CA GLY D 217 -8.88 10.65 -12.76
C GLY D 217 -9.57 10.20 -11.49
N GLU D 218 -10.72 9.53 -11.62
CA GLU D 218 -11.49 9.03 -10.44
C GLU D 218 -11.25 7.53 -10.28
N CYS D 219 -10.36 6.97 -11.11
CA CYS D 219 -10.04 5.51 -11.07
C CYS D 219 -11.33 4.69 -11.08
N ALA E 1 2.77 -39.53 -38.34
CA ALA E 1 2.71 -38.39 -37.40
C ALA E 1 1.62 -37.40 -37.85
N VAL E 2 1.08 -36.62 -36.91
CA VAL E 2 0.02 -35.62 -37.23
C VAL E 2 0.40 -34.28 -36.61
N ALA E 3 1.40 -33.60 -37.20
CA ALA E 3 1.80 -32.24 -36.77
C ALA E 3 2.20 -31.41 -37.99
N LEU E 4 1.67 -30.19 -38.12
CA LEU E 4 1.99 -29.28 -39.27
C LEU E 4 2.14 -27.84 -38.76
N ALA E 5 3.09 -27.08 -39.34
CA ALA E 5 3.32 -25.67 -38.93
C ALA E 5 3.38 -24.73 -40.14
N ALA E 6 2.70 -23.59 -40.07
CA ALA E 6 2.69 -22.54 -41.13
C ALA E 6 3.93 -21.64 -40.98
N SER E 7 4.22 -20.84 -42.01
CA SER E 7 5.35 -19.88 -42.01
C SER E 7 5.15 -18.86 -43.15
N GLY E 8 6.10 -17.92 -43.32
CA GLY E 8 6.01 -16.91 -44.40
C GLY E 8 4.70 -16.15 -44.37
N ALA E 9 4.26 -15.58 -43.24
CA ALA E 9 2.96 -14.89 -43.29
C ALA E 9 3.13 -13.40 -42.99
N ALA E 10 2.02 -12.64 -43.05
CA ALA E 10 1.89 -11.23 -42.59
C ALA E 10 2.64 -10.16 -43.40
N ALA E 11 3.43 -10.52 -44.41
CA ALA E 11 4.19 -9.52 -45.18
C ALA E 11 4.59 -10.10 -46.54
N ALA E 12 3.62 -10.26 -47.44
CA ALA E 12 3.89 -10.74 -48.82
C ALA E 12 3.85 -9.52 -49.75
N ALA E 13 4.93 -9.30 -50.51
CA ALA E 13 4.99 -8.12 -51.40
C ALA E 13 3.87 -8.19 -52.45
N PRO E 14 3.16 -7.08 -52.75
CA PRO E 14 2.09 -7.09 -53.74
C PRO E 14 2.65 -7.40 -55.13
N GLY E 15 1.98 -8.30 -55.86
CA GLY E 15 2.40 -8.70 -57.23
C GLY E 15 3.49 -9.76 -57.22
N ALA E 16 3.86 -10.26 -56.04
CA ALA E 16 4.92 -11.29 -55.91
C ALA E 16 4.36 -12.50 -55.15
N SER E 17 4.59 -13.71 -55.67
CA SER E 17 4.09 -14.95 -55.01
C SER E 17 4.79 -15.13 -53.65
N LEU E 18 4.03 -15.57 -52.64
CA LEU E 18 4.58 -15.79 -51.28
C LEU E 18 4.72 -17.30 -51.06
N LYS E 19 5.68 -17.72 -50.22
CA LYS E 19 5.88 -19.18 -49.98
C LYS E 19 5.53 -19.53 -48.53
N LEU E 20 4.65 -20.51 -48.34
CA LEU E 20 4.23 -20.98 -46.99
C LEU E 20 4.57 -22.47 -46.89
N SER E 21 5.31 -22.86 -45.86
CA SER E 21 5.70 -24.29 -45.71
C SER E 21 5.08 -24.90 -44.45
N CYS E 22 4.44 -26.05 -44.61
CA CYS E 22 3.83 -26.79 -43.47
C CYS E 22 4.79 -27.94 -43.13
N ALA E 23 5.26 -28.02 -41.89
CA ALA E 23 6.24 -29.05 -41.49
C ALA E 23 5.53 -30.36 -41.15
N ALA E 24 4.98 -31.04 -42.17
CA ALA E 24 4.29 -32.33 -41.98
C ALA E 24 5.30 -33.40 -41.56
N SER E 25 4.89 -34.31 -40.68
CA SER E 25 5.79 -35.39 -40.19
C SER E 25 5.22 -36.75 -40.60
N GLY E 26 6.08 -37.65 -41.07
CA GLY E 26 5.70 -39.02 -41.48
C GLY E 26 4.53 -39.04 -42.44
N ALA E 27 4.30 -37.94 -43.15
CA ALA E 27 3.18 -37.86 -44.12
C ALA E 27 3.43 -38.84 -45.26
N THR E 28 2.38 -39.51 -45.73
CA THR E 28 2.49 -40.50 -46.85
C THR E 28 1.74 -39.93 -48.06
N ALA E 29 2.40 -39.84 -49.21
CA ALA E 29 1.79 -39.26 -50.43
C ALA E 29 0.57 -40.07 -50.87
N ALA E 30 0.65 -41.40 -50.78
CA ALA E 30 -0.47 -42.27 -51.22
C ALA E 30 -1.73 -42.06 -50.37
N ALA E 31 -1.60 -41.94 -49.04
CA ALA E 31 -2.79 -41.81 -48.16
C ALA E 31 -2.96 -40.39 -47.59
N ALA E 32 -2.08 -39.45 -47.91
CA ALA E 32 -2.22 -38.08 -47.33
C ALA E 32 -1.74 -37.00 -48.31
N ALA E 33 -2.20 -35.76 -48.11
CA ALA E 33 -1.81 -34.63 -48.99
C ALA E 33 -1.87 -33.31 -48.20
N ALA E 34 -1.32 -32.25 -48.78
CA ALA E 34 -1.29 -30.91 -48.13
C ALA E 34 -2.05 -29.90 -49.01
N ALA E 35 -2.93 -29.11 -48.40
CA ALA E 35 -3.72 -28.10 -49.15
C ALA E 35 -3.67 -26.75 -48.43
N TRP E 36 -3.84 -25.66 -49.20
CA TRP E 36 -3.83 -24.27 -48.65
C TRP E 36 -5.22 -23.65 -48.83
N VAL E 37 -5.96 -23.27 -47.78
CA VAL E 37 -7.40 -22.94 -48.07
C VAL E 37 -7.68 -21.44 -48.11
N ARG E 38 -8.32 -20.86 -49.13
CA ARG E 38 -8.54 -19.39 -49.04
C ARG E 38 -9.81 -19.05 -48.26
N ALA E 39 -9.80 -19.36 -46.95
CA ALA E 39 -10.91 -19.06 -46.02
C ALA E 39 -10.78 -17.60 -45.54
N ALA E 40 -9.55 -17.07 -45.55
CA ALA E 40 -9.27 -15.65 -45.19
C ALA E 40 -9.91 -15.26 -43.86
N ALA E 41 -10.54 -14.07 -43.81
CA ALA E 41 -11.23 -13.61 -42.57
C ALA E 41 -12.31 -12.57 -42.88
N GLY E 42 -13.59 -12.91 -42.68
CA GLY E 42 -14.71 -11.96 -42.80
C GLY E 42 -14.77 -11.18 -44.10
N LYS E 43 -14.63 -11.84 -45.25
CA LYS E 43 -14.65 -11.14 -46.57
C LYS E 43 -15.07 -12.12 -47.66
N ALA E 44 -14.73 -11.85 -48.93
CA ALA E 44 -15.03 -12.79 -50.02
C ALA E 44 -13.93 -13.85 -50.04
N LEU E 45 -14.29 -15.12 -49.81
CA LEU E 45 -13.31 -16.24 -49.68
C LEU E 45 -13.63 -17.34 -50.70
N GLU E 46 -12.61 -17.82 -51.44
CA GLU E 46 -12.83 -18.91 -52.42
C GLU E 46 -12.00 -20.16 -52.08
N TRP E 47 -10.85 -20.35 -52.74
CA TRP E 47 -9.98 -21.54 -52.52
C TRP E 47 -8.55 -21.23 -52.98
N VAL E 48 -7.57 -22.02 -52.54
CA VAL E 48 -6.14 -21.78 -52.89
C VAL E 48 -5.64 -22.96 -53.76
N ALA E 49 -4.64 -23.70 -53.26
CA ALA E 49 -4.08 -24.85 -54.00
C ALA E 49 -3.94 -26.06 -53.07
N ALA E 50 -4.26 -27.25 -53.57
CA ALA E 50 -4.13 -28.51 -52.79
C ALA E 50 -3.33 -29.52 -53.61
N ILE E 51 -2.45 -30.26 -52.92
CA ILE E 51 -1.49 -31.25 -53.52
C ILE E 51 -2.08 -32.66 -53.50
N ALA E 52 -1.79 -33.42 -54.57
CA ALA E 52 -2.21 -34.83 -54.75
C ALA E 52 -1.22 -35.76 -54.03
N ALA E 53 -1.53 -37.05 -53.99
CA ALA E 53 -0.69 -38.09 -53.33
C ALA E 53 0.60 -38.34 -54.12
N ALA E 54 1.58 -38.96 -53.46
CA ALA E 54 2.91 -39.27 -54.05
C ALA E 54 2.75 -40.18 -55.28
N ALA E 55 1.81 -41.13 -55.22
CA ALA E 55 1.57 -42.06 -56.34
C ALA E 55 1.10 -41.25 -57.56
N ALA E 56 0.63 -40.02 -57.32
CA ALA E 56 0.14 -39.12 -58.39
C ALA E 56 1.28 -38.23 -58.88
N ALA E 57 2.48 -38.42 -58.32
CA ALA E 57 3.70 -37.64 -58.66
C ALA E 57 3.48 -36.14 -58.42
N ALA E 58 2.77 -35.80 -57.34
CA ALA E 58 2.49 -34.40 -56.93
C ALA E 58 1.78 -33.62 -58.04
N ALA E 59 0.85 -34.26 -58.76
CA ALA E 59 0.09 -33.58 -59.83
C ALA E 59 -1.40 -33.63 -59.50
N ALA E 60 -2.05 -32.47 -59.40
CA ALA E 60 -3.49 -32.41 -59.09
C ALA E 60 -4.15 -31.23 -59.83
N ALA E 61 -5.46 -31.31 -60.05
CA ALA E 61 -6.22 -30.24 -60.72
C ALA E 61 -6.21 -28.98 -59.85
N ALA E 62 -6.15 -27.80 -60.47
CA ALA E 62 -6.11 -26.53 -59.71
C ALA E 62 -7.14 -25.55 -60.30
N ALA E 63 -7.63 -24.62 -59.47
CA ALA E 63 -8.62 -23.60 -59.90
C ALA E 63 -7.97 -22.67 -60.95
N ALA E 64 -8.77 -22.20 -61.92
CA ALA E 64 -8.21 -21.32 -62.98
C ALA E 64 -7.64 -20.04 -62.36
N ALA E 65 -8.36 -19.45 -61.39
CA ALA E 65 -7.86 -18.23 -60.71
C ALA E 65 -6.57 -18.60 -59.95
N ALA E 66 -6.59 -19.75 -59.27
CA ALA E 66 -5.44 -20.25 -58.48
C ALA E 66 -4.26 -20.56 -59.42
N ALA E 67 -4.55 -21.11 -60.59
CA ALA E 67 -3.49 -21.50 -61.56
C ALA E 67 -2.71 -20.26 -62.02
N ALA E 68 -1.37 -20.41 -62.08
CA ALA E 68 -0.33 -19.44 -62.50
C ALA E 68 -0.03 -18.39 -61.43
N ALA E 69 -0.64 -18.51 -60.24
CA ALA E 69 -0.39 -17.56 -59.13
C ALA E 69 0.16 -18.32 -57.92
N ALA E 70 0.06 -19.66 -57.94
CA ALA E 70 0.54 -20.49 -56.82
C ALA E 70 1.51 -21.57 -57.33
N ALA E 71 2.64 -21.74 -56.62
CA ALA E 71 3.65 -22.76 -56.98
C ALA E 71 3.77 -23.77 -55.83
N ILE E 72 3.69 -25.07 -56.12
CA ILE E 72 3.77 -26.11 -55.06
C ILE E 72 5.01 -26.97 -55.29
N SER E 73 5.84 -27.10 -54.24
CA SER E 73 7.08 -27.93 -54.31
C SER E 73 7.06 -28.98 -53.21
N ALA E 74 7.32 -30.24 -53.55
CA ALA E 74 7.31 -31.33 -52.55
C ALA E 74 8.70 -31.97 -52.44
N ASP E 75 9.24 -32.05 -51.21
CA ASP E 75 10.56 -32.67 -50.97
C ASP E 75 10.39 -33.79 -49.93
N ALA E 76 10.91 -34.98 -50.24
CA ALA E 76 10.77 -36.13 -49.30
C ALA E 76 11.51 -35.82 -48.00
N SER E 77 12.70 -35.24 -48.09
CA SER E 77 13.52 -34.89 -46.89
C SER E 77 12.79 -33.81 -46.07
N ALA E 78 12.23 -32.81 -46.75
CA ALA E 78 11.51 -31.70 -46.06
C ALA E 78 10.28 -32.23 -45.32
N ALA E 79 9.55 -33.16 -45.96
CA ALA E 79 8.32 -33.78 -45.38
C ALA E 79 7.31 -32.69 -44.97
N ALA E 80 7.13 -31.67 -45.80
CA ALA E 80 6.18 -30.56 -45.49
C ALA E 80 5.63 -29.98 -46.79
N ALA E 81 4.85 -28.89 -46.68
CA ALA E 81 4.23 -28.30 -47.88
C ALA E 81 4.84 -26.93 -48.16
N ALA E 82 5.31 -26.73 -49.39
CA ALA E 82 5.86 -25.42 -49.79
C ALA E 82 4.80 -24.77 -50.71
N LEU E 83 4.29 -23.61 -50.30
CA LEU E 83 3.24 -22.94 -51.12
C LEU E 83 3.93 -21.91 -52.00
N ALA E 84 3.75 -22.06 -53.33
CA ALA E 84 4.36 -21.11 -54.29
C ALA E 84 3.25 -20.22 -54.86
N ALA E 85 2.38 -19.60 -53.99
CA ALA E 85 1.23 -18.65 -54.15
C ALA E 85 1.58 -17.08 -54.32
N ALA E 86 1.41 -16.25 -55.65
CA ALA E 86 1.97 -15.57 -57.18
C ALA E 86 1.26 -14.44 -57.55
N SER E 87 1.97 -13.35 -57.90
CA SER E 87 1.15 -12.16 -58.23
C SER E 87 0.18 -11.91 -57.05
N LEU E 88 0.68 -11.77 -55.82
CA LEU E 88 -0.17 -11.58 -54.62
C LEU E 88 -0.95 -10.26 -54.70
N ALA E 89 -2.28 -10.35 -54.85
CA ALA E 89 -3.16 -9.16 -54.91
C ALA E 89 -3.39 -8.58 -53.51
N ALA E 90 -3.89 -7.35 -53.43
CA ALA E 90 -4.13 -6.67 -52.13
C ALA E 90 -5.18 -7.42 -51.30
N ALA E 91 -6.24 -7.91 -51.94
CA ALA E 91 -7.35 -8.62 -51.23
C ALA E 91 -7.06 -10.12 -51.17
N ASP E 92 -5.94 -10.56 -51.75
CA ASP E 92 -5.56 -11.99 -51.80
C ASP E 92 -5.33 -12.55 -50.38
N THR E 93 -4.77 -11.75 -49.47
CA THR E 93 -4.43 -12.22 -48.09
C THR E 93 -5.67 -12.84 -47.41
N ALA E 94 -5.48 -14.00 -46.79
CA ALA E 94 -6.52 -14.79 -46.09
C ALA E 94 -5.87 -15.84 -45.20
N ALA E 95 -6.66 -16.77 -44.64
CA ALA E 95 -6.13 -17.81 -43.73
C ALA E 95 -6.32 -19.20 -44.37
N TYR E 96 -5.24 -19.98 -44.44
CA TYR E 96 -5.27 -21.36 -45.03
C TYR E 96 -4.68 -22.37 -44.05
N TYR E 97 -5.35 -23.51 -43.86
CA TYR E 97 -4.85 -24.57 -42.93
C TYR E 97 -4.31 -25.74 -43.75
N CYS E 98 -3.07 -26.17 -43.45
CA CYS E 98 -2.41 -27.27 -44.21
C CYS E 98 -2.67 -28.62 -43.55
N ALA E 99 -3.62 -29.40 -44.09
CA ALA E 99 -3.94 -30.75 -43.58
C ALA E 99 -4.75 -31.51 -44.64
N ALA E 100 -4.80 -32.85 -44.53
CA ALA E 100 -5.58 -33.68 -45.48
C ALA E 100 -7.06 -33.30 -45.37
N ALA E 101 -7.71 -32.99 -46.50
CA ALA E 101 -9.13 -32.59 -46.49
C ALA E 101 -10.04 -33.83 -46.50
N GLY E 102 -10.10 -34.56 -45.38
CA GLY E 102 -10.95 -35.75 -45.26
C GLY E 102 -10.70 -36.77 -46.37
N ALA E 103 -9.43 -37.01 -46.69
CA ALA E 103 -9.09 -37.98 -47.76
C ALA E 103 -9.55 -39.38 -47.36
N ALA E 104 -10.13 -40.13 -48.30
CA ALA E 104 -10.62 -41.51 -48.04
C ALA E 104 -9.44 -42.41 -47.67
N ALA E 105 -8.31 -42.26 -48.35
CA ALA E 105 -7.11 -43.08 -48.09
C ALA E 105 -6.72 -42.96 -46.61
N ALA E 106 -6.33 -41.76 -46.18
CA ALA E 106 -5.94 -41.51 -44.75
C ALA E 106 -6.12 -40.02 -44.43
N ALA E 107 -5.90 -39.75 -43.15
CA ALA E 107 -6.17 -38.42 -42.60
C ALA E 107 -4.89 -37.81 -42.00
N ALA E 108 -4.56 -36.59 -42.41
CA ALA E 108 -3.38 -35.85 -41.92
C ALA E 108 -3.89 -34.55 -41.38
N TRP E 109 -3.46 -34.19 -40.15
CA TRP E 109 -4.15 -32.97 -39.66
C TRP E 109 -3.27 -32.03 -39.16
N GLY E 110 -3.84 -30.70 -39.13
CA GLY E 110 -4.01 -29.30 -39.61
C GLY E 110 -3.70 -28.12 -38.62
N GLN E 111 -3.61 -26.87 -39.08
CA GLN E 111 -3.33 -25.71 -38.18
C GLN E 111 -3.68 -24.41 -38.93
N GLY E 112 -2.95 -24.11 -40.01
CA GLY E 112 -3.18 -22.89 -40.82
C GLY E 112 -2.32 -21.74 -40.35
N THR E 113 -2.12 -20.74 -41.23
CA THR E 113 -1.30 -19.55 -40.89
C THR E 113 -1.99 -18.30 -41.44
N LEU E 114 -1.79 -17.14 -40.80
CA LEU E 114 -2.41 -15.88 -41.27
C LEU E 114 -1.32 -14.87 -41.65
N VAL E 115 -1.41 -14.31 -42.86
CA VAL E 115 -0.44 -13.30 -43.35
C VAL E 115 -1.26 -12.14 -43.95
N THR E 116 -0.75 -10.91 -43.83
CA THR E 116 -1.44 -9.71 -44.38
C THR E 116 -0.54 -9.05 -45.41
N VAL E 117 -1.01 -8.95 -46.67
CA VAL E 117 -0.20 -8.32 -47.74
C VAL E 117 -0.70 -6.89 -47.96
N SER E 118 0.19 -5.92 -47.74
CA SER E 118 -0.15 -4.47 -47.89
C SER E 118 1.15 -3.68 -48.15
N SER E 119 1.02 -2.45 -48.66
CA SER E 119 2.21 -1.61 -48.93
C SER E 119 2.96 -1.34 -47.62
N ALA E 120 2.21 -1.07 -46.54
CA ALA E 120 2.83 -0.81 -45.22
C ALA E 120 3.50 -2.09 -44.69
N SER E 121 4.70 -1.93 -44.12
CA SER E 121 5.47 -3.08 -43.55
C SER E 121 4.85 -3.52 -42.22
N PRO E 122 5.07 -4.87 -41.73
CA PRO E 122 4.67 -5.84 -40.39
C PRO E 122 4.99 -5.12 -39.07
N THR E 123 4.23 -4.07 -38.75
CA THR E 123 4.46 -3.27 -37.51
C THR E 123 4.19 -4.14 -36.28
N SER E 124 5.02 -3.98 -35.24
CA SER E 124 4.88 -4.77 -33.99
C SER E 124 3.60 -4.37 -33.25
N PRO E 125 2.82 -5.34 -32.70
CA PRO E 125 1.59 -5.04 -31.96
C PRO E 125 1.88 -4.43 -30.59
N LYS E 126 1.00 -3.53 -30.13
CA LYS E 126 1.15 -2.89 -28.79
C LYS E 126 -0.06 -3.28 -27.92
N VAL E 127 0.20 -3.82 -26.72
CA VAL E 127 -0.91 -4.24 -25.81
C VAL E 127 -0.76 -3.53 -24.46
N PHE E 128 -1.83 -2.90 -23.97
CA PHE E 128 -1.82 -2.20 -22.66
C PHE E 128 -2.97 -2.71 -21.79
N PRO E 129 -2.70 -3.13 -20.42
CA PRO E 129 -3.55 -3.71 -19.07
C PRO E 129 -4.36 -2.57 -18.44
N LEU E 130 -5.69 -2.72 -18.37
CA LEU E 130 -6.55 -1.65 -17.81
C LEU E 130 -7.27 -2.14 -16.54
N SER E 131 -7.17 -1.37 -15.45
CA SER E 131 -7.88 -1.71 -14.19
C SER E 131 -9.35 -1.34 -14.37
N LEU E 132 -10.26 -2.00 -13.64
CA LEU E 132 -11.71 -1.70 -13.81
C LEU E 132 -12.05 -0.39 -13.06
N CYS E 133 -12.64 0.57 -13.76
CA CYS E 133 -13.05 1.87 -13.16
C CYS E 133 -14.12 1.60 -12.11
N SER E 134 -15.04 0.68 -12.43
CA SER E 134 -16.17 0.31 -11.53
C SER E 134 -15.83 -1.02 -10.85
N THR E 135 -16.35 -1.23 -9.63
CA THR E 135 -16.06 -2.48 -8.87
C THR E 135 -16.63 -3.69 -9.64
N GLN E 136 -15.91 -4.82 -9.59
CA GLN E 136 -16.28 -6.07 -10.29
C GLN E 136 -17.45 -6.76 -9.58
N PRO E 137 -18.12 -7.74 -10.24
CA PRO E 137 -19.26 -8.47 -9.65
C PRO E 137 -18.84 -9.46 -8.55
N ASP E 138 -19.81 -9.95 -7.77
CA ASP E 138 -19.45 -10.87 -6.65
C ASP E 138 -18.71 -12.10 -7.21
N GLY E 139 -17.62 -12.47 -6.54
CA GLY E 139 -16.78 -13.64 -6.86
C GLY E 139 -15.89 -13.49 -8.09
N ASN E 140 -16.48 -13.24 -9.27
CA ASN E 140 -15.72 -13.14 -10.54
C ASN E 140 -14.90 -11.84 -10.59
N VAL E 141 -13.73 -11.87 -11.23
CA VAL E 141 -12.89 -10.65 -11.38
C VAL E 141 -12.70 -10.38 -12.88
N VAL E 142 -12.86 -9.12 -13.32
CA VAL E 142 -12.72 -8.80 -14.77
C VAL E 142 -11.52 -7.89 -15.01
N ILE E 143 -10.54 -8.37 -15.79
CA ILE E 143 -9.32 -7.59 -16.15
C ILE E 143 -9.10 -7.73 -17.66
N ALA E 144 -8.61 -6.69 -18.34
CA ALA E 144 -8.44 -6.84 -19.81
C ALA E 144 -7.22 -6.07 -20.33
N CYS E 145 -6.61 -6.60 -21.39
CA CYS E 145 -5.44 -5.95 -22.06
C CYS E 145 -5.93 -5.51 -23.46
N LEU E 146 -5.70 -4.25 -23.82
CA LEU E 146 -6.19 -3.71 -25.12
C LEU E 146 -5.04 -3.65 -26.12
N VAL E 147 -5.28 -4.15 -27.34
CA VAL E 147 -4.25 -4.12 -28.42
C VAL E 147 -4.59 -2.98 -29.38
N GLN E 148 -3.66 -2.03 -29.56
CA GLN E 148 -3.90 -0.87 -30.44
C GLN E 148 -2.74 -0.72 -31.43
N GLY E 149 -3.05 -0.41 -32.69
CA GLY E 149 -2.03 -0.22 -33.74
C GLY E 149 -1.13 -1.44 -33.89
N PHE E 150 -1.72 -2.63 -33.85
CA PHE E 150 -0.95 -3.91 -33.98
C PHE E 150 -1.12 -4.48 -35.39
N PHE E 151 -0.09 -5.18 -35.88
CA PHE E 151 -0.11 -5.79 -37.23
C PHE E 151 0.63 -7.15 -37.17
N PRO E 152 0.40 -8.07 -38.14
CA PRO E 152 -0.91 -8.35 -38.69
C PRO E 152 -1.78 -9.13 -37.69
N GLN E 153 -3.10 -9.09 -37.87
CA GLN E 153 -4.05 -9.79 -36.96
C GLN E 153 -3.78 -11.30 -37.00
N GLU E 154 -3.50 -11.84 -38.19
CA GLU E 154 -3.21 -13.29 -38.34
C GLU E 154 -1.74 -13.48 -38.72
N PRO E 155 -0.97 -14.31 -37.99
CA PRO E 155 -1.46 -14.99 -36.79
C PRO E 155 -0.94 -14.34 -35.50
N LEU E 156 -1.86 -13.89 -34.64
CA LEU E 156 -1.50 -13.26 -33.35
C LEU E 156 -2.25 -14.00 -32.22
N SER E 157 -1.54 -14.36 -31.15
CA SER E 157 -2.18 -15.09 -30.02
C SER E 157 -2.06 -14.25 -28.74
N VAL E 158 -3.19 -14.06 -28.04
CA VAL E 158 -3.21 -13.30 -26.76
C VAL E 158 -3.62 -14.27 -25.64
N THR E 159 -2.83 -14.32 -24.56
CA THR E 159 -3.11 -15.24 -23.43
C THR E 159 -2.89 -14.50 -22.10
N TRP E 160 -3.56 -14.97 -21.04
CA TRP E 160 -3.42 -14.37 -19.69
C TRP E 160 -2.63 -15.33 -18.79
N SER E 161 -1.60 -14.81 -18.10
CA SER E 161 -0.72 -15.62 -17.22
C SER E 161 -1.55 -16.49 -16.27
N GLU E 162 -2.35 -15.85 -15.40
CA GLU E 162 -3.17 -16.60 -14.39
C GLU E 162 -4.19 -17.50 -15.10
N SER E 163 -4.36 -18.72 -14.59
CA SER E 163 -5.33 -19.71 -15.14
C SER E 163 -6.23 -20.21 -14.02
N GLY E 164 -7.55 -20.22 -14.24
CA GLY E 164 -8.51 -20.67 -13.21
C GLY E 164 -9.58 -21.58 -13.80
N GLN E 165 -10.17 -22.46 -12.97
CA GLN E 165 -11.23 -23.37 -13.46
C GLN E 165 -12.44 -22.53 -13.89
N GLY E 166 -13.04 -22.89 -15.03
CA GLY E 166 -14.21 -22.17 -15.59
C GLY E 166 -13.90 -20.71 -15.90
N VAL E 167 -12.67 -20.43 -16.34
CA VAL E 167 -12.24 -19.04 -16.69
C VAL E 167 -12.93 -18.61 -17.98
N THR E 168 -13.30 -17.34 -18.10
CA THR E 168 -13.96 -16.82 -19.33
C THR E 168 -13.04 -15.78 -19.98
N ALA E 169 -12.68 -15.99 -21.25
CA ALA E 169 -11.80 -15.06 -21.99
C ALA E 169 -12.39 -14.75 -23.37
N ARG E 170 -13.45 -13.94 -23.42
CA ARG E 170 -14.11 -13.58 -24.72
C ARG E 170 -13.05 -13.04 -25.69
N ASN E 171 -13.06 -13.53 -26.94
CA ASN E 171 -12.06 -13.06 -27.94
C ASN E 171 -12.72 -12.04 -28.85
N PHE E 172 -12.08 -10.88 -29.04
CA PHE E 172 -12.65 -9.80 -29.89
C PHE E 172 -11.95 -9.81 -31.25
N PRO E 173 -12.67 -10.15 -32.46
CA PRO E 173 -12.42 -10.21 -34.15
C PRO E 173 -11.69 -8.93 -34.55
N PRO E 174 -10.74 -8.97 -35.52
CA PRO E 174 -9.98 -7.77 -35.91
C PRO E 174 -10.85 -6.65 -36.51
N SER E 175 -10.56 -5.41 -36.15
CA SER E 175 -11.30 -4.22 -36.66
C SER E 175 -10.33 -3.23 -37.32
N GLN E 176 -10.66 -2.75 -38.52
CA GLN E 176 -9.77 -1.79 -39.25
C GLN E 176 -9.73 -0.44 -38.52
N ASP E 177 -8.55 0.16 -38.45
CA ASP E 177 -8.34 1.49 -37.79
C ASP E 177 -8.84 2.59 -38.74
N ALA E 178 -9.16 3.76 -38.19
CA ALA E 178 -9.64 4.90 -39.01
C ALA E 178 -8.56 5.32 -40.00
N SER E 179 -7.29 5.33 -39.57
CA SER E 179 -6.16 5.74 -40.45
C SER E 179 -5.11 4.62 -40.54
N GLY E 180 -4.71 4.27 -41.77
CA GLY E 180 -3.68 3.24 -42.03
C GLY E 180 -4.23 1.83 -42.05
N ASP E 181 -5.54 1.67 -41.81
CA ASP E 181 -6.22 0.34 -41.81
C ASP E 181 -5.55 -0.63 -40.82
N LEU E 182 -5.15 -0.13 -39.64
CA LEU E 182 -4.50 -0.98 -38.61
C LEU E 182 -5.54 -1.92 -37.98
N TYR E 183 -5.16 -3.16 -37.69
CA TYR E 183 -6.10 -4.12 -37.06
C TYR E 183 -6.34 -3.73 -35.60
N THR E 184 -7.55 -4.02 -35.08
CA THR E 184 -7.87 -3.73 -33.66
C THR E 184 -8.40 -5.01 -33.00
N THR E 185 -7.85 -5.36 -31.82
CA THR E 185 -8.27 -6.58 -31.09
C THR E 185 -8.09 -6.36 -29.58
N SER E 186 -8.76 -7.15 -28.74
CA SER E 186 -8.58 -7.01 -27.26
C SER E 186 -8.87 -8.35 -26.57
N SER E 187 -8.32 -8.55 -25.37
CA SER E 187 -8.54 -9.81 -24.62
C SER E 187 -9.18 -9.52 -23.27
N GLN E 188 -10.27 -10.21 -22.95
CA GLN E 188 -10.99 -10.05 -21.66
C GLN E 188 -11.07 -11.42 -20.97
N LEU E 189 -10.73 -11.49 -19.68
CA LEU E 189 -10.77 -12.79 -18.96
C LEU E 189 -11.34 -12.59 -17.55
N THR E 190 -12.11 -13.57 -17.08
CA THR E 190 -12.75 -13.52 -15.74
C THR E 190 -12.30 -14.73 -14.92
N LEU E 191 -11.94 -14.52 -13.66
CA LEU E 191 -11.47 -15.61 -12.77
C LEU E 191 -12.13 -15.47 -11.39
N PRO E 192 -12.18 -16.53 -10.56
CA PRO E 192 -12.81 -16.47 -9.23
C PRO E 192 -12.08 -15.49 -8.30
N ALA E 193 -12.83 -14.91 -7.36
CA ALA E 193 -12.30 -13.91 -6.40
C ALA E 193 -11.17 -14.52 -5.56
N THR E 194 -11.32 -15.79 -5.16
CA THR E 194 -10.28 -16.50 -4.36
C THR E 194 -8.97 -16.60 -5.17
N GLN E 195 -9.08 -16.83 -6.49
CA GLN E 195 -7.90 -16.99 -7.38
C GLN E 195 -7.06 -15.71 -7.40
N CYS E 196 -7.68 -14.53 -7.45
CA CYS E 196 -6.89 -13.27 -7.49
C CYS E 196 -6.76 -12.68 -6.08
N LEU E 197 -5.59 -12.84 -5.46
CA LEU E 197 -5.33 -12.29 -4.10
C LEU E 197 -5.00 -10.80 -4.20
N ALA E 198 -5.14 -10.06 -3.11
CA ALA E 198 -4.82 -8.61 -3.11
C ALA E 198 -3.32 -8.44 -3.35
N GLY E 199 -2.94 -7.44 -4.16
CA GLY E 199 -1.52 -7.19 -4.46
C GLY E 199 -1.02 -8.08 -5.59
N LYS E 200 -1.82 -9.07 -5.98
CA LYS E 200 -1.44 -10.01 -7.08
C LYS E 200 -1.35 -9.22 -8.39
N SER E 201 -0.38 -9.57 -9.24
CA SER E 201 -0.18 -8.87 -10.53
C SER E 201 -0.44 -9.84 -11.69
N VAL E 202 -1.22 -9.40 -12.69
CA VAL E 202 -1.53 -10.24 -13.88
C VAL E 202 -0.96 -9.57 -15.14
N THR E 203 -0.33 -10.36 -16.02
CA THR E 203 0.28 -9.84 -17.26
C THR E 203 -0.36 -10.51 -18.49
N CYS E 204 -0.79 -9.70 -19.47
CA CYS E 204 -1.43 -10.18 -20.72
C CYS E 204 -0.40 -10.92 -21.58
N HIS E 205 -0.79 -12.04 -22.19
CA HIS E 205 0.10 -12.85 -23.07
C HIS E 205 -0.56 -13.05 -24.45
N VAL E 206 -0.01 -12.05 -25.15
CA VAL E 206 -0.17 -11.43 -26.49
C VAL E 206 1.10 -11.59 -27.32
N LYS E 207 0.97 -12.04 -28.57
CA LYS E 207 2.12 -12.12 -29.52
C LYS E 207 1.72 -11.30 -30.76
N HIS E 208 2.42 -10.18 -31.02
CA HIS E 208 2.03 -9.32 -32.16
C HIS E 208 2.22 -10.02 -33.51
N TYR E 209 3.39 -10.65 -33.74
CA TYR E 209 3.64 -11.36 -35.02
C TYR E 209 4.80 -12.35 -34.85
N THR E 210 4.61 -13.44 -34.09
CA THR E 210 5.68 -14.45 -33.89
C THR E 210 6.96 -13.76 -33.40
N ASN E 211 6.86 -12.88 -32.40
CA ASN E 211 8.02 -12.12 -31.87
C ASN E 211 8.03 -12.23 -30.35
N PRO E 212 9.18 -11.98 -29.68
CA PRO E 212 9.29 -12.06 -28.21
C PRO E 212 8.14 -11.34 -27.49
N SER E 213 7.46 -12.08 -26.60
CA SER E 213 6.30 -11.55 -25.83
C SER E 213 6.72 -10.38 -24.93
N GLN E 214 5.81 -9.42 -24.74
CA GLN E 214 6.03 -8.24 -23.87
C GLN E 214 4.94 -8.24 -22.80
N ASP E 215 5.26 -7.84 -21.57
CA ASP E 215 4.22 -7.91 -20.51
C ASP E 215 3.90 -6.53 -19.93
N VAL E 216 2.63 -6.18 -19.75
CA VAL E 216 2.43 -4.91 -19.00
C VAL E 216 1.57 -5.26 -17.78
N THR E 217 2.08 -4.96 -16.58
CA THR E 217 1.43 -5.39 -15.32
C THR E 217 -0.01 -4.89 -15.23
N VAL E 218 -1.00 -5.76 -15.06
CA VAL E 218 -2.40 -5.26 -15.00
C VAL E 218 -2.90 -5.30 -13.54
N PRO E 219 -4.02 -4.62 -13.20
CA PRO E 219 -4.52 -4.60 -11.84
C PRO E 219 -5.66 -5.58 -11.54
N CYS E 220 -5.38 -6.51 -10.61
CA CYS E 220 -6.38 -7.51 -10.13
C CYS E 220 -6.51 -7.38 -8.60
N PRO E 221 -5.64 -6.62 -7.90
CA PRO E 221 -5.73 -6.43 -6.44
C PRO E 221 -7.00 -5.71 -5.98
N ALA E 222 -7.53 -6.13 -4.82
CA ALA E 222 -8.75 -5.52 -4.23
C ALA E 222 -8.37 -4.60 -3.06
N VAL E 223 -7.08 -4.32 -2.89
CA VAL E 223 -6.60 -3.42 -1.79
C VAL E 223 -7.39 -2.11 -1.85
N PRO E 224 -8.23 -1.78 -0.85
CA PRO E 224 -9.08 -0.58 -0.87
C PRO E 224 -8.97 0.36 0.33
N THR E 225 -9.31 1.64 0.10
CA THR E 225 -9.40 2.74 1.10
C THR E 225 -8.02 3.27 1.52
N PRO E 226 -7.65 4.52 1.14
CA PRO E 226 -6.39 5.13 1.57
C PRO E 226 -6.77 6.12 2.68
N PRO E 227 -6.24 5.98 3.92
CA PRO E 227 -6.61 6.88 5.01
C PRO E 227 -6.18 8.34 4.76
N THR E 228 -7.11 9.28 4.98
CA THR E 228 -6.82 10.73 4.81
C THR E 228 -7.46 11.49 5.98
N PRO E 229 -7.00 11.30 7.24
CA PRO E 229 -7.57 12.02 8.39
C PRO E 229 -7.18 13.50 8.31
N SER E 230 -8.08 14.40 8.70
CA SER E 230 -7.79 15.86 8.66
C SER E 230 -7.77 16.43 10.08
N PRO E 231 -6.68 17.12 10.48
CA PRO E 231 -6.60 17.72 11.82
C PRO E 231 -7.07 19.19 11.75
N SER E 232 -8.27 19.46 12.28
CA SER E 232 -8.82 20.81 12.25
C SER E 232 -9.12 21.28 13.67
#